data_8BET
#
_entry.id   8BET
#
_cell.length_a   80.343
_cell.length_b   112.813
_cell.length_c   139.083
_cell.angle_alpha   90.000
_cell.angle_beta   104.740
_cell.angle_gamma   90.000
#
_symmetry.space_group_name_H-M   'P 1 21 1'
#
loop_
_entity.id
_entity.type
_entity.pdbx_description
1 polymer Beta-fructofuranosidase
2 branched 2-acetamido-2-deoxy-beta-D-glucopyranose-(1-4)-2-acetamido-2-deoxy-beta-D-glucopyranose
3 branched beta-D-mannopyranose-(1-4)-2-acetamido-2-deoxy-beta-D-glucopyranose-(1-4)-2-acetamido-2-deoxy-beta-D-glucopyranose
4 branched alpha-D-mannopyranose-(1-2)-alpha-D-mannopyranose-(1-3)-[alpha-D-mannopyranose-(1-6)]beta-D-mannopyranose-(1-4)-2-acetamido-2-deoxy-beta-D-glucopyranose-(1-4)-2-acetamido-2-deoxy-beta-D-glucopyranose
5 branched beta-D-fructofuranose-(2-1)-alpha-D-glucopyranose
6 non-polymer alpha-D-mannopyranose
7 non-polymer 2-acetamido-2-deoxy-beta-D-glucopyranose
8 water water
#
_entity_poly.entity_id   1
_entity_poly.type   'polypeptide(L)'
_entity_poly.pdbx_seq_one_letter_code
;MKFTLLSVVAIAAAASDSYAAPAASSLAGPVTTGVFSAVSAIPSFATNLSGQVASATSTVLSGSTASGSSATAAPSASAS
GASSMQSMASSLSGSAFSPSSMMPIASGNMTMPNMTSSASASSAASTATGVAGGAGSNSSSSCAPTSLPASATELPTTVP
TGTVITGDYTGSYRPQVHYSPPKGFMNAPNGCHRDRNGTYHLYYQYNPLEYVAGNQHWGHATSDDLYHWTNQPIAIFPPN
STSQVFSGSAVLDPNNTSGFFPNTTDGVVAVYTLNTPTLQVQEVAYSTDGGYNFTPYENNPVLSVGSNQFRDPKVFWYED
HWVMAVAAANDFTIEIYTSPNLTSWTFASNFTHHGLLGLAYECPNLVQVPFQDDPSKSAWLMYISINPGAPLGGSVGQYF
PGDFNGTHFVAYDSAARIADFAKDNYASQWFADTENGESISIAWASNWQYTQQVPTSAQAFRSAMSLPRRNYLTNITRLG
WDLVSLPYDLSPVVGPSLLSSSEANSTADVDFTNVTSNAVWFSLNVTLPDAAIQNASLISADASINITFLPSTKCSSSSG
SGSDSPAATLTYFYAGLTNGALALTRPAASSSWGAENPFFTDKFSYTLVDPLTSLVGVFDRSMLEVFVNEGAHSATMLVF
PDSPVGSMKVATGGLPEGTQVNLQVNGLESTWQSS
;
_entity_poly.pdbx_strand_id   A,B,C,D
#
loop_
_chem_comp.id
_chem_comp.type
_chem_comp.name
_chem_comp.formula
BMA D-saccharide, beta linking beta-D-mannopyranose 'C6 H12 O6'
FRU D-saccharide, beta linking beta-D-fructofuranose 'C6 H12 O6'
GLC D-saccharide, alpha linking alpha-D-glucopyranose 'C6 H12 O6'
MAN D-saccharide, alpha linking alpha-D-mannopyranose 'C6 H12 O6'
NAG D-saccharide, beta linking 2-acetamido-2-deoxy-beta-D-glucopyranose 'C8 H15 N O6'
#
# COMPACT_ATOMS: atom_id res chain seq x y z
N SER A 142 7.84 -16.01 26.14
CA SER A 142 8.62 -15.89 27.42
C SER A 142 10.10 -15.62 27.12
N CYS A 143 10.64 -16.27 26.09
CA CYS A 143 11.96 -15.95 25.49
C CYS A 143 11.78 -15.53 24.03
N ALA A 144 12.44 -14.45 23.62
CA ALA A 144 12.38 -13.91 22.25
C ALA A 144 12.77 -14.99 21.25
N PRO A 145 12.00 -15.20 20.16
CA PRO A 145 12.33 -16.21 19.16
C PRO A 145 13.67 -15.91 18.47
N THR A 146 14.47 -16.95 18.25
CA THR A 146 15.79 -16.89 17.57
C THR A 146 15.59 -17.12 16.07
N SER A 147 14.50 -17.80 15.71
CA SER A 147 14.03 -17.98 14.31
C SER A 147 12.54 -17.66 14.26
N LEU A 148 12.08 -17.11 13.14
CA LEU A 148 10.68 -16.67 12.95
C LEU A 148 10.02 -17.58 11.91
N PRO A 149 8.66 -17.61 11.85
CA PRO A 149 7.95 -18.31 10.78
C PRO A 149 8.34 -17.79 9.38
N ALA A 150 8.21 -18.63 8.36
CA ALA A 150 8.51 -18.32 6.95
C ALA A 150 7.71 -17.11 6.47
N SER A 151 6.46 -16.97 6.94
CA SER A 151 5.56 -15.83 6.65
C SER A 151 6.28 -14.50 6.92
N ALA A 152 7.07 -14.44 8.01
CA ALA A 152 7.73 -13.22 8.50
C ALA A 152 9.05 -12.96 7.76
N THR A 153 9.75 -14.00 7.29
CA THR A 153 11.11 -13.88 6.69
C THR A 153 11.04 -13.91 5.16
N GLU A 154 10.05 -14.59 4.57
CA GLU A 154 9.95 -14.74 3.08
C GLU A 154 9.76 -13.35 2.48
N LEU A 155 10.61 -13.00 1.52
CA LEU A 155 10.56 -11.71 0.80
C LEU A 155 9.75 -11.90 -0.48
N PRO A 156 8.96 -10.90 -0.91
CA PRO A 156 8.24 -10.99 -2.19
C PRO A 156 9.22 -10.94 -3.37
N THR A 157 8.78 -11.41 -4.54
CA THR A 157 9.58 -11.44 -5.81
C THR A 157 9.41 -10.12 -6.56
N THR A 158 8.34 -9.39 -6.28
CA THR A 158 8.06 -8.03 -6.85
C THR A 158 7.94 -7.03 -5.69
N VAL A 159 8.37 -5.79 -5.92
CA VAL A 159 8.39 -4.72 -4.88
C VAL A 159 6.96 -4.28 -4.60
N PRO A 160 6.51 -4.27 -3.34
CA PRO A 160 5.18 -3.73 -3.00
C PRO A 160 5.12 -2.20 -3.12
N THR A 161 4.05 -1.69 -3.75
CA THR A 161 3.78 -0.24 -3.97
C THR A 161 2.53 0.15 -3.17
N GLY A 162 2.56 1.30 -2.50
CA GLY A 162 1.39 1.95 -1.88
C GLY A 162 0.85 1.21 -0.67
N THR A 163 1.62 0.24 -0.16
CA THR A 163 1.23 -0.65 0.97
C THR A 163 2.38 -0.69 1.98
N VAL A 164 2.07 -0.62 3.28
CA VAL A 164 3.07 -0.79 4.37
C VAL A 164 3.44 -2.26 4.45
N ILE A 165 4.73 -2.57 4.31
CA ILE A 165 5.29 -3.95 4.46
C ILE A 165 5.23 -4.30 5.95
N THR A 166 4.49 -5.35 6.30
CA THR A 166 4.30 -5.79 7.71
C THR A 166 5.61 -6.44 8.18
N GLY A 167 5.95 -6.24 9.45
CA GLY A 167 7.20 -6.72 10.04
C GLY A 167 6.96 -7.38 11.38
N ASP A 168 7.67 -8.48 11.63
CA ASP A 168 7.75 -9.14 12.95
C ASP A 168 9.01 -8.60 13.66
N TYR A 169 8.82 -7.84 14.74
CA TYR A 169 9.89 -7.13 15.49
C TYR A 169 10.22 -7.86 16.82
N THR A 170 10.02 -9.18 16.88
CA THR A 170 10.11 -9.98 18.15
C THR A 170 11.42 -10.75 18.23
N GLY A 171 12.23 -10.80 17.16
CA GLY A 171 13.54 -11.48 17.12
C GLY A 171 14.43 -11.14 18.30
N SER A 172 15.24 -12.11 18.74
CA SER A 172 16.18 -11.99 19.89
C SER A 172 17.27 -10.95 19.60
N TYR A 173 17.58 -10.69 18.32
CA TYR A 173 18.57 -9.69 17.88
C TYR A 173 17.90 -8.38 17.41
N ARG A 174 16.56 -8.34 17.33
CA ARG A 174 15.82 -7.17 16.80
C ARG A 174 15.86 -6.05 17.83
N PRO A 175 16.49 -4.90 17.54
CA PRO A 175 16.48 -3.76 18.47
C PRO A 175 15.07 -3.20 18.65
N GLN A 176 14.76 -2.71 19.85
CA GLN A 176 13.40 -2.32 20.26
C GLN A 176 13.27 -0.80 20.36
N VAL A 177 14.39 -0.07 20.37
CA VAL A 177 14.38 1.43 20.45
C VAL A 177 15.14 2.02 19.28
N HIS A 178 15.82 1.18 18.48
CA HIS A 178 16.49 1.58 17.23
C HIS A 178 15.59 1.23 16.06
N TYR A 179 15.65 2.01 14.98
CA TYR A 179 14.88 1.69 13.77
C TYR A 179 15.57 0.59 12.96
N SER A 180 14.77 -0.37 12.48
CA SER A 180 15.16 -1.42 11.50
C SER A 180 13.98 -1.65 10.57
N PRO A 181 14.22 -2.09 9.32
CA PRO A 181 13.12 -2.23 8.35
C PRO A 181 12.23 -3.41 8.70
N PRO A 182 10.93 -3.38 8.33
CA PRO A 182 10.00 -4.47 8.67
C PRO A 182 10.54 -5.82 8.18
N LYS A 183 10.99 -5.88 6.92
CA LYS A 183 11.89 -6.96 6.47
C LYS A 183 12.77 -6.48 5.32
N GLY A 184 13.82 -7.24 5.02
CA GLY A 184 14.77 -6.92 3.94
C GLY A 184 16.06 -6.30 4.49
N PHE A 185 16.85 -5.70 3.60
CA PHE A 185 18.19 -5.14 3.88
C PHE A 185 18.13 -3.62 3.81
N MET A 186 18.61 -2.96 4.85
CA MET A 186 18.68 -1.48 4.98
C MET A 186 20.15 -1.07 5.09
N ASN A 187 20.51 0.06 4.47
CA ASN A 187 21.83 0.70 4.73
C ASN A 187 21.59 2.19 5.03
N ALA A 188 22.23 3.11 4.31
CA ALA A 188 22.37 4.54 4.69
C ALA A 188 21.01 5.20 4.94
N PRO A 189 20.89 6.11 5.93
CA PRO A 189 19.71 6.95 6.08
C PRO A 189 19.68 8.02 4.96
N ASN A 190 18.48 8.39 4.51
CA ASN A 190 18.30 9.36 3.39
C ASN A 190 17.16 10.33 3.67
N GLY A 191 17.17 11.51 3.03
CA GLY A 191 16.04 12.47 3.02
C GLY A 191 15.57 12.86 4.40
N CYS A 192 16.41 12.69 5.41
CA CYS A 192 16.09 13.04 6.82
C CYS A 192 15.70 14.50 6.92
N HIS A 193 14.47 14.75 7.37
CA HIS A 193 13.92 16.11 7.59
C HIS A 193 12.75 16.06 8.57
N ARG A 194 12.45 17.19 9.18
CA ARG A 194 11.27 17.43 10.05
C ARG A 194 10.29 18.28 9.24
N ASP A 195 9.05 17.83 9.08
CA ASP A 195 7.97 18.63 8.43
C ASP A 195 7.50 19.68 9.44
N ARG A 196 6.68 20.64 9.00
CA ARG A 196 6.24 21.82 9.80
C ARG A 196 5.41 21.38 11.02
N ASN A 197 4.68 20.26 10.93
CA ASN A 197 3.81 19.72 12.01
C ASN A 197 4.63 18.91 13.02
N GLY A 198 5.95 18.83 12.83
CA GLY A 198 6.89 18.25 13.82
C GLY A 198 7.14 16.76 13.60
N THR A 199 6.68 16.21 12.49
CA THR A 199 6.92 14.79 12.13
C THR A 199 8.31 14.69 11.50
N TYR A 200 9.16 13.83 12.06
CA TYR A 200 10.49 13.55 11.51
C TYR A 200 10.34 12.46 10.46
N HIS A 201 10.85 12.70 9.27
CA HIS A 201 10.80 11.71 8.16
C HIS A 201 12.17 11.06 8.06
N LEU A 202 12.20 9.74 8.14
CA LEU A 202 13.44 8.97 7.89
C LEU A 202 13.26 8.13 6.63
N TYR A 203 14.07 8.40 5.61
CA TYR A 203 14.16 7.51 4.43
C TYR A 203 15.44 6.74 4.58
N TYR A 204 15.59 5.67 3.82
CA TYR A 204 16.76 4.79 3.96
C TYR A 204 16.96 3.95 2.70
N GLN A 205 18.21 3.63 2.41
CA GLN A 205 18.58 2.68 1.34
C GLN A 205 17.94 1.32 1.68
N TYR A 206 17.11 0.79 0.78
CA TYR A 206 16.28 -0.40 1.07
C TYR A 206 16.33 -1.37 -0.12
N ASN A 207 16.72 -2.61 0.15
CA ASN A 207 16.51 -3.77 -0.74
C ASN A 207 15.29 -4.53 -0.22
N PRO A 208 14.11 -4.40 -0.88
CA PRO A 208 12.92 -5.11 -0.44
C PRO A 208 12.91 -6.59 -0.87
N LEU A 209 13.79 -6.99 -1.79
CA LEU A 209 13.76 -8.34 -2.43
C LEU A 209 14.78 -9.30 -1.83
N GLU A 210 15.74 -8.82 -1.03
CA GLU A 210 16.87 -9.65 -0.52
C GLU A 210 17.30 -9.18 0.87
N TYR A 211 18.16 -9.97 1.51
CA TYR A 211 18.82 -9.68 2.81
C TYR A 211 20.28 -9.25 2.57
N VAL A 212 20.57 -8.78 1.35
CA VAL A 212 21.90 -8.21 0.97
C VAL A 212 21.63 -6.92 0.22
N ALA A 213 22.68 -6.16 -0.07
CA ALA A 213 22.62 -4.88 -0.81
C ALA A 213 22.16 -5.16 -2.24
N GLY A 214 21.37 -4.22 -2.81
CA GLY A 214 20.90 -4.27 -4.21
C GLY A 214 19.53 -3.64 -4.36
N ASN A 215 19.06 -3.50 -5.60
CA ASN A 215 17.69 -3.07 -5.95
C ASN A 215 17.30 -1.89 -5.05
N GLN A 216 18.18 -0.90 -4.94
CA GLN A 216 18.02 0.17 -3.93
C GLN A 216 16.77 1.00 -4.23
N HIS A 217 15.93 1.14 -3.23
CA HIS A 217 14.73 2.02 -3.24
C HIS A 217 14.86 2.92 -2.01
N TRP A 218 14.00 3.92 -1.86
CA TRP A 218 13.96 4.69 -0.61
C TRP A 218 12.82 4.15 0.26
N GLY A 219 13.16 3.37 1.29
CA GLY A 219 12.23 3.07 2.38
C GLY A 219 11.87 4.33 3.14
N HIS A 220 10.79 4.31 3.91
CA HIS A 220 10.24 5.49 4.62
C HIS A 220 9.64 5.05 5.95
N ALA A 221 10.00 5.75 7.03
CA ALA A 221 9.37 5.63 8.36
C ALA A 221 9.22 7.03 8.95
N THR A 222 8.18 7.26 9.77
CA THR A 222 7.90 8.57 10.40
C THR A 222 7.87 8.41 11.92
N SER A 223 8.07 9.53 12.62
CA SER A 223 8.16 9.60 14.08
C SER A 223 7.99 11.06 14.52
N ASP A 224 7.38 11.29 15.67
CA ASP A 224 7.30 12.62 16.33
C ASP A 224 8.49 12.79 17.30
N ASP A 225 9.12 11.69 17.74
CA ASP A 225 10.12 11.74 18.84
C ASP A 225 11.42 11.01 18.47
N LEU A 226 11.52 10.44 17.28
CA LEU A 226 12.71 9.74 16.73
C LEU A 226 12.94 8.40 17.43
N TYR A 227 11.93 7.88 18.12
CA TYR A 227 12.04 6.53 18.74
C TYR A 227 10.80 5.70 18.37
N HIS A 228 9.61 6.30 18.35
CA HIS A 228 8.34 5.59 18.02
C HIS A 228 8.10 5.70 16.51
N TRP A 229 8.56 4.71 15.75
CA TRP A 229 8.59 4.78 14.27
C TRP A 229 7.33 4.12 13.70
N THR A 230 6.75 4.75 12.68
CA THR A 230 5.66 4.14 11.90
C THR A 230 6.19 3.88 10.50
N ASN A 231 6.17 2.62 10.08
CA ASN A 231 6.62 2.22 8.73
C ASN A 231 5.65 2.78 7.69
N GLN A 232 6.18 3.25 6.57
CA GLN A 232 5.38 3.88 5.50
C GLN A 232 5.65 3.10 4.22
N PRO A 233 4.81 3.27 3.17
CA PRO A 233 5.10 2.64 1.88
C PRO A 233 6.43 3.17 1.34
N ILE A 234 7.08 2.41 0.45
CA ILE A 234 8.32 2.84 -0.24
C ILE A 234 8.06 4.20 -0.90
N ALA A 235 8.99 5.14 -0.75
CA ALA A 235 8.79 6.58 -1.10
C ALA A 235 9.32 6.90 -2.50
N ILE A 236 10.47 6.34 -2.87
CA ILE A 236 11.12 6.60 -4.18
C ILE A 236 11.50 5.25 -4.81
N PHE A 237 11.04 5.05 -6.05
CA PHE A 237 11.26 3.82 -6.85
C PHE A 237 12.24 4.14 -7.98
N PRO A 238 13.09 3.18 -8.41
CA PRO A 238 13.87 3.37 -9.63
C PRO A 238 12.93 3.37 -10.83
N PRO A 239 13.31 4.01 -11.96
CA PRO A 239 12.49 4.00 -13.18
C PRO A 239 12.25 2.59 -13.76
N ASN A 240 13.24 1.71 -13.65
CA ASN A 240 13.19 0.32 -14.19
C ASN A 240 13.97 -0.61 -13.24
N SER A 241 14.14 -1.87 -13.63
CA SER A 241 14.78 -2.92 -12.80
C SER A 241 16.31 -2.94 -12.96
N THR A 242 16.86 -2.15 -13.89
CA THR A 242 18.32 -2.06 -14.15
C THR A 242 18.88 -0.74 -13.62
N SER A 243 18.13 -0.07 -12.74
CA SER A 243 18.47 1.25 -12.13
C SER A 243 18.23 1.14 -10.62
N GLN A 244 18.95 1.94 -9.82
CA GLN A 244 18.81 1.95 -8.33
C GLN A 244 18.75 3.40 -7.82
N VAL A 245 17.92 3.64 -6.81
CA VAL A 245 17.84 4.94 -6.11
C VAL A 245 18.89 4.92 -4.98
N PHE A 246 20.05 5.52 -5.21
CA PHE A 246 21.16 5.64 -4.24
C PHE A 246 20.85 6.80 -3.30
N SER A 247 21.79 7.14 -2.43
CA SER A 247 21.55 8.08 -1.30
C SER A 247 21.24 9.49 -1.82
N GLY A 248 20.61 10.26 -0.95
CA GLY A 248 20.28 11.66 -1.20
C GLY A 248 19.65 12.30 0.01
N SER A 249 19.20 13.53 -0.14
CA SER A 249 18.66 14.40 0.93
C SER A 249 17.30 14.89 0.49
N ALA A 250 16.57 15.51 1.41
CA ALA A 250 15.25 16.11 1.19
C ALA A 250 15.23 17.47 1.90
N VAL A 251 14.55 18.45 1.30
CA VAL A 251 14.40 19.80 1.90
C VAL A 251 12.93 20.20 1.76
N LEU A 252 12.42 20.94 2.75
CA LEU A 252 11.18 21.74 2.61
C LEU A 252 11.47 22.90 1.64
N ASP A 253 10.54 23.18 0.74
CA ASP A 253 10.61 24.35 -0.18
C ASP A 253 9.37 25.19 0.05
N PRO A 254 9.19 25.81 1.24
CA PRO A 254 7.97 26.54 1.57
C PRO A 254 7.73 27.81 0.74
N ASN A 255 8.80 28.40 0.18
CA ASN A 255 8.74 29.66 -0.62
C ASN A 255 8.71 29.30 -2.12
N ASN A 256 8.64 28.02 -2.44
CA ASN A 256 8.39 27.52 -3.83
C ASN A 256 9.48 28.08 -4.77
N THR A 257 10.75 27.95 -4.39
CA THR A 257 11.91 28.32 -5.25
C THR A 257 11.99 27.38 -6.45
N SER A 258 11.51 26.14 -6.28
CA SER A 258 11.59 25.05 -7.29
C SER A 258 10.55 25.26 -8.39
N GLY A 259 9.42 25.90 -8.05
CA GLY A 259 8.27 26.07 -8.95
C GLY A 259 7.37 24.85 -8.99
N PHE A 260 7.59 23.85 -8.12
CA PHE A 260 6.81 22.58 -8.07
C PHE A 260 5.56 22.77 -7.20
N PHE A 261 5.52 23.82 -6.40
CA PHE A 261 4.55 23.98 -5.28
C PHE A 261 3.81 25.32 -5.39
N PRO A 262 3.06 25.56 -6.49
CA PRO A 262 2.27 26.80 -6.62
C PRO A 262 1.17 26.98 -5.57
N ASN A 263 0.64 25.89 -4.99
CA ASN A 263 -0.57 25.93 -4.12
C ASN A 263 -0.29 25.28 -2.75
N THR A 264 0.96 25.05 -2.36
CA THR A 264 1.32 24.52 -1.00
C THR A 264 2.61 25.18 -0.48
N THR A 265 2.70 25.30 0.84
CA THR A 265 3.91 25.75 1.56
C THR A 265 4.57 24.56 2.28
N ASP A 266 4.09 23.35 2.04
CA ASP A 266 4.58 22.10 2.69
C ASP A 266 5.28 21.20 1.66
N GLY A 267 5.68 21.76 0.51
CA GLY A 267 6.40 21.02 -0.53
C GLY A 267 7.70 20.41 -0.02
N VAL A 268 7.97 19.17 -0.39
CA VAL A 268 9.25 18.45 -0.10
C VAL A 268 9.94 18.18 -1.43
N VAL A 269 11.24 18.49 -1.54
CA VAL A 269 12.08 18.13 -2.71
C VAL A 269 13.14 17.14 -2.25
N ALA A 270 13.21 15.99 -2.91
CA ALA A 270 14.26 14.97 -2.74
C ALA A 270 15.29 15.16 -3.86
N VAL A 271 16.56 15.17 -3.50
CA VAL A 271 17.70 15.17 -4.45
C VAL A 271 18.54 13.94 -4.13
N TYR A 272 18.72 13.05 -5.12
CA TYR A 272 19.28 11.70 -4.91
C TYR A 272 20.09 11.29 -6.13
N THR A 273 20.96 10.30 -5.95
CA THR A 273 21.74 9.67 -7.04
C THR A 273 20.90 8.55 -7.65
N LEU A 274 20.75 8.57 -8.96
CA LEU A 274 20.23 7.39 -9.69
C LEU A 274 21.44 6.63 -10.20
N ASN A 275 21.56 5.37 -9.85
CA ASN A 275 22.67 4.52 -10.32
C ASN A 275 22.17 3.75 -11.55
N THR A 276 22.98 3.77 -12.61
CA THR A 276 22.74 3.02 -13.87
C THR A 276 23.99 2.17 -14.06
N PRO A 277 24.01 1.17 -14.96
CA PRO A 277 25.21 0.34 -15.10
C PRO A 277 26.47 1.18 -15.38
N THR A 278 26.32 2.30 -16.11
CA THR A 278 27.44 3.11 -16.66
C THR A 278 27.56 4.48 -15.96
N LEU A 279 26.54 4.97 -15.25
CA LEU A 279 26.51 6.38 -14.76
C LEU A 279 25.91 6.49 -13.35
N GLN A 280 26.39 7.46 -12.58
CA GLN A 280 25.74 7.98 -11.36
C GLN A 280 25.42 9.45 -11.63
N VAL A 281 24.14 9.79 -11.60
CA VAL A 281 23.63 11.15 -11.93
C VAL A 281 22.75 11.62 -10.77
N GLN A 282 22.61 12.93 -10.59
CA GLN A 282 21.76 13.51 -9.53
C GLN A 282 20.39 13.82 -10.14
N GLU A 283 19.32 13.37 -9.47
CA GLU A 283 17.93 13.52 -9.90
C GLU A 283 17.13 14.24 -8.82
N VAL A 284 16.03 14.86 -9.22
CA VAL A 284 15.08 15.59 -8.33
C VAL A 284 13.72 14.90 -8.41
N ALA A 285 13.03 14.81 -7.29
CA ALA A 285 11.63 14.38 -7.18
C ALA A 285 10.99 15.26 -6.10
N TYR A 286 9.67 15.47 -6.19
CA TYR A 286 8.93 16.38 -5.30
C TYR A 286 7.67 15.69 -4.80
N SER A 287 7.23 16.11 -3.62
CA SER A 287 6.04 15.58 -2.90
C SER A 287 5.18 16.76 -2.47
N THR A 288 3.90 16.74 -2.84
CA THR A 288 2.87 17.71 -2.39
C THR A 288 2.11 17.15 -1.18
N ASP A 289 2.31 15.88 -0.83
CA ASP A 289 1.49 15.16 0.19
C ASP A 289 2.26 14.95 1.50
N GLY A 290 3.36 15.68 1.72
CA GLY A 290 4.13 15.64 2.97
C GLY A 290 5.31 14.65 2.94
N GLY A 291 5.67 14.13 1.77
CA GLY A 291 6.88 13.29 1.57
C GLY A 291 6.59 11.80 1.63
N TYR A 292 5.37 11.39 1.28
CA TYR A 292 4.95 9.97 1.23
C TYR A 292 5.08 9.46 -0.21
N ASN A 293 4.64 10.28 -1.17
CA ASN A 293 4.68 9.95 -2.63
C ASN A 293 5.45 11.05 -3.36
N PHE A 294 6.34 10.64 -4.26
CA PHE A 294 7.25 11.54 -4.99
C PHE A 294 7.01 11.41 -6.50
N THR A 295 6.95 12.56 -7.17
CA THR A 295 6.90 12.68 -8.65
C THR A 295 8.28 13.07 -9.15
N PRO A 296 8.89 12.31 -10.09
CA PRO A 296 10.18 12.70 -10.65
C PRO A 296 10.03 14.03 -11.42
N TYR A 297 11.04 14.89 -11.30
CA TYR A 297 11.21 16.10 -12.13
C TYR A 297 11.25 15.68 -13.60
N GLU A 298 10.52 16.42 -14.45
CA GLU A 298 10.32 16.09 -15.89
C GLU A 298 11.67 16.07 -16.64
N ASN A 299 12.62 16.92 -16.27
CA ASN A 299 13.90 17.12 -17.02
C ASN A 299 15.10 16.55 -16.23
N ASN A 300 14.89 15.48 -15.46
CA ASN A 300 15.97 14.68 -14.84
C ASN A 300 16.84 14.08 -15.94
N PRO A 301 18.15 13.85 -15.71
CA PRO A 301 18.84 14.27 -14.49
C PRO A 301 19.22 15.75 -14.48
N VAL A 302 19.40 16.33 -13.29
CA VAL A 302 19.71 17.78 -13.09
C VAL A 302 21.23 17.98 -13.04
N LEU A 303 22.01 16.94 -12.76
CA LEU A 303 23.47 17.07 -12.62
C LEU A 303 24.17 15.75 -12.97
N SER A 304 25.16 15.79 -13.84
CA SER A 304 26.02 14.66 -14.22
C SER A 304 27.42 15.18 -14.49
N VAL A 305 28.45 14.36 -14.27
CA VAL A 305 29.85 14.71 -14.61
C VAL A 305 30.39 13.63 -15.55
N GLY A 306 29.52 12.79 -16.09
CA GLY A 306 29.92 11.66 -16.97
C GLY A 306 30.64 10.58 -16.20
N SER A 307 30.34 10.39 -14.91
CA SER A 307 31.06 9.43 -14.04
C SER A 307 30.06 8.43 -13.44
N ASN A 308 30.55 7.25 -13.08
CA ASN A 308 29.78 6.28 -12.26
C ASN A 308 30.34 6.22 -10.84
N GLN A 309 31.01 7.29 -10.40
CA GLN A 309 31.50 7.48 -9.01
C GLN A 309 31.23 8.94 -8.62
N PHE A 310 29.94 9.29 -8.50
CA PHE A 310 29.44 10.67 -8.31
C PHE A 310 28.09 10.60 -7.61
N ARG A 311 28.04 10.72 -6.29
CA ARG A 311 26.80 10.36 -5.54
C ARG A 311 26.69 11.02 -4.16
N ASP A 312 25.52 10.85 -3.53
CA ASP A 312 25.22 11.22 -2.12
C ASP A 312 25.07 12.73 -1.98
N PRO A 313 24.15 13.35 -2.76
CA PRO A 313 23.88 14.78 -2.69
C PRO A 313 23.23 15.20 -1.37
N LYS A 314 23.88 16.09 -0.62
CA LYS A 314 23.28 16.72 0.56
C LYS A 314 22.99 18.18 0.23
N VAL A 315 21.71 18.57 0.19
CA VAL A 315 21.32 19.95 -0.21
C VAL A 315 20.76 20.68 1.02
N PHE A 316 21.03 21.97 1.10
CA PHE A 316 20.53 22.84 2.19
C PHE A 316 20.48 24.27 1.66
N TRP A 317 19.69 25.09 2.33
CA TRP A 317 19.55 26.55 2.05
C TRP A 317 20.67 27.30 2.75
N TYR A 318 21.35 28.18 2.04
CA TYR A 318 22.35 29.11 2.64
C TYR A 318 22.00 30.54 2.22
N GLU A 319 21.26 31.24 3.07
CA GLU A 319 20.93 32.69 2.96
C GLU A 319 20.02 32.95 1.75
N ASP A 320 20.52 32.81 0.53
CA ASP A 320 19.78 33.21 -0.68
C ASP A 320 19.91 32.15 -1.78
N HIS A 321 20.45 30.98 -1.48
CA HIS A 321 20.66 29.96 -2.54
C HIS A 321 20.70 28.56 -1.93
N TRP A 322 20.50 27.57 -2.79
CA TRP A 322 20.64 26.14 -2.42
C TRP A 322 22.09 25.74 -2.63
N VAL A 323 22.64 24.98 -1.68
CA VAL A 323 23.99 24.36 -1.79
C VAL A 323 23.81 22.86 -1.91
N MET A 324 24.58 22.22 -2.80
CA MET A 324 24.69 20.75 -2.87
C MET A 324 26.14 20.34 -2.58
N ALA A 325 26.34 19.53 -1.56
CA ALA A 325 27.60 18.77 -1.33
C ALA A 325 27.38 17.37 -1.92
N VAL A 326 28.27 16.96 -2.83
CA VAL A 326 28.17 15.65 -3.50
C VAL A 326 29.58 15.06 -3.62
N ALA A 327 29.70 13.73 -3.56
CA ALA A 327 30.97 12.99 -3.52
C ALA A 327 31.37 12.55 -4.94
N ALA A 328 32.48 13.08 -5.45
CA ALA A 328 33.28 12.43 -6.52
C ALA A 328 34.11 11.34 -5.82
N ALA A 329 33.47 10.20 -5.59
CA ALA A 329 33.79 9.23 -4.52
C ALA A 329 35.24 8.76 -4.63
N ASN A 330 35.66 8.33 -5.83
CA ASN A 330 36.97 7.64 -6.03
C ASN A 330 38.08 8.67 -6.30
N ASP A 331 37.74 9.95 -6.38
CA ASP A 331 38.72 11.07 -6.53
C ASP A 331 38.95 11.73 -5.17
N PHE A 332 38.31 11.25 -4.10
CA PHE A 332 38.42 11.77 -2.71
C PHE A 332 38.15 13.28 -2.75
N THR A 333 37.05 13.65 -3.41
CA THR A 333 36.64 15.06 -3.62
C THR A 333 35.17 15.20 -3.30
N ILE A 334 34.83 16.16 -2.44
CA ILE A 334 33.44 16.66 -2.24
C ILE A 334 33.31 17.90 -3.14
N GLU A 335 32.43 17.82 -4.13
CA GLU A 335 32.09 18.95 -5.03
C GLU A 335 30.93 19.70 -4.39
N ILE A 336 31.02 21.02 -4.37
CA ILE A 336 29.95 21.93 -3.89
C ILE A 336 29.37 22.64 -5.11
N TYR A 337 28.05 22.54 -5.29
CA TYR A 337 27.26 23.21 -6.35
C TYR A 337 26.27 24.16 -5.68
N THR A 338 25.83 25.19 -6.41
CA THR A 338 24.79 26.15 -5.98
C THR A 338 23.65 26.17 -7.02
N SER A 339 22.46 26.57 -6.57
CA SER A 339 21.21 26.58 -7.36
C SER A 339 20.25 27.59 -6.73
N PRO A 340 19.53 28.38 -7.56
CA PRO A 340 18.38 29.15 -7.09
C PRO A 340 17.09 28.33 -6.93
N ASN A 341 16.96 27.19 -7.63
CA ASN A 341 15.65 26.50 -7.81
C ASN A 341 15.74 24.96 -7.65
N LEU A 342 16.90 24.42 -7.26
CA LEU A 342 17.15 22.98 -7.01
C LEU A 342 17.20 22.16 -8.30
N THR A 343 17.03 22.76 -9.48
CA THR A 343 17.06 22.06 -10.79
C THR A 343 18.24 22.54 -11.66
N SER A 344 18.69 23.78 -11.49
CA SER A 344 19.85 24.36 -12.22
C SER A 344 21.05 24.47 -11.27
N TRP A 345 22.09 23.68 -11.52
CA TRP A 345 23.25 23.57 -10.60
C TRP A 345 24.50 24.12 -11.28
N THR A 346 25.21 25.00 -10.56
CA THR A 346 26.47 25.65 -10.99
C THR A 346 27.60 25.20 -10.05
N PHE A 347 28.70 24.71 -10.60
CA PHE A 347 29.91 24.35 -9.82
C PHE A 347 30.36 25.57 -9.03
N ALA A 348 30.69 25.38 -7.76
CA ALA A 348 31.22 26.42 -6.84
C ALA A 348 32.66 26.09 -6.45
N SER A 349 32.92 24.92 -5.87
CA SER A 349 34.25 24.60 -5.27
C SER A 349 34.43 23.10 -5.08
N ASN A 350 35.69 22.71 -4.91
CA ASN A 350 36.14 21.34 -4.58
C ASN A 350 36.77 21.32 -3.19
N PHE A 351 36.49 20.26 -2.42
CA PHE A 351 37.18 19.90 -1.16
C PHE A 351 37.84 18.54 -1.36
N THR A 352 39.14 18.49 -1.60
CA THR A 352 39.81 17.23 -2.04
C THR A 352 40.99 16.80 -1.17
N HIS A 353 41.20 15.49 -1.06
CA HIS A 353 42.36 14.84 -0.38
C HIS A 353 42.53 15.40 1.03
N HIS A 354 41.48 15.30 1.84
CA HIS A 354 41.49 15.71 3.25
C HIS A 354 41.29 14.48 4.14
N GLY A 355 42.00 14.43 5.27
CA GLY A 355 41.82 13.39 6.30
C GLY A 355 42.15 12.03 5.75
N LEU A 356 41.49 11.00 6.24
CA LEU A 356 41.69 9.63 5.73
C LEU A 356 40.99 9.52 4.38
N LEU A 357 41.67 8.91 3.40
CA LEU A 357 41.10 8.73 2.04
C LEU A 357 40.19 7.49 2.06
N GLY A 358 40.58 6.44 2.78
CA GLY A 358 40.04 5.10 2.54
C GLY A 358 40.08 4.75 1.05
N LEU A 359 39.02 4.13 0.53
CA LEU A 359 38.91 3.78 -0.90
C LEU A 359 37.92 4.71 -1.59
N ALA A 360 37.17 5.52 -0.86
CA ALA A 360 36.11 6.40 -1.42
C ALA A 360 35.54 7.36 -0.37
N TYR A 361 35.27 8.59 -0.78
CA TYR A 361 34.43 9.59 -0.07
C TYR A 361 32.96 9.25 -0.39
N GLU A 362 32.11 9.27 0.64
CA GLU A 362 30.65 9.01 0.51
C GLU A 362 29.89 9.89 1.49
N CYS A 363 28.60 10.07 1.21
CA CYS A 363 27.59 10.64 2.14
C CYS A 363 28.14 11.90 2.81
N PRO A 364 28.58 12.91 2.03
CA PRO A 364 29.05 14.15 2.64
C PRO A 364 27.89 14.89 3.32
N ASN A 365 28.19 15.53 4.45
CA ASN A 365 27.22 16.39 5.16
C ASN A 365 27.96 17.67 5.52
N LEU A 366 27.52 18.82 5.00
CA LEU A 366 28.05 20.15 5.40
C LEU A 366 26.98 20.79 6.28
N VAL A 367 27.26 20.92 7.56
CA VAL A 367 26.24 21.32 8.58
C VAL A 367 26.88 22.29 9.58
N GLN A 368 26.04 23.14 10.13
CA GLN A 368 26.33 24.14 11.16
C GLN A 368 26.00 23.47 12.50
N VAL A 369 26.99 23.33 13.38
CA VAL A 369 26.84 22.58 14.65
C VAL A 369 27.11 23.55 15.79
N PRO A 370 26.15 23.76 16.71
CA PRO A 370 26.36 24.66 17.82
C PRO A 370 27.39 24.14 18.84
N PHE A 371 28.00 25.06 19.60
CA PHE A 371 28.96 24.76 20.68
C PHE A 371 28.18 24.19 21.86
N GLN A 372 28.71 23.14 22.50
CA GLN A 372 28.03 22.44 23.62
C GLN A 372 27.79 23.41 24.79
N ASP A 373 28.77 24.26 25.10
CA ASP A 373 28.78 25.12 26.32
C ASP A 373 28.20 26.51 26.02
N ASP A 374 27.80 26.78 24.78
CA ASP A 374 27.31 28.13 24.34
C ASP A 374 26.48 27.97 23.07
N PRO A 375 25.14 27.79 23.19
CA PRO A 375 24.27 27.57 22.03
C PRO A 375 24.26 28.68 20.96
N SER A 376 24.64 29.90 21.33
CA SER A 376 24.66 31.10 20.45
C SER A 376 25.85 31.05 19.48
N LYS A 377 26.88 30.26 19.80
CA LYS A 377 28.07 30.07 18.94
C LYS A 377 27.95 28.75 18.15
N SER A 378 28.50 28.70 16.94
CA SER A 378 28.47 27.54 16.04
C SER A 378 29.68 27.55 15.12
N ALA A 379 29.99 26.41 14.51
CA ALA A 379 30.97 26.28 13.41
C ALA A 379 30.41 25.33 12.36
N TRP A 380 30.82 25.51 11.12
CA TRP A 380 30.52 24.58 10.01
C TRP A 380 31.37 23.32 10.20
N LEU A 381 30.81 22.19 9.80
CA LEU A 381 31.46 20.88 9.85
C LEU A 381 31.20 20.15 8.52
N MET A 382 32.26 19.70 7.87
CA MET A 382 32.20 18.74 6.75
C MET A 382 32.34 17.34 7.35
N TYR A 383 31.27 16.54 7.28
CA TYR A 383 31.28 15.11 7.68
C TYR A 383 31.37 14.28 6.42
N ILE A 384 32.35 13.40 6.36
CA ILE A 384 32.58 12.50 5.21
C ILE A 384 32.67 11.05 5.74
N SER A 385 31.90 10.17 5.13
CA SER A 385 31.95 8.71 5.32
C SER A 385 32.94 8.14 4.30
N ILE A 386 33.79 7.20 4.74
CA ILE A 386 34.77 6.54 3.84
C ILE A 386 34.55 5.04 3.90
N ASN A 387 34.51 4.39 2.74
CA ASN A 387 34.32 2.94 2.61
C ASN A 387 34.76 2.48 1.23
N PRO A 388 35.49 1.37 1.12
CA PRO A 388 36.21 0.78 2.27
C PRO A 388 37.46 1.54 2.69
N GLY A 389 38.33 0.90 3.50
CA GLY A 389 39.69 1.39 3.80
C GLY A 389 39.79 2.15 5.09
N ALA A 390 38.77 2.10 5.95
CA ALA A 390 38.81 2.68 7.32
C ALA A 390 39.92 1.99 8.12
N PRO A 391 40.57 2.68 9.09
CA PRO A 391 41.61 2.06 9.91
C PRO A 391 41.19 0.73 10.56
N LEU A 392 40.03 0.68 11.22
CA LEU A 392 39.48 -0.55 11.86
C LEU A 392 39.00 -1.55 10.79
N GLY A 393 39.06 -1.15 9.52
CA GLY A 393 38.59 -1.98 8.39
C GLY A 393 37.20 -1.59 7.99
N GLY A 394 36.95 -1.62 6.69
CA GLY A 394 35.63 -1.26 6.10
C GLY A 394 35.35 0.23 6.22
N SER A 395 34.27 0.55 6.92
CA SER A 395 33.55 1.84 6.82
C SER A 395 33.73 2.63 8.11
N VAL A 396 33.87 3.95 8.00
CA VAL A 396 33.96 4.87 9.17
C VAL A 396 33.61 6.28 8.72
N GLY A 397 33.15 7.10 9.65
CA GLY A 397 32.91 8.53 9.48
C GLY A 397 34.08 9.36 10.00
N GLN A 398 34.32 10.51 9.35
CA GLN A 398 35.30 11.52 9.80
C GLN A 398 34.71 12.89 9.55
N TYR A 399 35.27 13.90 10.20
CA TYR A 399 34.73 15.29 10.15
C TYR A 399 35.88 16.28 10.18
N PHE A 400 35.57 17.48 9.70
CA PHE A 400 36.49 18.63 9.55
C PHE A 400 35.73 19.87 9.99
N PRO A 401 36.08 20.47 11.14
CA PRO A 401 35.51 21.75 11.52
C PRO A 401 36.11 22.84 10.62
N GLY A 402 35.34 23.86 10.27
CA GLY A 402 35.85 24.94 9.41
C GLY A 402 34.83 26.01 9.14
N ASP A 403 35.07 26.75 8.07
CA ASP A 403 34.26 27.90 7.63
C ASP A 403 33.61 27.56 6.29
N PHE A 404 32.35 27.91 6.13
CA PHE A 404 31.60 27.86 4.85
C PHE A 404 31.01 29.26 4.60
N ASN A 405 31.18 29.77 3.38
CA ASN A 405 30.78 31.16 3.02
C ASN A 405 29.74 31.13 1.90
N GLY A 406 29.11 29.98 1.65
CA GLY A 406 28.09 29.77 0.61
C GLY A 406 28.63 29.09 -0.63
N THR A 407 29.93 29.15 -0.87
CA THR A 407 30.54 28.56 -2.09
C THR A 407 31.70 27.63 -1.72
N HIS A 408 32.46 27.96 -0.67
CA HIS A 408 33.70 27.23 -0.34
C HIS A 408 33.72 26.82 1.12
N PHE A 409 34.18 25.60 1.38
CA PHE A 409 34.46 25.13 2.76
C PHE A 409 35.98 25.09 2.94
N VAL A 410 36.47 25.74 3.99
CA VAL A 410 37.91 25.77 4.37
C VAL A 410 38.02 25.20 5.78
N ALA A 411 38.67 24.04 5.92
CA ALA A 411 38.97 23.40 7.22
C ALA A 411 39.89 24.35 8.02
N TYR A 412 39.69 24.41 9.33
CA TYR A 412 40.51 25.24 10.25
C TYR A 412 41.96 24.75 10.26
N ASP A 413 42.20 23.45 10.12
CA ASP A 413 43.57 22.85 10.12
C ASP A 413 43.57 21.67 9.16
N SER A 414 44.70 20.96 9.06
CA SER A 414 44.90 19.78 8.17
C SER A 414 44.73 18.45 8.93
N ALA A 415 44.06 18.45 10.08
CA ALA A 415 43.94 17.25 10.95
C ALA A 415 42.80 16.34 10.47
N ALA A 416 42.95 15.04 10.69
CA ALA A 416 41.91 14.02 10.49
C ALA A 416 41.31 13.68 11.86
N ARG A 417 39.98 13.64 11.94
CA ARG A 417 39.22 13.39 13.19
C ARG A 417 38.13 12.34 12.91
N ILE A 418 38.23 11.21 13.59
CA ILE A 418 37.29 10.05 13.48
C ILE A 418 36.15 10.25 14.49
N ALA A 419 34.92 10.03 14.06
CA ALA A 419 33.67 10.34 14.83
C ALA A 419 33.44 9.33 15.97
N ASP A 420 33.64 8.04 15.69
CA ASP A 420 33.23 6.88 16.55
C ASP A 420 34.48 6.00 16.70
N PHE A 421 34.81 5.54 17.92
CA PHE A 421 36.06 4.76 18.19
C PHE A 421 35.80 3.24 18.05
N ALA A 422 34.61 2.85 17.63
CA ALA A 422 34.29 1.44 17.27
C ALA A 422 34.08 1.36 15.75
N LYS A 423 33.38 0.34 15.27
CA LYS A 423 33.41 -0.09 13.86
C LYS A 423 32.04 0.08 13.18
N ASP A 424 30.97 0.27 13.97
CA ASP A 424 29.57 0.08 13.50
C ASP A 424 28.80 1.40 13.55
N ASN A 425 29.37 2.45 12.95
CA ASN A 425 28.70 3.75 12.77
C ASN A 425 29.14 4.31 11.41
N TYR A 426 28.20 4.42 10.47
CA TYR A 426 28.51 4.86 9.10
C TYR A 426 27.36 5.65 8.50
N ALA A 427 27.68 6.52 7.53
CA ALA A 427 26.71 7.24 6.68
C ALA A 427 25.76 8.07 7.55
N SER A 428 26.30 8.72 8.56
CA SER A 428 25.53 9.73 9.35
C SER A 428 24.90 10.74 8.38
N GLN A 429 23.62 11.03 8.55
CA GLN A 429 22.97 12.14 7.84
C GLN A 429 22.30 13.00 8.89
N TRP A 430 22.34 14.32 8.70
CA TRP A 430 21.69 15.30 9.60
C TRP A 430 20.27 15.60 9.11
N PHE A 431 19.34 15.80 10.02
CA PHE A 431 17.93 16.16 9.69
C PHE A 431 17.91 17.62 9.21
N ALA A 432 17.30 17.86 8.05
CA ALA A 432 17.00 19.21 7.53
C ALA A 432 15.81 19.79 8.32
N ASP A 433 15.73 21.11 8.42
CA ASP A 433 14.51 21.86 8.81
C ASP A 433 14.14 21.53 10.27
N THR A 434 15.13 21.37 11.13
CA THR A 434 14.94 21.15 12.59
C THR A 434 14.61 22.48 13.27
N GLU A 435 14.07 22.41 14.49
CA GLU A 435 13.75 23.60 15.32
C GLU A 435 14.93 23.93 16.23
N ASN A 436 15.05 25.19 16.66
CA ASN A 436 15.80 25.62 17.87
C ASN A 436 17.32 25.50 17.71
N GLY A 437 17.86 25.54 16.48
CA GLY A 437 19.30 25.33 16.21
C GLY A 437 19.82 23.97 16.69
N GLU A 438 18.94 22.96 16.70
CA GLU A 438 19.26 21.57 17.11
C GLU A 438 19.95 20.86 15.94
N SER A 439 21.16 20.33 16.17
CA SER A 439 21.88 19.45 15.24
C SER A 439 21.46 18.01 15.56
N ILE A 440 20.62 17.42 14.72
CA ILE A 440 20.07 16.05 14.92
C ILE A 440 20.57 15.17 13.78
N SER A 441 21.27 14.08 14.13
CA SER A 441 21.86 13.14 13.15
C SER A 441 21.35 11.73 13.45
N ILE A 442 21.45 10.86 12.45
CA ILE A 442 21.24 9.39 12.61
C ILE A 442 22.20 8.71 11.64
N ALA A 443 22.73 7.57 12.05
CA ALA A 443 23.73 6.81 11.29
C ALA A 443 23.21 5.40 11.07
N TRP A 444 23.83 4.69 10.14
CA TRP A 444 23.66 3.23 9.94
C TRP A 444 24.58 2.51 10.92
N ALA A 445 24.02 1.68 11.79
CA ALA A 445 24.74 0.98 12.87
C ALA A 445 25.26 -0.36 12.35
N SER A 446 26.15 -0.33 11.36
CA SER A 446 26.82 -1.54 10.84
C SER A 446 28.15 -1.18 10.19
N ASN A 447 28.81 -2.18 9.61
CA ASN A 447 30.09 -2.06 8.89
C ASN A 447 29.97 -2.87 7.61
N TRP A 448 30.43 -2.31 6.48
CA TRP A 448 30.29 -2.95 5.15
C TRP A 448 31.06 -4.29 5.05
N GLN A 449 32.02 -4.53 5.94
CA GLN A 449 32.84 -5.78 5.89
C GLN A 449 32.01 -7.00 6.32
N TYR A 450 30.97 -6.85 7.14
CA TYR A 450 30.17 -8.00 7.62
C TYR A 450 28.66 -7.72 7.69
N THR A 451 28.18 -6.58 7.23
CA THR A 451 26.73 -6.23 7.32
C THR A 451 25.86 -7.24 6.56
N GLN A 452 26.33 -7.80 5.47
CA GLN A 452 25.51 -8.74 4.65
C GLN A 452 25.67 -10.18 5.15
N GLN A 453 26.41 -10.39 6.23
CA GLN A 453 26.68 -11.76 6.78
C GLN A 453 26.16 -11.86 8.22
N VAL A 454 25.68 -10.76 8.80
CA VAL A 454 25.26 -10.76 10.23
C VAL A 454 24.08 -11.72 10.37
N PRO A 455 23.98 -12.45 11.51
CA PRO A 455 23.01 -13.53 11.65
C PRO A 455 21.63 -13.07 12.14
N THR A 456 21.00 -12.16 11.39
CA THR A 456 19.69 -11.57 11.73
C THR A 456 18.65 -11.82 10.63
N SER A 457 19.04 -12.42 9.49
CA SER A 457 18.13 -12.64 8.34
C SER A 457 17.04 -13.66 8.73
N ALA A 458 17.34 -14.63 9.59
CA ALA A 458 16.35 -15.57 10.18
C ALA A 458 15.36 -14.82 11.09
N GLN A 459 15.65 -13.58 11.44
CA GLN A 459 14.74 -12.72 12.25
C GLN A 459 14.16 -11.60 11.38
N ALA A 460 14.23 -11.77 10.05
CA ALA A 460 13.46 -11.00 9.03
C ALA A 460 14.02 -9.58 8.83
N PHE A 461 15.31 -9.33 9.09
CA PHE A 461 15.94 -8.00 8.86
C PHE A 461 17.46 -8.13 8.84
N ARG A 462 18.10 -7.26 8.08
CA ARG A 462 19.54 -6.95 8.24
C ARG A 462 19.68 -5.43 8.35
N SER A 463 20.27 -4.99 9.48
CA SER A 463 20.77 -3.61 9.73
C SER A 463 19.74 -2.81 10.51
N ALA A 464 20.23 -2.04 11.48
CA ALA A 464 19.47 -1.03 12.24
C ALA A 464 20.18 0.32 12.11
N MET A 465 19.44 1.40 12.34
CA MET A 465 20.00 2.76 12.50
C MET A 465 20.58 2.85 13.92
N SER A 466 21.56 3.74 14.11
CA SER A 466 22.06 4.18 15.43
C SER A 466 20.90 4.81 16.21
N LEU A 467 21.06 5.05 17.49
CA LEU A 467 20.20 6.00 18.22
C LEU A 467 20.23 7.33 17.47
N PRO A 468 19.12 8.09 17.42
CA PRO A 468 19.18 9.47 16.95
C PRO A 468 20.13 10.20 17.90
N ARG A 469 20.84 11.22 17.40
CA ARG A 469 21.90 11.93 18.14
C ARG A 469 21.64 13.43 18.13
N ARG A 470 21.86 14.09 19.25
CA ARG A 470 22.11 15.55 19.34
C ARG A 470 23.61 15.77 19.16
N ASN A 471 23.97 16.67 18.25
CA ASN A 471 25.39 16.99 17.94
C ASN A 471 25.71 18.38 18.49
N TYR A 472 26.90 18.53 19.04
CA TYR A 472 27.53 19.80 19.43
C TYR A 472 29.00 19.74 19.03
N LEU A 473 29.67 20.90 19.02
CA LEU A 473 31.13 21.01 18.95
C LEU A 473 31.64 21.46 20.31
N THR A 474 32.77 20.92 20.77
CA THR A 474 33.45 21.34 22.00
C THR A 474 34.96 21.27 21.76
N ASN A 475 35.72 21.95 22.61
CA ASN A 475 37.19 21.79 22.77
C ASN A 475 37.41 20.85 23.95
N ILE A 476 38.10 19.74 23.72
CA ILE A 476 38.55 18.79 24.78
C ILE A 476 40.02 19.09 25.05
N THR A 477 40.51 18.75 26.24
CA THR A 477 41.89 19.09 26.68
C THR A 477 42.88 18.51 25.67
N ARG A 478 43.83 19.34 25.22
CA ARG A 478 44.98 19.01 24.33
C ARG A 478 44.51 18.83 22.88
N LEU A 479 43.60 17.87 22.64
CA LEU A 479 43.14 17.46 21.29
C LEU A 479 42.41 18.60 20.58
N GLY A 480 41.72 19.47 21.31
CA GLY A 480 40.94 20.57 20.74
C GLY A 480 39.62 20.12 20.15
N TRP A 481 39.37 20.46 18.89
CA TRP A 481 38.05 20.30 18.21
C TRP A 481 37.54 18.87 18.41
N ASP A 482 36.26 18.74 18.77
CA ASP A 482 35.63 17.43 19.01
C ASP A 482 34.15 17.51 18.65
N LEU A 483 33.69 16.53 17.84
CA LEU A 483 32.24 16.41 17.52
C LEU A 483 31.57 15.66 18.67
N VAL A 484 30.70 16.33 19.41
CA VAL A 484 29.95 15.71 20.54
C VAL A 484 28.73 15.00 19.95
N SER A 485 28.45 13.80 20.43
CA SER A 485 27.28 12.97 20.05
C SER A 485 26.62 12.48 21.34
N LEU A 486 25.37 12.87 21.60
CA LEU A 486 24.54 12.30 22.70
C LEU A 486 23.27 11.71 22.13
N PRO A 487 22.64 10.72 22.79
CA PRO A 487 21.34 10.22 22.34
C PRO A 487 20.32 11.38 22.40
N TYR A 488 19.54 11.55 21.35
CA TYR A 488 18.38 12.48 21.36
C TYR A 488 17.43 12.07 22.46
N ASP A 489 16.84 13.05 23.16
CA ASP A 489 15.88 12.83 24.30
C ASP A 489 15.31 11.41 24.31
N LEU A 490 15.81 10.56 25.22
CA LEU A 490 15.41 9.14 25.38
C LEU A 490 14.18 9.02 26.30
N SER A 491 13.75 10.11 26.90
CA SER A 491 12.61 10.17 27.84
C SER A 491 11.41 9.35 27.34
N PRO A 492 10.99 9.42 26.05
CA PRO A 492 9.82 8.69 25.59
C PRO A 492 9.91 7.15 25.66
N VAL A 493 11.09 6.60 25.90
CA VAL A 493 11.31 5.12 25.91
C VAL A 493 11.85 4.66 27.27
N VAL A 494 12.14 5.58 28.19
CA VAL A 494 12.71 5.24 29.52
C VAL A 494 11.59 4.67 30.40
N GLY A 495 11.71 3.40 30.78
CA GLY A 495 10.75 2.70 31.67
C GLY A 495 11.18 2.80 33.14
N PRO A 496 10.69 1.88 33.99
CA PRO A 496 10.99 1.93 35.43
C PRO A 496 12.48 1.67 35.74
N SER A 497 12.99 2.37 36.76
CA SER A 497 14.35 2.23 37.32
C SER A 497 14.60 0.79 37.78
N LEU A 498 15.75 0.21 37.39
CA LEU A 498 16.22 -1.13 37.83
C LEU A 498 17.21 -0.99 38.98
N LEU A 499 17.89 0.16 39.09
CA LEU A 499 18.91 0.39 40.14
C LEU A 499 19.26 1.87 40.19
N SER A 500 19.34 2.41 41.41
CA SER A 500 20.04 3.68 41.74
C SER A 500 21.00 3.40 42.90
N SER A 501 22.30 3.59 42.67
CA SER A 501 23.38 3.31 43.67
C SER A 501 24.29 4.54 43.79
N SER A 502 24.88 4.73 44.97
CA SER A 502 25.84 5.81 45.31
C SER A 502 27.13 5.23 45.87
N GLU A 503 27.30 3.91 45.79
CA GLU A 503 28.48 3.22 46.38
C GLU A 503 29.66 3.35 45.43
N ALA A 504 30.79 3.83 45.97
CA ALA A 504 32.14 3.72 45.36
C ALA A 504 32.73 2.36 45.76
N ASN A 505 33.68 1.85 44.99
CA ASN A 505 34.47 0.63 45.31
C ASN A 505 33.54 -0.58 45.47
N SER A 506 32.42 -0.60 44.76
CA SER A 506 31.39 -1.68 44.85
C SER A 506 31.17 -2.27 43.46
N THR A 507 30.60 -3.47 43.42
CA THR A 507 30.03 -4.13 42.23
C THR A 507 28.50 -4.10 42.35
N ALA A 508 27.83 -3.39 41.45
CA ALA A 508 26.36 -3.42 41.29
C ALA A 508 25.98 -4.49 40.25
N ASP A 509 25.19 -5.47 40.65
CA ASP A 509 24.65 -6.53 39.75
C ASP A 509 23.20 -6.18 39.45
N VAL A 510 22.86 -5.98 38.17
CA VAL A 510 21.51 -5.54 37.73
C VAL A 510 20.98 -6.60 36.76
N ASP A 511 19.99 -7.35 37.20
CA ASP A 511 19.25 -8.32 36.34
C ASP A 511 18.16 -7.56 35.58
N PHE A 512 18.03 -7.79 34.27
CA PHE A 512 16.92 -7.24 33.45
C PHE A 512 16.32 -8.33 32.56
N THR A 513 16.26 -9.56 33.08
CA THR A 513 15.53 -10.70 32.45
C THR A 513 14.03 -10.38 32.39
N ASN A 514 13.52 -9.60 33.34
CA ASN A 514 12.08 -9.22 33.47
C ASN A 514 11.72 -8.01 32.59
N VAL A 515 12.71 -7.35 31.96
CA VAL A 515 12.52 -6.24 30.99
C VAL A 515 12.35 -6.87 29.61
N THR A 516 11.12 -6.87 29.07
CA THR A 516 10.74 -7.66 27.86
C THR A 516 11.45 -7.10 26.62
N SER A 517 11.69 -5.77 26.59
CA SER A 517 12.47 -5.11 25.51
C SER A 517 13.87 -5.71 25.40
N ASN A 518 14.43 -6.16 26.53
CA ASN A 518 15.83 -6.65 26.62
C ASN A 518 16.74 -5.48 26.25
N ALA A 519 16.33 -4.28 26.66
CA ALA A 519 17.00 -3.00 26.34
C ALA A 519 17.08 -2.17 27.61
N VAL A 520 18.26 -1.65 27.93
CA VAL A 520 18.51 -0.86 29.15
C VAL A 520 19.27 0.41 28.78
N TRP A 521 18.96 1.49 29.51
CA TRP A 521 19.77 2.72 29.59
C TRP A 521 20.52 2.69 30.91
N PHE A 522 21.76 3.14 30.93
CA PHE A 522 22.55 3.30 32.18
C PHE A 522 23.33 4.61 32.09
N SER A 523 23.49 5.24 33.24
CA SER A 523 24.30 6.46 33.45
C SER A 523 25.20 6.19 34.66
N LEU A 524 26.50 6.42 34.48
CA LEU A 524 27.49 6.33 35.58
C LEU A 524 28.21 7.69 35.63
N ASN A 525 28.02 8.45 36.71
CA ASN A 525 28.79 9.67 37.02
C ASN A 525 29.83 9.31 38.09
N VAL A 526 31.07 9.71 37.87
CA VAL A 526 32.20 9.56 38.85
C VAL A 526 32.85 10.93 38.99
N THR A 527 32.70 11.57 40.14
CA THR A 527 33.31 12.89 40.45
C THR A 527 34.46 12.65 41.42
N LEU A 528 35.69 12.73 40.91
CA LEU A 528 36.91 12.64 41.73
C LEU A 528 36.96 13.88 42.61
N PRO A 529 37.57 13.81 43.82
CA PRO A 529 37.78 15.00 44.65
C PRO A 529 38.76 15.95 43.94
N ASP A 530 38.62 17.24 44.17
CA ASP A 530 39.48 18.28 43.51
C ASP A 530 40.96 17.95 43.73
N ALA A 531 41.32 17.33 44.86
CA ALA A 531 42.70 16.91 45.20
C ALA A 531 43.27 15.99 44.10
N ALA A 532 42.50 15.01 43.66
CA ALA A 532 42.91 13.97 42.68
C ALA A 532 42.97 14.59 41.27
N ILE A 533 42.19 15.64 41.00
CA ILE A 533 42.24 16.40 39.73
C ILE A 533 43.49 17.28 39.66
N GLN A 534 43.93 17.86 40.78
CA GLN A 534 45.10 18.80 40.85
C GLN A 534 46.41 17.99 40.90
N ASN A 535 46.37 16.80 41.50
CA ASN A 535 47.53 15.87 41.55
C ASN A 535 47.01 14.47 41.21
N ALA A 536 47.13 14.08 39.94
CA ALA A 536 46.71 12.75 39.42
C ALA A 536 47.55 11.62 40.05
N SER A 537 48.74 11.91 40.56
CA SER A 537 49.66 10.91 41.15
C SER A 537 49.06 10.34 42.44
N LEU A 538 48.05 11.02 43.00
CA LEU A 538 47.30 10.56 44.20
C LEU A 538 46.41 9.36 43.85
N ILE A 539 46.01 9.21 42.58
CA ILE A 539 45.07 8.14 42.14
C ILE A 539 45.83 6.81 42.14
N SER A 540 45.28 5.79 42.77
CA SER A 540 45.84 4.40 42.78
C SER A 540 45.89 3.83 41.35
N ALA A 541 46.87 2.99 41.07
CA ALA A 541 47.07 2.33 39.75
C ALA A 541 45.87 1.41 39.44
N ASP A 542 45.14 0.98 40.46
CA ASP A 542 43.99 0.03 40.36
C ASP A 542 42.69 0.80 40.17
N ALA A 543 42.69 2.13 40.27
CA ALA A 543 41.51 2.99 40.04
C ALA A 543 40.90 2.64 38.65
N SER A 544 39.73 2.03 38.63
CA SER A 544 39.14 1.45 37.41
C SER A 544 37.60 1.37 37.48
N ILE A 545 36.98 1.32 36.32
CA ILE A 545 35.54 1.03 36.09
C ILE A 545 35.49 -0.19 35.17
N ASN A 546 34.74 -1.22 35.55
CA ASN A 546 34.52 -2.44 34.74
C ASN A 546 33.02 -2.65 34.61
N ILE A 547 32.50 -2.53 33.40
CA ILE A 547 31.08 -2.86 33.08
C ILE A 547 31.08 -4.13 32.21
N THR A 548 30.28 -5.12 32.57
CA THR A 548 30.12 -6.37 31.81
C THR A 548 28.63 -6.63 31.58
N PHE A 549 28.29 -7.13 30.38
CA PHE A 549 26.93 -7.61 30.04
C PHE A 549 27.00 -9.13 29.97
N LEU A 550 26.22 -9.81 30.81
CA LEU A 550 26.35 -11.26 31.06
C LEU A 550 25.17 -11.99 30.45
N PRO A 551 25.37 -13.25 30.01
CA PRO A 551 24.29 -14.02 29.38
C PRO A 551 23.15 -14.31 30.37
N SER A 552 21.95 -14.46 29.82
CA SER A 552 20.68 -14.74 30.55
C SER A 552 20.71 -16.14 31.15
N THR A 553 20.25 -16.25 32.38
CA THR A 553 20.01 -17.51 33.12
C THR A 553 18.71 -18.17 32.66
N LYS A 554 17.77 -17.42 32.08
CA LYS A 554 16.42 -17.91 31.71
C LYS A 554 16.39 -18.42 30.27
N CYS A 555 17.10 -17.76 29.35
CA CYS A 555 16.85 -17.85 27.88
C CYS A 555 18.06 -18.48 27.18
N SER A 556 18.81 -19.32 27.89
CA SER A 556 19.72 -20.35 27.30
C SER A 556 20.09 -21.40 28.35
N SER A 563 30.49 -20.26 27.34
CA SER A 563 29.04 -20.00 27.56
C SER A 563 28.86 -18.90 28.62
N ASP A 564 29.76 -18.83 29.61
CA ASP A 564 29.72 -17.85 30.73
C ASP A 564 30.36 -16.52 30.30
N SER A 565 30.92 -16.47 29.07
CA SER A 565 31.59 -15.27 28.56
C SER A 565 30.63 -14.09 28.55
N PRO A 566 31.07 -12.88 29.01
CA PRO A 566 30.32 -11.66 28.77
C PRO A 566 30.04 -11.44 27.27
N ALA A 567 28.92 -10.82 26.94
CA ALA A 567 28.54 -10.44 25.56
C ALA A 567 29.30 -9.17 25.18
N ALA A 568 29.58 -8.32 26.17
CA ALA A 568 30.26 -7.03 25.97
C ALA A 568 30.94 -6.59 27.26
N THR A 569 32.07 -5.92 27.14
CA THR A 569 32.79 -5.38 28.30
C THR A 569 33.20 -3.94 28.06
N LEU A 570 33.22 -3.14 29.11
CA LEU A 570 33.83 -1.80 29.09
C LEU A 570 34.79 -1.72 30.27
N THR A 571 36.06 -1.43 30.02
CA THR A 571 37.12 -1.29 31.03
C THR A 571 37.77 0.08 30.86
N TYR A 572 37.85 0.86 31.94
CA TYR A 572 38.53 2.17 32.00
C TYR A 572 39.51 2.17 33.17
N PHE A 573 40.70 2.72 32.95
CA PHE A 573 41.75 2.94 33.98
C PHE A 573 41.99 4.44 34.13
N TYR A 574 41.87 4.94 35.36
CA TYR A 574 42.15 6.37 35.72
C TYR A 574 43.66 6.62 35.66
N ALA A 575 44.47 5.60 35.97
CA ALA A 575 45.95 5.75 36.11
C ALA A 575 46.64 4.44 35.73
N GLY A 576 47.78 4.12 36.35
CA GLY A 576 48.54 2.90 36.05
C GLY A 576 49.26 3.00 34.71
N LEU A 577 49.58 1.87 34.08
CA LEU A 577 50.44 1.80 32.88
C LEU A 577 49.64 2.20 31.62
N THR A 578 48.33 2.00 31.61
CA THR A 578 47.40 2.41 30.52
C THR A 578 46.43 3.48 31.05
N ASN A 579 46.96 4.57 31.59
CA ASN A 579 46.18 5.68 32.18
C ASN A 579 45.28 6.28 31.07
N GLY A 580 43.99 6.42 31.36
CA GLY A 580 43.00 7.06 30.49
C GLY A 580 42.46 6.11 29.43
N ALA A 581 42.96 4.87 29.38
CA ALA A 581 42.62 3.89 28.33
C ALA A 581 41.24 3.31 28.64
N LEU A 582 40.30 3.49 27.72
CA LEU A 582 38.97 2.87 27.75
C LEU A 582 38.95 1.75 26.71
N ALA A 583 38.68 0.51 27.14
CA ALA A 583 38.52 -0.66 26.26
C ALA A 583 37.04 -1.03 26.17
N LEU A 584 36.53 -1.16 24.95
CA LEU A 584 35.17 -1.68 24.70
C LEU A 584 35.35 -3.01 23.97
N THR A 585 34.76 -4.09 24.48
CA THR A 585 35.00 -5.43 23.88
C THR A 585 33.69 -6.20 23.63
N ARG A 586 33.70 -7.03 22.59
CA ARG A 586 32.64 -8.04 22.35
C ARG A 586 33.37 -9.37 22.25
N PRO A 587 33.58 -10.10 23.38
CA PRO A 587 34.46 -11.27 23.39
C PRO A 587 34.07 -12.30 22.32
N ALA A 588 35.06 -12.79 21.58
CA ALA A 588 34.90 -13.87 20.58
C ALA A 588 34.18 -15.08 21.20
N ALA A 589 34.55 -15.43 22.44
CA ALA A 589 34.06 -16.66 23.15
C ALA A 589 32.53 -16.63 23.30
N SER A 590 31.90 -15.45 23.29
CA SER A 590 30.45 -15.28 23.53
C SER A 590 29.63 -15.50 22.26
N SER A 591 30.27 -15.49 21.09
CA SER A 591 29.61 -15.52 19.76
C SER A 591 30.38 -16.43 18.80
N SER A 592 29.79 -17.57 18.48
CA SER A 592 30.29 -18.54 17.46
C SER A 592 30.40 -17.83 16.09
N TRP A 593 29.37 -17.09 15.70
CA TRP A 593 29.34 -16.34 14.42
C TRP A 593 30.45 -15.28 14.41
N GLY A 594 30.53 -14.48 15.47
CA GLY A 594 31.49 -13.38 15.61
C GLY A 594 32.91 -13.87 15.59
N ALA A 595 33.19 -14.98 16.27
CA ALA A 595 34.52 -15.62 16.35
C ALA A 595 34.97 -15.98 14.93
N GLU A 596 34.08 -16.58 14.14
CA GLU A 596 34.43 -17.16 12.83
C GLU A 596 34.56 -16.07 11.75
N ASN A 597 33.79 -14.97 11.86
CA ASN A 597 33.83 -13.88 10.84
C ASN A 597 35.16 -13.15 10.93
N PRO A 598 35.99 -13.17 9.87
CA PRO A 598 37.35 -12.65 9.95
C PRO A 598 37.47 -11.12 10.05
N PHE A 599 36.36 -10.38 9.88
CA PHE A 599 36.34 -8.89 9.96
C PHE A 599 35.63 -8.39 11.23
N PHE A 600 34.98 -9.27 12.01
CA PHE A 600 34.21 -8.91 13.23
C PHE A 600 35.17 -8.72 14.41
N THR A 601 35.81 -7.56 14.45
CA THR A 601 36.83 -7.18 15.45
C THR A 601 36.24 -7.28 16.87
N ASP A 602 37.01 -7.81 17.82
CA ASP A 602 36.53 -8.10 19.20
C ASP A 602 36.70 -6.87 20.10
N LYS A 603 37.74 -6.06 19.89
CA LYS A 603 38.21 -5.07 20.90
C LYS A 603 38.47 -3.70 20.26
N PHE A 604 37.98 -2.65 20.90
CA PHE A 604 38.13 -1.23 20.50
C PHE A 604 38.58 -0.45 21.73
N SER A 605 39.28 0.67 21.53
CA SER A 605 39.74 1.52 22.63
C SER A 605 39.77 2.99 22.21
N TYR A 606 39.62 3.87 23.19
CA TYR A 606 39.86 5.32 23.11
C TYR A 606 40.62 5.68 24.39
N THR A 607 41.59 6.58 24.31
CA THR A 607 42.36 7.08 25.47
C THR A 607 41.92 8.52 25.75
N LEU A 608 41.41 8.77 26.96
CA LEU A 608 41.07 10.13 27.44
C LEU A 608 42.35 10.80 27.96
N VAL A 609 42.40 12.13 27.92
CA VAL A 609 43.38 12.94 28.69
C VAL A 609 42.75 13.26 30.05
N ASP A 610 41.59 13.89 30.04
CA ASP A 610 40.79 14.17 31.27
C ASP A 610 40.30 12.84 31.85
N PRO A 611 40.15 12.73 33.18
CA PRO A 611 39.51 11.55 33.77
C PRO A 611 38.07 11.38 33.24
N LEU A 612 37.60 10.12 33.22
CA LEU A 612 36.18 9.79 32.95
C LEU A 612 35.33 10.30 34.10
N THR A 613 34.40 11.21 33.82
CA THR A 613 33.44 11.80 34.80
C THR A 613 32.01 11.32 34.52
N SER A 614 31.65 11.05 33.26
CA SER A 614 30.30 10.56 32.90
C SER A 614 30.38 9.47 31.81
N LEU A 615 29.47 8.51 31.91
CA LEU A 615 29.34 7.38 30.99
C LEU A 615 27.84 7.08 30.84
N VAL A 616 27.30 7.31 29.66
CA VAL A 616 25.91 6.91 29.29
C VAL A 616 26.00 5.77 28.29
N GLY A 617 25.13 4.79 28.44
CA GLY A 617 25.08 3.58 27.60
C GLY A 617 23.66 3.16 27.32
N VAL A 618 23.41 2.67 26.13
CA VAL A 618 22.14 2.00 25.74
C VAL A 618 22.52 0.63 25.18
N PHE A 619 21.99 -0.43 25.78
CA PHE A 619 22.05 -1.80 25.24
C PHE A 619 20.66 -2.11 24.67
N ASP A 620 20.60 -2.65 23.46
CA ASP A 620 19.31 -2.95 22.78
C ASP A 620 19.45 -4.27 22.02
N ARG A 621 19.47 -5.39 22.73
CA ARG A 621 19.42 -6.79 22.22
C ARG A 621 20.71 -7.17 21.48
N SER A 622 21.06 -6.48 20.41
CA SER A 622 22.22 -6.80 19.55
C SER A 622 23.14 -5.59 19.34
N MET A 623 23.02 -4.52 20.13
CA MET A 623 23.69 -3.21 19.85
C MET A 623 24.10 -2.59 21.18
N LEU A 624 25.27 -2.03 21.36
CA LEU A 624 25.62 -1.25 22.56
C LEU A 624 26.14 0.09 22.05
N GLU A 625 25.58 1.19 22.55
CA GLU A 625 26.09 2.56 22.29
C GLU A 625 26.61 3.14 23.60
N VAL A 626 27.82 3.67 23.58
CA VAL A 626 28.43 4.30 24.79
C VAL A 626 28.79 5.75 24.46
N PHE A 627 28.52 6.62 25.41
CA PHE A 627 28.79 8.06 25.30
C PHE A 627 29.63 8.45 26.51
N VAL A 628 30.80 9.02 26.29
CA VAL A 628 31.77 9.30 27.37
C VAL A 628 31.98 10.81 27.53
N ASN A 629 31.89 11.29 28.77
CA ASN A 629 32.15 12.71 29.17
C ASN A 629 31.25 13.63 28.34
N GLU A 630 29.93 13.45 28.51
CA GLU A 630 28.87 14.27 27.87
C GLU A 630 29.00 14.16 26.35
N GLY A 631 29.26 12.97 25.83
CA GLY A 631 29.22 12.71 24.38
C GLY A 631 30.48 13.14 23.67
N ALA A 632 31.53 13.51 24.39
CA ALA A 632 32.84 13.87 23.81
C ALA A 632 33.34 12.69 22.98
N HIS A 633 33.18 11.47 23.48
CA HIS A 633 33.64 10.23 22.82
C HIS A 633 32.45 9.28 22.75
N SER A 634 32.34 8.56 21.65
CA SER A 634 31.13 7.77 21.34
C SER A 634 31.56 6.52 20.60
N ALA A 635 30.89 5.41 20.88
CA ALA A 635 31.15 4.14 20.17
C ALA A 635 29.83 3.41 19.98
N THR A 636 29.64 2.85 18.80
CA THR A 636 28.48 2.02 18.44
C THR A 636 29.05 0.63 18.13
N MET A 637 28.56 -0.41 18.84
CA MET A 637 29.10 -1.77 18.67
C MET A 637 27.96 -2.79 18.57
N LEU A 638 27.88 -3.51 17.45
CA LEU A 638 26.96 -4.67 17.31
C LEU A 638 27.49 -5.84 18.16
N VAL A 639 26.61 -6.57 18.81
CA VAL A 639 26.91 -7.85 19.52
C VAL A 639 25.88 -8.90 19.11
N PHE A 640 26.35 -10.10 18.78
CA PHE A 640 25.49 -11.26 18.40
C PHE A 640 25.87 -12.44 19.28
N PRO A 641 25.64 -12.33 20.61
CA PRO A 641 25.95 -13.43 21.53
C PRO A 641 25.04 -14.64 21.24
N ASP A 642 25.58 -15.83 21.42
CA ASP A 642 24.85 -17.12 21.26
C ASP A 642 23.64 -17.11 22.17
N SER A 643 23.82 -16.58 23.39
CA SER A 643 22.77 -16.46 24.43
C SER A 643 22.43 -14.99 24.62
N PRO A 644 21.14 -14.60 24.74
CA PRO A 644 20.79 -13.22 25.00
C PRO A 644 21.39 -12.72 26.32
N VAL A 645 21.68 -11.42 26.39
CA VAL A 645 22.12 -10.72 27.63
C VAL A 645 20.91 -10.63 28.56
N GLY A 646 21.09 -10.89 29.85
CA GLY A 646 20.03 -10.78 30.88
C GLY A 646 20.47 -9.99 32.09
N SER A 647 21.71 -9.53 32.13
CA SER A 647 22.36 -8.98 33.35
C SER A 647 23.52 -8.05 32.97
N MET A 648 23.81 -7.06 33.81
CA MET A 648 25.05 -6.25 33.72
C MET A 648 25.66 -6.02 35.10
N LYS A 649 26.97 -6.13 35.21
CA LYS A 649 27.75 -5.79 36.42
C LYS A 649 28.42 -4.44 36.18
N VAL A 650 28.35 -3.54 37.16
CA VAL A 650 29.09 -2.25 37.19
C VAL A 650 29.99 -2.27 38.42
N ALA A 651 31.29 -2.47 38.22
CA ALA A 651 32.33 -2.46 39.28
C ALA A 651 33.13 -1.16 39.19
N THR A 652 33.31 -0.47 40.31
CA THR A 652 34.35 0.57 40.50
C THR A 652 35.33 0.07 41.57
N GLY A 653 36.59 0.49 41.49
CA GLY A 653 37.65 0.02 42.39
C GLY A 653 38.76 1.04 42.50
N GLY A 654 39.45 1.08 43.64
CA GLY A 654 40.66 1.87 43.90
C GLY A 654 40.43 3.37 43.74
N LEU A 655 39.20 3.86 43.83
CA LEU A 655 38.88 5.29 43.64
C LEU A 655 39.37 6.08 44.84
N PRO A 656 39.89 7.32 44.65
CA PRO A 656 40.38 8.13 45.77
C PRO A 656 39.30 8.38 46.83
N GLU A 657 39.71 8.58 48.10
CA GLU A 657 38.83 8.99 49.21
C GLU A 657 38.02 10.23 48.78
N GLY A 658 36.70 10.18 48.93
CA GLY A 658 35.80 11.33 48.67
C GLY A 658 35.32 11.37 47.23
N THR A 659 35.61 10.32 46.45
CA THR A 659 35.04 10.11 45.11
C THR A 659 33.53 9.88 45.25
N GLN A 660 32.74 10.65 44.52
CA GLN A 660 31.26 10.51 44.44
C GLN A 660 30.92 9.70 43.18
N VAL A 661 30.21 8.59 43.37
CA VAL A 661 29.76 7.67 42.29
C VAL A 661 28.23 7.65 42.31
N ASN A 662 27.60 7.91 41.16
CA ASN A 662 26.13 7.77 40.98
C ASN A 662 25.85 6.87 39.79
N LEU A 663 25.21 5.72 40.02
CA LEU A 663 24.81 4.74 39.00
C LEU A 663 23.28 4.74 38.90
N GLN A 664 22.75 5.02 37.71
CA GLN A 664 21.32 4.92 37.38
C GLN A 664 21.16 3.92 36.23
N VAL A 665 20.29 2.93 36.38
CA VAL A 665 19.99 1.92 35.33
C VAL A 665 18.48 1.82 35.18
N ASN A 666 17.97 1.98 33.94
CA ASN A 666 16.51 1.94 33.63
C ASN A 666 16.31 0.95 32.49
N GLY A 667 15.26 0.15 32.58
CA GLY A 667 14.74 -0.64 31.44
C GLY A 667 14.12 0.31 30.42
N LEU A 668 14.20 -0.04 29.15
CA LEU A 668 13.59 0.76 28.05
C LEU A 668 12.32 0.05 27.57
N GLU A 669 11.29 0.82 27.25
CA GLU A 669 10.01 0.31 26.71
C GLU A 669 10.16 0.12 25.19
N SER A 670 9.79 -1.05 24.69
CA SER A 670 9.79 -1.36 23.23
C SER A 670 8.89 -0.37 22.50
N THR A 671 9.34 0.09 21.33
CA THR A 671 8.63 1.07 20.47
C THR A 671 7.76 0.31 19.46
N TRP A 672 7.95 -0.99 19.32
CA TRP A 672 7.17 -1.89 18.43
C TRP A 672 6.15 -2.69 19.24
N SER B 142 63.60 -31.27 23.34
CA SER B 142 63.05 -31.28 21.95
C SER B 142 62.16 -30.05 21.69
N CYS B 143 61.81 -29.33 22.75
CA CYS B 143 60.86 -28.20 22.72
C CYS B 143 61.49 -26.94 23.34
N ALA B 144 61.23 -25.79 22.75
CA ALA B 144 61.75 -24.49 23.25
C ALA B 144 61.24 -24.24 24.66
N PRO B 145 62.12 -23.80 25.60
CA PRO B 145 61.70 -23.49 26.97
C PRO B 145 60.64 -22.38 27.04
N THR B 146 59.60 -22.56 27.86
CA THR B 146 58.51 -21.57 28.06
C THR B 146 58.87 -20.66 29.24
N SER B 147 59.77 -21.13 30.10
CA SER B 147 60.37 -20.31 31.17
C SER B 147 61.84 -20.67 31.28
N LEU B 148 62.63 -19.74 31.82
CA LEU B 148 64.11 -19.88 31.82
C LEU B 148 64.58 -19.93 33.27
N PRO B 149 65.84 -20.37 33.51
CA PRO B 149 66.45 -20.27 34.85
C PRO B 149 66.50 -18.83 35.37
N ALA B 150 66.50 -18.68 36.70
CA ALA B 150 66.50 -17.36 37.38
C ALA B 150 67.74 -16.56 36.98
N SER B 151 68.88 -17.22 36.75
CA SER B 151 70.15 -16.54 36.34
C SER B 151 69.90 -15.74 35.05
N ALA B 152 69.05 -16.25 34.15
CA ALA B 152 68.77 -15.65 32.83
C ALA B 152 67.73 -14.52 32.92
N THR B 153 66.81 -14.57 33.88
CA THR B 153 65.69 -13.58 33.99
C THR B 153 66.00 -12.52 35.05
N GLU B 154 66.78 -12.84 36.09
CA GLU B 154 67.10 -11.90 37.20
C GLU B 154 67.84 -10.70 36.62
N LEU B 155 67.34 -9.51 36.90
CA LEU B 155 67.95 -8.23 36.45
C LEU B 155 68.83 -7.70 37.57
N PRO B 156 69.98 -7.06 37.26
CA PRO B 156 70.83 -6.47 38.29
C PRO B 156 70.14 -5.25 38.92
N THR B 157 70.58 -4.83 40.12
CA THR B 157 70.03 -3.68 40.89
C THR B 157 70.75 -2.39 40.46
N THR B 158 71.95 -2.51 39.91
CA THR B 158 72.77 -1.40 39.38
C THR B 158 73.05 -1.66 37.90
N VAL B 159 73.12 -0.60 37.10
CA VAL B 159 73.30 -0.68 35.63
C VAL B 159 74.75 -1.11 35.36
N PRO B 160 75.00 -2.18 34.58
CA PRO B 160 76.37 -2.54 34.20
C PRO B 160 76.97 -1.55 33.18
N THR B 161 78.21 -1.10 33.43
CA THR B 161 78.97 -0.15 32.59
C THR B 161 80.15 -0.85 31.92
N GLY B 162 80.36 -0.62 30.62
CA GLY B 162 81.51 -1.13 29.84
C GLY B 162 81.53 -2.64 29.67
N THR B 163 80.40 -3.32 29.96
CA THR B 163 80.29 -4.80 29.92
C THR B 163 79.02 -5.18 29.15
N VAL B 164 79.13 -6.17 28.24
CA VAL B 164 77.98 -6.72 27.46
C VAL B 164 77.11 -7.54 28.41
N ILE B 165 75.82 -7.19 28.49
CA ILE B 165 74.80 -7.96 29.26
C ILE B 165 74.52 -9.27 28.50
N THR B 166 74.80 -10.42 29.12
CA THR B 166 74.60 -11.76 28.51
C THR B 166 73.10 -12.06 28.46
N GLY B 167 72.66 -12.75 27.41
CA GLY B 167 71.23 -13.04 27.19
C GLY B 167 71.00 -14.50 26.79
N ASP B 168 69.93 -15.09 27.29
CA ASP B 168 69.40 -16.41 26.86
C ASP B 168 68.30 -16.17 25.82
N TYR B 169 68.55 -16.55 24.56
CA TYR B 169 67.68 -16.30 23.39
C TYR B 169 66.92 -17.56 22.95
N THR B 170 66.64 -18.47 23.89
CA THR B 170 66.07 -19.83 23.58
C THR B 170 64.56 -19.90 23.85
N GLY B 171 63.97 -18.87 24.50
CA GLY B 171 62.54 -18.80 24.84
C GLY B 171 61.63 -19.11 23.65
N SER B 172 60.48 -19.72 23.93
CA SER B 172 59.46 -20.15 22.93
C SER B 172 58.87 -18.94 22.21
N TYR B 173 58.90 -17.75 22.85
CA TYR B 173 58.40 -16.48 22.26
C TYR B 173 59.55 -15.62 21.73
N ARG B 174 60.81 -15.99 21.97
CA ARG B 174 61.99 -15.18 21.59
C ARG B 174 62.17 -15.27 20.10
N PRO B 175 62.05 -14.15 19.34
CA PRO B 175 62.28 -14.17 17.90
C PRO B 175 63.76 -14.48 17.60
N GLN B 176 64.00 -15.16 16.49
CA GLN B 176 65.33 -15.72 16.14
C GLN B 176 65.96 -14.94 15.00
N VAL B 177 65.20 -14.10 14.29
CA VAL B 177 65.72 -13.30 13.14
C VAL B 177 65.42 -11.82 13.39
N HIS B 178 64.66 -11.50 14.43
CA HIS B 178 64.38 -10.10 14.86
C HIS B 178 65.27 -9.78 16.05
N TYR B 179 65.70 -8.54 16.21
CA TYR B 179 66.46 -8.12 17.40
C TYR B 179 65.56 -7.94 18.63
N SER B 180 66.03 -8.43 19.77
CA SER B 180 65.45 -8.19 21.12
C SER B 180 66.59 -8.09 22.12
N PRO B 181 66.43 -7.37 23.23
CA PRO B 181 67.54 -7.12 24.16
C PRO B 181 67.91 -8.38 24.90
N PRO B 182 69.19 -8.55 25.34
CA PRO B 182 69.62 -9.76 26.03
C PRO B 182 68.73 -10.03 27.25
N LYS B 183 68.49 -9.01 28.08
CA LYS B 183 67.38 -9.01 29.04
C LYS B 183 66.91 -7.58 29.34
N GLY B 184 65.73 -7.44 29.92
CA GLY B 184 65.14 -6.14 30.27
C GLY B 184 64.09 -5.72 29.26
N PHE B 185 63.73 -4.44 29.29
CA PHE B 185 62.61 -3.84 28.50
C PHE B 185 63.20 -2.90 27.48
N MET B 186 62.81 -3.08 26.23
CA MET B 186 63.27 -2.23 25.10
C MET B 186 62.05 -1.58 24.47
N ASN B 187 62.18 -0.32 24.04
CA ASN B 187 61.13 0.31 23.19
C ASN B 187 61.83 0.89 21.94
N ALA B 188 61.63 2.16 21.64
CA ALA B 188 61.97 2.77 20.33
C ALA B 188 63.42 2.52 19.91
N PRO B 189 63.67 2.31 18.60
CA PRO B 189 65.04 2.33 18.07
C PRO B 189 65.58 3.77 18.07
N ASN B 190 66.89 3.93 18.31
CA ASN B 190 67.56 5.26 18.38
C ASN B 190 68.93 5.20 17.68
N GLY B 191 69.46 6.35 17.25
CA GLY B 191 70.85 6.50 16.78
C GLY B 191 71.20 5.59 15.61
N CYS B 192 70.20 5.03 14.93
CA CYS B 192 70.38 4.13 13.77
C CYS B 192 71.25 4.80 12.70
N HIS B 193 72.39 4.19 12.40
CA HIS B 193 73.32 4.65 11.35
C HIS B 193 74.22 3.49 10.90
N ARG B 194 74.78 3.64 9.71
CA ARG B 194 75.81 2.74 9.12
C ARG B 194 77.14 3.48 9.20
N ASP B 195 78.16 2.88 9.82
CA ASP B 195 79.54 3.45 9.83
C ASP B 195 80.16 3.21 8.45
N ARG B 196 81.29 3.84 8.18
CA ARG B 196 81.93 3.85 6.83
C ARG B 196 82.36 2.44 6.40
N ASN B 197 82.71 1.56 7.35
CA ASN B 197 83.15 0.15 7.08
C ASN B 197 81.94 -0.77 6.92
N GLY B 198 80.72 -0.24 6.98
CA GLY B 198 79.49 -0.98 6.61
C GLY B 198 78.81 -1.65 7.80
N THR B 199 79.25 -1.37 9.02
CA THR B 199 78.61 -1.87 10.27
C THR B 199 77.38 -0.98 10.57
N TYR B 200 76.23 -1.61 10.70
CA TYR B 200 74.96 -0.93 11.10
C TYR B 200 74.93 -0.88 12.61
N HIS B 201 74.78 0.31 13.17
CA HIS B 201 74.66 0.51 14.63
C HIS B 201 73.19 0.70 14.98
N LEU B 202 72.67 -0.14 15.86
CA LEU B 202 71.28 0.01 16.36
C LEU B 202 71.32 0.36 17.84
N TYR B 203 70.84 1.55 18.19
CA TYR B 203 70.64 1.91 19.61
C TYR B 203 69.14 1.78 19.87
N TYR B 204 68.78 1.74 21.14
CA TYR B 204 67.37 1.53 21.50
C TYR B 204 67.12 2.00 22.93
N GLN B 205 65.89 2.46 23.17
CA GLN B 205 65.41 2.79 24.52
C GLN B 205 65.46 1.51 25.36
N TYR B 206 66.17 1.56 26.48
CA TYR B 206 66.50 0.36 27.28
C TYR B 206 66.28 0.66 28.77
N ASN B 207 65.44 -0.15 29.42
CA ASN B 207 65.40 -0.29 30.89
C ASN B 207 66.18 -1.55 31.27
N PRO B 208 67.42 -1.41 31.79
CA PRO B 208 68.20 -2.57 32.19
C PRO B 208 67.76 -3.18 33.53
N LEU B 209 66.97 -2.44 34.32
CA LEU B 209 66.66 -2.77 35.73
C LEU B 209 65.27 -3.42 35.87
N GLU B 210 64.41 -3.36 34.84
CA GLU B 210 63.01 -3.84 34.93
C GLU B 210 62.53 -4.39 33.60
N TYR B 211 61.36 -5.02 33.61
CA TYR B 211 60.64 -5.56 32.43
C TYR B 211 59.48 -4.62 32.06
N VAL B 212 59.56 -3.37 32.50
CA VAL B 212 58.59 -2.28 32.14
C VAL B 212 59.41 -1.06 31.74
N ALA B 213 58.75 -0.02 31.21
CA ALA B 213 59.37 1.25 30.82
C ALA B 213 59.94 1.95 32.06
N GLY B 214 61.08 2.65 31.91
CA GLY B 214 61.73 3.44 32.98
C GLY B 214 63.24 3.46 32.81
N ASN B 215 63.92 4.25 33.63
CA ASN B 215 65.40 4.28 33.74
C ASN B 215 66.03 4.19 32.35
N GLN B 216 65.53 5.02 31.42
CA GLN B 216 65.92 4.90 30.00
C GLN B 216 67.42 5.16 29.80
N HIS B 217 68.07 4.20 29.15
CA HIS B 217 69.47 4.30 28.69
C HIS B 217 69.46 4.03 27.18
N TRP B 218 70.59 4.21 26.50
CA TRP B 218 70.67 3.75 25.09
C TRP B 218 71.40 2.40 25.05
N GLY B 219 70.65 1.32 24.88
CA GLY B 219 71.20 0.00 24.51
C GLY B 219 71.85 0.09 23.14
N HIS B 220 72.71 -0.88 22.79
CA HIS B 220 73.51 -0.86 21.56
C HIS B 220 73.73 -2.29 21.06
N ALA B 221 73.44 -2.53 19.78
CA ALA B 221 73.75 -3.78 19.05
C ALA B 221 74.28 -3.42 17.67
N THR B 222 75.20 -4.21 17.12
CA THR B 222 75.83 -4.00 15.79
C THR B 222 75.54 -5.19 14.88
N SER B 223 75.63 -4.96 13.57
CA SER B 223 75.34 -5.95 12.50
C SER B 223 75.91 -5.44 11.17
N ASP B 224 76.37 -6.35 10.31
CA ASP B 224 76.79 -6.03 8.92
C ASP B 224 75.60 -6.20 7.96
N ASP B 225 74.58 -6.97 8.35
CA ASP B 225 73.49 -7.41 7.44
C ASP B 225 72.10 -7.12 8.03
N LEU B 226 72.01 -6.56 9.22
CA LEU B 226 70.76 -6.15 9.93
C LEU B 226 69.96 -7.39 10.38
N TYR B 227 70.61 -8.56 10.44
CA TYR B 227 69.95 -9.79 10.92
C TYR B 227 70.84 -10.47 11.97
N HIS B 228 72.15 -10.47 11.75
CA HIS B 228 73.11 -11.09 12.70
C HIS B 228 73.59 -10.02 13.67
N TRP B 229 72.94 -9.91 14.83
CA TRP B 229 73.21 -8.80 15.79
C TRP B 229 74.22 -9.22 16.83
N THR B 230 75.12 -8.32 17.17
CA THR B 230 76.05 -8.52 18.30
C THR B 230 75.71 -7.47 19.37
N ASN B 231 75.37 -7.92 20.56
CA ASN B 231 75.05 -7.03 21.71
C ASN B 231 76.32 -6.31 22.16
N GLN B 232 76.18 -5.02 22.47
CA GLN B 232 77.33 -4.16 22.86
C GLN B 232 77.02 -3.61 24.24
N PRO B 233 78.00 -3.03 24.95
CA PRO B 233 77.73 -2.39 26.24
C PRO B 233 76.76 -1.23 26.02
N ILE B 234 76.06 -0.81 27.09
CA ILE B 234 75.18 0.38 27.06
C ILE B 234 76.01 1.58 26.56
N ALA B 235 75.45 2.37 25.64
CA ALA B 235 76.19 3.40 24.86
C ALA B 235 76.04 4.77 25.50
N ILE B 236 74.84 5.11 25.96
CA ILE B 236 74.54 6.44 26.57
C ILE B 236 73.82 6.23 27.90
N PHE B 237 74.35 6.83 28.95
CA PHE B 237 73.86 6.78 30.35
C PHE B 237 73.29 8.15 30.73
N PRO B 238 72.25 8.21 31.59
CA PRO B 238 71.82 9.48 32.14
C PRO B 238 72.90 10.02 33.08
N PRO B 239 73.02 11.36 33.26
CA PRO B 239 73.98 11.91 34.21
C PRO B 239 73.71 11.51 35.67
N ASN B 240 72.43 11.34 36.05
CA ASN B 240 71.90 11.16 37.43
C ASN B 240 70.98 9.94 37.45
N SER B 241 70.53 9.54 38.65
CA SER B 241 69.42 8.57 38.87
C SER B 241 68.04 9.22 38.73
N THR B 242 67.95 10.56 38.59
CA THR B 242 66.67 11.30 38.44
C THR B 242 66.51 11.79 37.00
N SER B 243 67.25 11.22 36.05
CA SER B 243 67.31 11.63 34.63
C SER B 243 67.19 10.37 33.76
N GLN B 244 66.66 10.51 32.55
CA GLN B 244 66.55 9.40 31.58
C GLN B 244 67.00 9.85 30.19
N VAL B 245 67.70 8.98 29.47
CA VAL B 245 68.09 9.23 28.05
C VAL B 245 66.94 8.78 27.16
N PHE B 246 66.11 9.72 26.71
CA PHE B 246 64.96 9.48 25.79
C PHE B 246 65.50 9.39 24.36
N SER B 247 64.60 9.31 23.40
CA SER B 247 64.95 8.97 21.99
C SER B 247 65.82 10.05 21.36
N GLY B 248 66.51 9.68 20.30
CA GLY B 248 67.36 10.58 19.52
C GLY B 248 67.95 9.86 18.33
N SER B 249 68.85 10.54 17.63
CA SER B 249 69.47 10.08 16.37
C SER B 249 70.97 10.20 16.52
N ALA B 250 71.70 9.65 15.55
CA ALA B 250 73.19 9.71 15.47
C ALA B 250 73.58 10.00 14.03
N VAL B 251 74.61 10.81 13.83
CA VAL B 251 75.14 11.14 12.50
C VAL B 251 76.66 10.99 12.52
N LEU B 252 77.22 10.54 11.40
CA LEU B 252 78.67 10.67 11.10
C LEU B 252 78.96 12.16 10.89
N ASP B 253 80.07 12.66 11.43
CA ASP B 253 80.53 14.05 11.21
C ASP B 253 81.94 13.98 10.61
N PRO B 254 82.09 13.47 9.36
CA PRO B 254 83.42 13.23 8.79
C PRO B 254 84.23 14.49 8.49
N ASN B 255 83.56 15.63 8.32
CA ASN B 255 84.18 16.94 7.98
C ASN B 255 84.37 17.76 9.26
N ASN B 256 84.04 17.18 10.43
CA ASN B 256 84.32 17.78 11.76
C ASN B 256 83.67 19.16 11.86
N THR B 257 82.39 19.27 11.49
CA THR B 257 81.59 20.54 11.63
C THR B 257 81.38 20.84 13.11
N SER B 258 81.35 19.81 13.96
CA SER B 258 81.07 19.90 15.41
C SER B 258 82.30 20.42 16.16
N GLY B 259 83.49 20.17 15.65
CA GLY B 259 84.77 20.48 16.32
C GLY B 259 85.17 19.44 17.37
N PHE B 260 84.45 18.32 17.45
CA PHE B 260 84.72 17.22 18.42
C PHE B 260 85.79 16.25 17.90
N PHE B 261 86.08 16.29 16.60
CA PHE B 261 86.84 15.26 15.86
C PHE B 261 88.01 15.88 15.10
N PRO B 262 88.97 16.52 15.80
CA PRO B 262 90.16 17.07 15.14
C PRO B 262 91.06 16.01 14.48
N ASN B 263 91.02 14.75 14.93
CA ASN B 263 92.00 13.70 14.52
C ASN B 263 91.30 12.46 13.93
N THR B 264 90.00 12.51 13.65
CA THR B 264 89.27 11.37 13.03
C THR B 264 88.22 11.87 12.03
N THR B 265 87.94 11.07 11.00
CA THR B 265 86.86 11.29 10.01
C THR B 265 85.71 10.31 10.28
N ASP B 266 85.80 9.54 11.36
CA ASP B 266 84.81 8.48 11.74
C ASP B 266 84.02 8.89 13.00
N GLY B 267 84.06 10.17 13.35
CA GLY B 267 83.30 10.75 14.47
C GLY B 267 81.81 10.49 14.36
N VAL B 268 81.19 10.06 15.46
CA VAL B 268 79.72 9.89 15.58
C VAL B 268 79.21 10.93 16.59
N VAL B 269 78.15 11.65 16.25
CA VAL B 269 77.44 12.59 17.18
C VAL B 269 76.04 12.04 17.42
N ALA B 270 75.69 11.86 18.70
CA ALA B 270 74.35 11.51 19.17
C ALA B 270 73.64 12.78 19.63
N VAL B 271 72.40 12.98 19.17
CA VAL B 271 71.52 14.09 19.60
C VAL B 271 70.26 13.41 20.14
N TYR B 272 69.94 13.66 21.41
CA TYR B 272 68.92 12.90 22.16
C TYR B 272 68.24 13.82 23.17
N THR B 273 67.06 13.41 23.62
CA THR B 273 66.29 14.10 24.67
C THR B 273 66.78 13.57 26.03
N LEU B 274 67.16 14.46 26.93
CA LEU B 274 67.36 14.08 28.34
C LEU B 274 66.07 14.43 29.06
N ASN B 275 65.49 13.47 29.75
CA ASN B 275 64.24 13.72 30.48
C ASN B 275 64.59 13.93 31.95
N THR B 276 64.04 14.99 32.54
CA THR B 276 64.09 15.28 33.99
C THR B 276 62.64 15.38 34.45
N PRO B 277 62.34 15.42 35.76
CA PRO B 277 60.95 15.50 36.21
C PRO B 277 60.20 16.70 35.60
N THR B 278 60.88 17.82 35.36
CA THR B 278 60.27 19.13 34.97
C THR B 278 60.58 19.53 33.52
N LEU B 279 61.57 18.92 32.86
CA LEU B 279 62.06 19.40 31.54
C LEU B 279 62.41 18.23 30.60
N GLN B 280 62.18 18.46 29.31
CA GLN B 280 62.74 17.65 28.20
C GLN B 280 63.61 18.61 27.39
N VAL B 281 64.92 18.33 27.32
CA VAL B 281 65.91 19.19 26.62
C VAL B 281 66.68 18.31 25.63
N GLN B 282 67.23 18.89 24.58
CA GLN B 282 68.05 18.18 23.59
C GLN B 282 69.52 18.32 23.99
N GLU B 283 70.22 17.18 24.05
CA GLU B 283 71.65 17.09 24.45
C GLU B 283 72.46 16.45 23.33
N VAL B 284 73.76 16.71 23.33
CA VAL B 284 74.73 16.13 22.36
C VAL B 284 75.75 15.30 23.14
N ALA B 285 76.14 14.17 22.56
CA ALA B 285 77.28 13.34 22.97
C ALA B 285 78.01 12.87 21.72
N TYR B 286 79.29 12.60 21.82
CA TYR B 286 80.17 12.27 20.66
C TYR B 286 81.03 11.06 21.01
N SER B 287 81.38 10.31 19.98
CA SER B 287 82.18 9.05 20.06
C SER B 287 83.30 9.16 19.04
N THR B 288 84.54 8.95 19.48
CA THR B 288 85.74 8.86 18.61
C THR B 288 86.04 7.40 18.25
N ASP B 289 85.37 6.45 18.90
CA ASP B 289 85.72 5.00 18.84
C ASP B 289 84.72 4.22 17.97
N GLY B 290 83.88 4.88 17.17
CA GLY B 290 82.93 4.23 16.24
C GLY B 290 81.53 4.06 16.84
N GLY B 291 81.23 4.71 17.96
CA GLY B 291 79.87 4.80 18.53
C GLY B 291 79.61 3.76 19.60
N TYR B 292 80.66 3.33 20.31
CA TYR B 292 80.56 2.35 21.42
C TYR B 292 80.53 3.11 22.74
N ASN B 293 81.39 4.12 22.87
CA ASN B 293 81.51 4.98 24.08
C ASN B 293 81.29 6.44 23.70
N PHE B 294 80.49 7.14 24.48
CA PHE B 294 80.08 8.54 24.19
C PHE B 294 80.50 9.45 25.34
N THR B 295 81.04 10.62 24.99
CA THR B 295 81.34 11.73 25.92
C THR B 295 80.26 12.79 25.76
N PRO B 296 79.59 13.22 26.85
CA PRO B 296 78.64 14.34 26.75
C PRO B 296 79.36 15.62 26.34
N TYR B 297 78.72 16.40 25.47
CA TYR B 297 79.12 17.79 25.14
C TYR B 297 79.18 18.62 26.43
N GLU B 298 80.25 19.41 26.57
CA GLU B 298 80.61 20.22 27.78
C GLU B 298 79.47 21.22 28.11
N ASN B 299 78.82 21.79 27.08
CA ASN B 299 77.84 22.89 27.25
C ASN B 299 76.41 22.43 26.95
N ASN B 300 76.09 21.16 27.25
CA ASN B 300 74.71 20.62 27.24
C ASN B 300 73.87 21.42 28.24
N PRO B 301 72.54 21.58 28.05
CA PRO B 301 71.86 21.17 26.82
C PRO B 301 72.07 22.15 25.65
N VAL B 302 71.89 21.68 24.43
CA VAL B 302 72.08 22.49 23.19
C VAL B 302 70.76 23.09 22.74
N LEU B 303 69.63 22.57 23.19
CA LEU B 303 68.31 23.10 22.81
C LEU B 303 67.30 22.85 23.94
N SER B 304 66.69 23.94 24.42
CA SER B 304 65.60 23.89 25.43
C SER B 304 64.59 24.98 25.09
N VAL B 305 63.31 24.70 25.29
CA VAL B 305 62.23 25.68 25.02
C VAL B 305 61.42 25.86 26.30
N GLY B 306 61.93 25.40 27.44
CA GLY B 306 61.21 25.47 28.74
C GLY B 306 60.02 24.55 28.79
N SER B 307 60.06 23.39 28.14
CA SER B 307 58.93 22.43 28.03
C SER B 307 59.36 21.04 28.55
N ASN B 308 58.40 20.26 29.05
CA ASN B 308 58.62 18.82 29.34
C ASN B 308 57.83 17.96 28.35
N GLN B 309 57.54 18.51 27.17
CA GLN B 309 56.89 17.78 26.03
C GLN B 309 57.58 18.22 24.74
N PHE B 310 58.86 17.87 24.63
CA PHE B 310 59.80 18.39 23.60
C PHE B 310 60.90 17.37 23.40
N ARG B 311 60.75 16.47 22.43
CA ARG B 311 61.64 15.27 22.37
C ARG B 311 61.75 14.62 20.98
N ASP B 312 62.66 13.65 20.87
CA ASP B 312 62.83 12.75 19.69
C ASP B 312 63.49 13.51 18.55
N PRO B 313 64.69 14.12 18.79
CA PRO B 313 65.41 14.84 17.75
C PRO B 313 65.94 13.89 16.66
N LYS B 314 65.53 14.11 15.41
CA LYS B 314 66.09 13.39 14.25
C LYS B 314 66.93 14.38 13.44
N VAL B 315 68.25 14.19 13.40
CA VAL B 315 69.16 15.17 12.73
C VAL B 315 69.72 14.52 11.47
N PHE B 316 69.92 15.33 10.43
CA PHE B 316 70.53 14.90 9.15
C PHE B 316 71.17 16.11 8.51
N TRP B 317 72.09 15.87 7.60
CA TRP B 317 72.77 16.89 6.76
C TRP B 317 71.88 17.22 5.56
N TYR B 318 71.66 18.50 5.30
CA TYR B 318 71.00 18.98 4.06
C TYR B 318 71.88 20.04 3.39
N GLU B 319 72.67 19.60 2.40
CA GLU B 319 73.48 20.46 1.50
C GLU B 319 74.60 21.17 2.26
N ASP B 320 74.28 22.10 3.14
CA ASP B 320 75.29 22.97 3.78
C ASP B 320 75.01 23.15 5.27
N HIS B 321 74.05 22.42 5.83
CA HIS B 321 73.68 22.63 7.26
C HIS B 321 73.05 21.36 7.83
N TRP B 322 73.02 21.29 9.15
CA TRP B 322 72.32 20.22 9.88
C TRP B 322 70.87 20.63 10.09
N VAL B 323 69.95 19.68 9.89
CA VAL B 323 68.50 19.86 10.19
C VAL B 323 68.14 18.98 11.38
N MET B 324 67.37 19.51 12.33
CA MET B 324 66.75 18.73 13.43
C MET B 324 65.23 18.79 13.29
N ALA B 325 64.59 17.63 13.15
CA ALA B 325 63.14 17.48 13.34
C ALA B 325 62.94 17.00 14.77
N VAL B 326 62.14 17.74 15.55
CA VAL B 326 61.88 17.40 16.97
C VAL B 326 60.38 17.64 17.26
N ALA B 327 59.81 16.82 18.14
CA ALA B 327 58.36 16.81 18.46
C ALA B 327 58.06 17.70 19.67
N ALA B 328 57.30 18.78 19.44
CA ALA B 328 56.51 19.46 20.49
C ALA B 328 55.26 18.62 20.69
N ALA B 329 55.40 17.55 21.48
CA ALA B 329 54.60 16.31 21.42
C ALA B 329 53.12 16.63 21.60
N ASN B 330 52.77 17.40 22.62
CA ASN B 330 51.36 17.60 23.06
C ASN B 330 50.76 18.80 22.33
N ASP B 331 51.54 19.50 21.51
CA ASP B 331 51.04 20.60 20.64
C ASP B 331 50.83 20.09 19.21
N PHE B 332 51.08 18.80 18.96
CA PHE B 332 50.93 18.15 17.62
C PHE B 332 51.71 18.98 16.60
N THR B 333 52.96 19.28 16.94
CA THR B 333 53.87 20.12 16.12
C THR B 333 55.22 19.43 16.03
N ILE B 334 55.74 19.27 14.81
CA ILE B 334 57.16 18.94 14.54
C ILE B 334 57.86 20.27 14.28
N GLU B 335 58.79 20.65 15.15
CA GLU B 335 59.64 21.84 14.99
C GLU B 335 60.87 21.41 14.19
N ILE B 336 61.26 22.21 13.21
CA ILE B 336 62.50 22.04 12.42
C ILE B 336 63.47 23.14 12.85
N TYR B 337 64.68 22.73 13.25
CA TYR B 337 65.81 23.60 13.61
C TYR B 337 66.96 23.33 12.65
N THR B 338 67.84 24.32 12.49
CA THR B 338 69.06 24.22 11.66
C THR B 338 70.27 24.55 12.55
N SER B 339 71.43 24.03 12.16
CA SER B 339 72.73 24.20 12.86
C SER B 339 73.87 24.01 11.86
N PRO B 340 74.92 24.85 11.92
CA PRO B 340 76.16 24.57 11.20
C PRO B 340 77.08 23.55 11.90
N ASN B 341 76.92 23.33 13.22
CA ASN B 341 77.92 22.62 14.06
C ASN B 341 77.29 21.61 15.03
N LEU B 342 75.97 21.39 14.98
CA LEU B 342 75.21 20.41 15.82
C LEU B 342 75.08 20.88 17.28
N THR B 343 75.63 22.04 17.66
CA THR B 343 75.60 22.56 19.03
C THR B 343 74.79 23.86 19.12
N SER B 344 74.73 24.65 18.05
CA SER B 344 73.97 25.93 17.97
C SER B 344 72.76 25.71 17.05
N TRP B 345 71.56 25.75 17.62
CA TRP B 345 70.30 25.43 16.89
C TRP B 345 69.43 26.67 16.76
N THR B 346 68.97 26.93 15.55
CA THR B 346 68.12 28.09 15.17
C THR B 346 66.78 27.55 14.66
N PHE B 347 65.68 28.05 15.19
CA PHE B 347 64.33 27.71 14.73
C PHE B 347 64.22 28.05 13.25
N ALA B 348 63.63 27.14 12.46
CA ALA B 348 63.38 27.30 11.02
C ALA B 348 61.87 27.34 10.76
N SER B 349 61.13 26.31 11.15
CA SER B 349 59.69 26.16 10.77
C SER B 349 58.97 25.18 11.68
N ASN B 350 57.63 25.27 11.63
CA ASN B 350 56.68 24.38 12.36
C ASN B 350 55.86 23.61 11.34
N PHE B 351 55.62 22.33 11.62
CA PHE B 351 54.67 21.44 10.89
C PHE B 351 53.63 20.99 11.91
N THR B 352 52.43 21.60 11.89
CA THR B 352 51.45 21.39 12.99
C THR B 352 50.10 20.89 12.51
N HIS B 353 49.44 20.07 13.33
CA HIS B 353 48.02 19.63 13.15
C HIS B 353 47.84 19.03 11.76
N HIS B 354 48.66 18.03 11.43
CA HIS B 354 48.55 17.25 10.19
C HIS B 354 48.15 15.82 10.53
N GLY B 355 47.29 15.23 9.70
CA GLY B 355 46.89 13.83 9.80
C GLY B 355 46.21 13.55 11.13
N LEU B 356 46.37 12.34 11.63
CA LEU B 356 45.77 11.96 12.93
C LEU B 356 46.61 12.59 14.05
N LEU B 357 45.93 13.19 15.04
CA LEU B 357 46.62 13.87 16.16
C LEU B 357 47.03 12.81 17.21
N GLY B 358 46.19 11.82 17.43
CA GLY B 358 46.25 10.99 18.64
C GLY B 358 46.35 11.85 19.88
N LEU B 359 47.17 11.46 20.84
CA LEU B 359 47.38 12.25 22.09
C LEU B 359 48.75 12.97 22.04
N ALA B 360 49.60 12.65 21.08
CA ALA B 360 50.97 13.20 20.98
C ALA B 360 51.66 12.81 19.68
N TYR B 361 52.42 13.76 19.11
CA TYR B 361 53.41 13.55 18.04
C TYR B 361 54.69 13.06 18.69
N GLU B 362 55.32 12.02 18.13
CA GLU B 362 56.58 11.45 18.64
C GLU B 362 57.44 11.00 17.46
N CYS B 363 58.74 10.83 17.72
CA CYS B 363 59.73 10.15 16.85
C CYS B 363 59.56 10.59 15.41
N PRO B 364 59.63 11.91 15.12
CA PRO B 364 59.54 12.40 13.75
C PRO B 364 60.75 11.92 12.93
N ASN B 365 60.52 11.60 11.67
CA ASN B 365 61.61 11.28 10.72
C ASN B 365 61.31 12.06 9.43
N LEU B 366 62.21 12.93 9.02
CA LEU B 366 62.15 13.64 7.73
C LEU B 366 63.21 13.01 6.83
N VAL B 367 62.77 12.25 5.82
CA VAL B 367 63.68 11.41 5.00
C VAL B 367 63.30 11.52 3.52
N GLN B 368 64.30 11.32 2.68
CA GLN B 368 64.20 11.25 1.21
C GLN B 368 64.03 9.77 0.86
N VAL B 369 62.92 9.42 0.21
CA VAL B 369 62.59 8.00 -0.09
C VAL B 369 62.50 7.87 -1.61
N PRO B 370 63.30 6.98 -2.24
CA PRO B 370 63.25 6.80 -3.68
C PRO B 370 61.95 6.13 -4.15
N PHE B 371 61.58 6.38 -5.42
CA PHE B 371 60.42 5.76 -6.10
C PHE B 371 60.74 4.28 -6.37
N GLN B 372 59.79 3.38 -6.12
CA GLN B 372 59.98 1.91 -6.28
C GLN B 372 60.37 1.56 -7.72
N ASP B 373 59.71 2.19 -8.70
CA ASP B 373 59.80 1.82 -10.14
C ASP B 373 60.85 2.68 -10.85
N ASP B 374 61.51 3.61 -10.14
CA ASP B 374 62.49 4.56 -10.73
C ASP B 374 63.42 5.08 -9.63
N PRO B 375 64.57 4.40 -9.40
CA PRO B 375 65.50 4.78 -8.33
C PRO B 375 66.07 6.21 -8.40
N SER B 376 66.07 6.82 -9.59
CA SER B 376 66.63 8.17 -9.86
C SER B 376 65.69 9.26 -9.32
N LYS B 377 64.42 8.94 -9.12
CA LYS B 377 63.40 9.88 -8.58
C LYS B 377 63.18 9.59 -7.09
N SER B 378 62.88 10.64 -6.32
CA SER B 378 62.64 10.56 -4.86
C SER B 378 61.68 11.68 -4.43
N ALA B 379 61.09 11.54 -3.26
CA ALA B 379 60.30 12.58 -2.58
C ALA B 379 60.65 12.57 -1.09
N TRP B 380 60.52 13.72 -0.44
CA TRP B 380 60.64 13.86 1.02
C TRP B 380 59.39 13.27 1.67
N LEU B 381 59.59 12.70 2.84
CA LEU B 381 58.53 12.09 3.65
C LEU B 381 58.73 12.52 5.11
N MET B 382 57.69 13.10 5.71
CA MET B 382 57.60 13.30 7.17
C MET B 382 56.88 12.08 7.75
N TYR B 383 57.58 11.30 8.56
CA TYR B 383 57.01 10.13 9.29
C TYR B 383 56.83 10.57 10.75
N ILE B 384 55.62 10.45 11.26
CA ILE B 384 55.28 10.81 12.65
C ILE B 384 54.60 9.62 13.31
N SER B 385 55.11 9.26 14.50
CA SER B 385 54.49 8.28 15.41
C SER B 385 53.52 9.01 16.34
N ILE B 386 52.35 8.45 16.58
CA ILE B 386 51.36 9.01 17.53
C ILE B 386 51.04 7.99 18.61
N ASN B 387 51.01 8.43 19.87
CA ASN B 387 50.70 7.57 21.03
C ASN B 387 50.36 8.43 22.24
N PRO B 388 49.31 8.07 23.02
CA PRO B 388 48.25 7.19 22.54
C PRO B 388 47.31 7.81 21.51
N GLY B 389 46.17 7.17 21.27
CA GLY B 389 45.07 7.75 20.48
C GLY B 389 45.05 7.29 19.04
N ALA B 390 45.82 6.27 18.67
CA ALA B 390 45.76 5.66 17.32
C ALA B 390 44.36 5.08 17.10
N PRO B 391 43.85 5.03 15.86
CA PRO B 391 42.55 4.42 15.57
C PRO B 391 42.36 3.00 16.15
N LEU B 392 43.34 2.10 15.92
CA LEU B 392 43.31 0.70 16.47
C LEU B 392 43.55 0.71 17.98
N GLY B 393 43.84 1.87 18.56
CA GLY B 393 44.15 2.01 19.98
C GLY B 393 45.64 2.05 20.19
N GLY B 394 46.08 2.88 21.14
CA GLY B 394 47.50 3.06 21.50
C GLY B 394 48.26 3.74 20.38
N SER B 395 49.25 3.04 19.84
CA SER B 395 50.39 3.63 19.09
C SER B 395 50.28 3.25 17.61
N VAL B 396 50.63 4.16 16.72
CA VAL B 396 50.67 3.91 15.26
C VAL B 396 51.59 4.96 14.59
N GLY B 397 52.14 4.59 13.44
CA GLY B 397 52.90 5.50 12.57
C GLY B 397 52.05 6.03 11.44
N GLN B 398 52.33 7.26 11.02
CA GLN B 398 51.71 7.88 9.83
C GLN B 398 52.78 8.67 9.09
N TYR B 399 52.51 9.00 7.84
CA TYR B 399 53.49 9.67 6.95
C TYR B 399 52.78 10.65 6.03
N PHE B 400 53.56 11.60 5.54
CA PHE B 400 53.14 12.73 4.69
C PHE B 400 54.19 12.90 3.62
N PRO B 401 53.89 12.57 2.35
CA PRO B 401 54.82 12.85 1.25
C PRO B 401 54.79 14.35 1.01
N GLY B 402 55.92 14.92 0.62
CA GLY B 402 55.96 16.36 0.32
C GLY B 402 57.32 16.84 -0.09
N ASP B 403 57.56 18.13 0.10
CA ASP B 403 58.82 18.79 -0.28
C ASP B 403 59.51 19.36 0.96
N PHE B 404 60.83 19.27 0.99
CA PHE B 404 61.70 19.90 2.01
C PHE B 404 62.75 20.71 1.27
N ASN B 405 62.97 21.95 1.70
CA ASN B 405 63.89 22.90 1.01
C ASN B 405 65.01 23.33 1.96
N GLY B 406 65.23 22.59 3.05
CA GLY B 406 66.26 22.86 4.05
C GLY B 406 65.71 23.49 5.31
N THR B 407 64.55 24.15 5.24
CA THR B 407 63.98 24.86 6.41
C THR B 407 62.51 24.47 6.62
N HIS B 408 61.77 24.23 5.56
CA HIS B 408 60.31 24.02 5.64
C HIS B 408 59.91 22.73 4.94
N PHE B 409 59.04 21.95 5.57
CA PHE B 409 58.40 20.77 4.95
C PHE B 409 56.96 21.15 4.60
N VAL B 410 56.58 20.95 3.35
CA VAL B 410 55.21 21.21 2.83
C VAL B 410 54.67 19.90 2.26
N ALA B 411 53.66 19.33 2.91
CA ALA B 411 52.91 18.14 2.45
C ALA B 411 52.28 18.45 1.08
N TYR B 412 52.27 17.49 0.18
CA TYR B 412 51.65 17.61 -1.16
C TYR B 412 50.14 17.82 -1.05
N ASP B 413 49.50 17.24 -0.03
CA ASP B 413 48.03 17.36 0.18
C ASP B 413 47.76 17.37 1.68
N SER B 414 46.48 17.40 2.07
CA SER B 414 45.99 17.41 3.48
C SER B 414 45.56 16.01 3.95
N ALA B 415 46.01 14.95 3.29
CA ALA B 415 45.55 13.58 3.60
C ALA B 415 46.36 12.97 4.75
N ALA B 416 45.73 12.08 5.51
CA ALA B 416 46.36 11.23 6.54
C ALA B 416 46.58 9.83 5.95
N ARG B 417 47.79 9.29 6.13
CA ARG B 417 48.20 7.96 5.60
C ARG B 417 48.87 7.15 6.70
N ILE B 418 48.29 6.01 7.04
CA ILE B 418 48.77 5.07 8.10
C ILE B 418 49.69 4.05 7.43
N ALA B 419 50.84 3.78 8.07
CA ALA B 419 51.97 2.99 7.52
C ALA B 419 51.66 1.48 7.51
N ASP B 420 51.06 0.97 8.59
CA ASP B 420 50.89 -0.47 8.91
C ASP B 420 49.42 -0.68 9.27
N PHE B 421 48.77 -1.72 8.74
CA PHE B 421 47.32 -1.97 8.94
C PHE B 421 47.07 -2.84 10.17
N ALA B 422 48.09 -3.15 10.96
CA ALA B 422 47.92 -3.82 12.27
C ALA B 422 48.33 -2.87 13.39
N LYS B 423 48.65 -3.37 14.58
CA LYS B 423 48.80 -2.53 15.79
C LYS B 423 50.23 -2.54 16.32
N ASP B 424 51.12 -3.39 15.79
CA ASP B 424 52.44 -3.64 16.44
C ASP B 424 53.58 -3.10 15.59
N ASN B 425 53.49 -1.84 15.16
CA ASN B 425 54.59 -1.17 14.42
C ASN B 425 54.63 0.28 14.88
N TYR B 426 55.70 0.68 15.55
CA TYR B 426 55.75 2.04 16.13
C TYR B 426 57.20 2.52 16.20
N ALA B 427 57.35 3.86 16.16
CA ALA B 427 58.63 4.57 16.38
C ALA B 427 59.65 4.09 15.36
N SER B 428 59.23 3.88 14.10
CA SER B 428 60.16 3.63 12.99
C SER B 428 61.24 4.72 13.00
N GLN B 429 62.50 4.33 12.89
CA GLN B 429 63.60 5.28 12.65
C GLN B 429 64.35 4.79 11.41
N TRP B 430 64.74 5.72 10.56
CA TRP B 430 65.55 5.43 9.35
C TRP B 430 67.05 5.51 9.69
N PHE B 431 67.86 4.66 9.06
CA PHE B 431 69.32 4.62 9.27
C PHE B 431 69.92 5.85 8.58
N ALA B 432 70.75 6.60 9.29
CA ALA B 432 71.60 7.67 8.72
C ALA B 432 72.77 7.04 7.94
N ASP B 433 73.28 7.74 6.93
CA ASP B 433 74.61 7.47 6.30
C ASP B 433 74.60 6.11 5.62
N THR B 434 73.48 5.73 5.01
CA THR B 434 73.35 4.45 4.26
C THR B 434 74.02 4.60 2.89
N GLU B 435 74.30 3.47 2.25
CA GLU B 435 74.98 3.46 0.93
C GLU B 435 73.92 3.47 -0.17
N ASN B 436 74.31 4.00 -1.34
CA ASN B 436 73.44 4.05 -2.54
C ASN B 436 72.31 5.01 -2.19
N GLY B 437 71.12 4.77 -2.71
CA GLY B 437 69.92 5.51 -2.29
C GLY B 437 69.03 4.62 -1.45
N GLU B 438 69.60 3.79 -0.56
CA GLU B 438 68.79 2.80 0.19
C GLU B 438 68.08 3.52 1.35
N SER B 439 66.74 3.47 1.36
CA SER B 439 65.94 3.92 2.52
C SER B 439 65.77 2.70 3.43
N ILE B 440 66.52 2.66 4.54
CA ILE B 440 66.48 1.52 5.49
C ILE B 440 65.88 1.99 6.81
N SER B 441 64.80 1.34 7.24
CA SER B 441 64.09 1.68 8.50
C SER B 441 64.00 0.44 9.38
N ILE B 442 63.79 0.65 10.67
CA ILE B 442 63.44 -0.40 11.65
C ILE B 442 62.47 0.22 12.65
N ALA B 443 61.51 -0.57 13.11
CA ALA B 443 60.44 -0.11 14.03
C ALA B 443 60.49 -0.99 15.27
N TRP B 444 59.84 -0.52 16.32
CA TRP B 444 59.52 -1.30 17.53
C TRP B 444 58.25 -2.10 17.25
N ALA B 445 58.33 -3.42 17.36
CA ALA B 445 57.26 -4.35 17.00
C ALA B 445 56.38 -4.59 18.23
N SER B 446 55.74 -3.55 18.74
CA SER B 446 54.79 -3.65 19.87
C SER B 446 53.80 -2.50 19.84
N ASN B 447 52.94 -2.45 20.86
CA ASN B 447 51.91 -1.40 21.04
C ASN B 447 51.94 -1.01 22.51
N TRP B 448 51.91 0.30 22.79
CA TRP B 448 52.01 0.82 24.19
C TRP B 448 50.85 0.38 25.09
N GLN B 449 49.73 -0.05 24.53
CA GLN B 449 48.55 -0.49 25.33
C GLN B 449 48.82 -1.83 26.04
N TYR B 450 49.70 -2.69 25.53
CA TYR B 450 49.95 -4.01 26.17
C TYR B 450 51.43 -4.42 26.19
N THR B 451 52.35 -3.58 25.73
CA THR B 451 53.79 -3.94 25.66
C THR B 451 54.36 -4.31 27.03
N GLN B 452 53.93 -3.66 28.11
CA GLN B 452 54.51 -3.92 29.46
C GLN B 452 53.81 -5.08 30.15
N GLN B 453 52.90 -5.76 29.47
CA GLN B 453 52.08 -6.86 30.07
C GLN B 453 52.24 -8.13 29.23
N VAL B 454 52.94 -8.07 28.10
CA VAL B 454 53.10 -9.26 27.21
C VAL B 454 53.81 -10.35 27.99
N PRO B 455 53.47 -11.63 27.75
CA PRO B 455 53.97 -12.75 28.57
C PRO B 455 55.33 -13.28 28.09
N THR B 456 56.36 -12.43 28.07
CA THR B 456 57.71 -12.80 27.60
C THR B 456 58.76 -12.55 28.68
N SER B 457 58.39 -11.95 29.82
CA SER B 457 59.35 -11.57 30.89
C SER B 457 59.96 -12.83 31.54
N ALA B 458 59.21 -13.92 31.62
CA ALA B 458 59.69 -15.26 32.07
C ALA B 458 60.70 -15.82 31.07
N GLN B 459 60.80 -15.24 29.88
CA GLN B 459 61.82 -15.63 28.85
C GLN B 459 62.88 -14.54 28.73
N ALA B 460 62.99 -13.66 29.73
CA ALA B 460 64.11 -12.73 29.98
C ALA B 460 64.10 -11.53 29.01
N PHE B 461 62.96 -11.12 28.46
CA PHE B 461 62.88 -9.95 27.56
C PHE B 461 61.44 -9.46 27.42
N ARG B 462 61.28 -8.16 27.19
CA ARG B 462 60.04 -7.56 26.65
C ARG B 462 60.43 -6.70 25.45
N SER B 463 59.86 -7.03 24.30
CA SER B 463 59.85 -6.22 23.05
C SER B 463 60.94 -6.70 22.09
N ALA B 464 60.58 -6.80 20.82
CA ALA B 464 61.51 -6.99 19.69
C ALA B 464 61.34 -5.83 18.69
N MET B 465 62.36 -5.62 17.88
CA MET B 465 62.30 -4.73 16.69
C MET B 465 61.55 -5.48 15.59
N SER B 466 60.94 -4.74 14.66
CA SER B 466 60.42 -5.27 13.36
C SER B 466 61.58 -5.85 12.57
N LEU B 467 61.29 -6.58 11.49
CA LEU B 467 62.32 -6.83 10.44
C LEU B 467 62.86 -5.49 9.99
N PRO B 468 64.17 -5.38 9.65
CA PRO B 468 64.67 -4.21 8.94
C PRO B 468 63.89 -4.12 7.63
N ARG B 469 63.67 -2.90 7.13
CA ARG B 469 62.81 -2.63 5.95
C ARG B 469 63.58 -1.79 4.94
N ARG B 470 63.42 -2.15 3.67
CA ARG B 470 63.72 -1.26 2.51
C ARG B 470 62.45 -0.46 2.21
N ASN B 471 62.58 0.86 2.14
CA ASN B 471 61.44 1.77 1.90
C ASN B 471 61.53 2.33 0.47
N TYR B 472 60.37 2.44 -0.18
CA TYR B 472 60.18 3.15 -1.47
C TYR B 472 58.87 3.92 -1.39
N LEU B 473 58.68 4.85 -2.32
CA LEU B 473 57.38 5.51 -2.57
C LEU B 473 56.84 4.99 -3.90
N THR B 474 55.54 4.74 -3.97
CA THR B 474 54.87 4.33 -5.22
C THR B 474 53.48 4.98 -5.25
N ASN B 475 52.88 5.03 -6.43
CA ASN B 475 51.46 5.35 -6.63
C ASN B 475 50.71 4.03 -6.79
N ILE B 476 49.73 3.78 -5.93
CA ILE B 476 48.83 2.60 -6.03
C ILE B 476 47.51 3.09 -6.64
N THR B 477 46.76 2.20 -7.27
CA THR B 477 45.52 2.53 -8.02
C THR B 477 44.57 3.31 -7.08
N ARG B 478 44.08 4.47 -7.53
CA ARG B 478 43.06 5.32 -6.88
C ARG B 478 43.66 6.09 -5.69
N LEU B 479 44.19 5.39 -4.70
CA LEU B 479 44.70 5.96 -3.42
C LEU B 479 45.88 6.90 -3.66
N GLY B 480 46.70 6.65 -4.67
CA GLY B 480 47.90 7.46 -4.99
C GLY B 480 49.06 7.15 -4.07
N TRP B 481 49.61 8.16 -3.41
CA TRP B 481 50.89 8.07 -2.64
C TRP B 481 50.82 6.89 -1.68
N ASP B 482 51.90 6.12 -1.61
CA ASP B 482 51.99 4.91 -0.75
C ASP B 482 53.45 4.71 -0.31
N LEU B 483 53.66 4.55 0.99
CA LEU B 483 54.99 4.18 1.55
C LEU B 483 55.14 2.66 1.42
N VAL B 484 56.05 2.21 0.57
CA VAL B 484 56.33 0.76 0.37
C VAL B 484 57.29 0.34 1.47
N SER B 485 57.05 -0.83 2.05
CA SER B 485 57.93 -1.47 3.07
C SER B 485 58.14 -2.92 2.64
N LEU B 486 59.39 -3.34 2.41
CA LEU B 486 59.77 -4.75 2.18
C LEU B 486 60.84 -5.14 3.18
N PRO B 487 60.97 -6.43 3.54
CA PRO B 487 62.06 -6.85 4.41
C PRO B 487 63.39 -6.58 3.71
N TYR B 488 64.35 -5.96 4.40
CA TYR B 488 65.75 -5.83 3.93
C TYR B 488 66.29 -7.24 3.65
N ASP B 489 67.08 -7.39 2.60
CA ASP B 489 67.72 -8.66 2.15
C ASP B 489 67.69 -9.73 3.26
N LEU B 490 66.80 -10.72 3.11
CA LEU B 490 66.61 -11.85 4.05
C LEU B 490 67.61 -12.98 3.74
N SER B 491 68.31 -12.91 2.62
CA SER B 491 69.23 -13.96 2.12
C SER B 491 70.12 -14.51 3.23
N PRO B 492 70.74 -13.69 4.12
CA PRO B 492 71.63 -14.21 5.16
C PRO B 492 70.99 -15.15 6.19
N VAL B 493 69.66 -15.23 6.26
CA VAL B 493 68.93 -16.03 7.28
C VAL B 493 68.06 -17.10 6.61
N VAL B 494 67.96 -17.11 5.29
CA VAL B 494 67.09 -18.09 4.55
C VAL B 494 67.81 -19.44 4.55
N GLY B 495 67.20 -20.44 5.19
CA GLY B 495 67.68 -21.83 5.23
C GLY B 495 67.08 -22.69 4.12
N PRO B 496 67.05 -24.03 4.28
CA PRO B 496 66.54 -24.91 3.23
C PRO B 496 65.04 -24.76 2.97
N SER B 497 64.65 -24.89 1.70
CA SER B 497 63.25 -24.91 1.20
C SER B 497 62.43 -26.01 1.88
N LEU B 498 61.23 -25.67 2.36
CA LEU B 498 60.26 -26.62 2.97
C LEU B 498 59.20 -27.01 1.95
N LEU B 499 58.95 -26.17 0.93
CA LEU B 499 57.92 -26.42 -0.10
C LEU B 499 58.11 -25.45 -1.26
N SER B 500 58.02 -25.97 -2.49
CA SER B 500 57.77 -25.22 -3.75
C SER B 500 56.58 -25.89 -4.46
N SER B 501 55.47 -25.17 -4.64
CA SER B 501 54.22 -25.69 -5.23
C SER B 501 53.75 -24.73 -6.34
N SER B 502 53.07 -25.27 -7.35
CA SER B 502 52.49 -24.52 -8.50
C SER B 502 51.02 -24.83 -8.65
N GLU B 503 50.43 -25.55 -7.68
CA GLU B 503 49.03 -26.02 -7.78
C GLU B 503 48.09 -24.89 -7.37
N ALA B 504 47.13 -24.56 -8.24
CA ALA B 504 46.02 -23.63 -7.92
C ALA B 504 44.84 -24.48 -7.47
N ASN B 505 43.95 -23.92 -6.64
CA ASN B 505 42.78 -24.66 -6.08
C ASN B 505 43.26 -25.83 -5.21
N SER B 506 44.38 -25.70 -4.52
CA SER B 506 44.94 -26.74 -3.61
C SER B 506 45.08 -26.18 -2.19
N THR B 507 45.16 -27.07 -1.21
CA THR B 507 45.65 -26.80 0.17
C THR B 507 47.04 -27.43 0.31
N ALA B 508 48.06 -26.59 0.49
CA ALA B 508 49.44 -27.02 0.79
C ALA B 508 49.63 -27.03 2.32
N ASP B 509 49.96 -28.18 2.89
CA ASP B 509 50.28 -28.33 4.34
C ASP B 509 51.81 -28.38 4.47
N VAL B 510 52.39 -27.45 5.21
CA VAL B 510 53.86 -27.32 5.38
C VAL B 510 54.16 -27.44 6.87
N ASP B 511 54.84 -28.50 7.28
CA ASP B 511 55.21 -28.69 8.69
C ASP B 511 56.61 -28.14 8.88
N PHE B 512 56.84 -27.40 9.95
CA PHE B 512 58.17 -26.85 10.28
C PHE B 512 58.48 -27.19 11.73
N THR B 513 57.78 -28.17 12.30
CA THR B 513 58.14 -28.72 13.62
C THR B 513 59.64 -29.01 13.59
N ASN B 514 60.18 -29.32 12.41
CA ASN B 514 61.59 -29.73 12.27
C ASN B 514 62.55 -28.54 12.08
N VAL B 515 62.03 -27.30 11.88
CA VAL B 515 62.89 -26.07 11.77
C VAL B 515 63.08 -25.52 13.18
N THR B 516 64.30 -25.63 13.73
CA THR B 516 64.63 -25.29 15.15
C THR B 516 64.32 -23.83 15.47
N SER B 517 64.51 -22.92 14.51
CA SER B 517 64.25 -21.47 14.69
C SER B 517 62.77 -21.27 15.01
N ASN B 518 61.88 -22.12 14.49
CA ASN B 518 60.40 -21.92 14.57
C ASN B 518 60.11 -20.64 13.79
N ALA B 519 60.87 -20.42 12.71
CA ALA B 519 60.81 -19.18 11.89
C ALA B 519 60.82 -19.58 10.43
N VAL B 520 59.86 -19.06 9.67
CA VAL B 520 59.67 -19.42 8.25
C VAL B 520 59.47 -18.16 7.44
N TRP B 521 59.92 -18.19 6.19
CA TRP B 521 59.64 -17.16 5.17
C TRP B 521 58.75 -17.84 4.15
N PHE B 522 57.77 -17.11 3.60
CA PHE B 522 56.86 -17.64 2.58
C PHE B 522 56.57 -16.56 1.56
N SER B 523 56.46 -16.98 0.30
CA SER B 523 56.13 -16.11 -0.85
C SER B 523 55.02 -16.80 -1.61
N LEU B 524 53.94 -16.06 -1.89
CA LEU B 524 52.84 -16.55 -2.73
C LEU B 524 52.63 -15.53 -3.83
N ASN B 525 52.93 -15.92 -5.08
CA ASN B 525 52.63 -15.10 -6.28
C ASN B 525 51.40 -15.71 -6.95
N VAL B 526 50.40 -14.88 -7.27
CA VAL B 526 49.17 -15.29 -7.98
C VAL B 526 49.02 -14.36 -9.20
N THR B 527 49.13 -14.92 -10.40
CA THR B 527 48.92 -14.19 -11.67
C THR B 527 47.57 -14.63 -12.26
N LEU B 528 46.57 -13.76 -12.18
CA LEU B 528 45.25 -14.03 -12.79
C LEU B 528 45.39 -13.93 -14.30
N PRO B 529 44.53 -14.63 -15.08
CA PRO B 529 44.47 -14.43 -16.53
C PRO B 529 44.05 -13.00 -16.89
N ASP B 530 44.48 -12.53 -18.07
CA ASP B 530 44.18 -11.16 -18.56
C ASP B 530 42.66 -10.97 -18.60
N ALA B 531 41.90 -12.00 -18.99
CA ALA B 531 40.42 -11.96 -19.05
C ALA B 531 39.89 -11.42 -17.71
N ALA B 532 40.36 -11.96 -16.58
CA ALA B 532 39.86 -11.62 -15.23
C ALA B 532 40.38 -10.25 -14.80
N ILE B 533 41.54 -9.83 -15.31
CA ILE B 533 42.15 -8.51 -15.01
C ILE B 533 41.33 -7.43 -15.73
N GLN B 534 40.76 -7.76 -16.90
CA GLN B 534 39.96 -6.82 -17.71
C GLN B 534 38.49 -6.90 -17.29
N ASN B 535 38.01 -8.09 -16.95
CA ASN B 535 36.59 -8.30 -16.52
C ASN B 535 36.58 -9.03 -15.18
N ALA B 536 36.53 -8.27 -14.08
CA ALA B 536 36.60 -8.82 -12.70
C ALA B 536 35.32 -9.59 -12.39
N SER B 537 34.26 -9.39 -13.17
CA SER B 537 32.97 -10.11 -13.03
C SER B 537 33.18 -11.60 -13.34
N LEU B 538 34.29 -11.95 -13.99
CA LEU B 538 34.62 -13.36 -14.35
C LEU B 538 35.13 -14.10 -13.12
N ILE B 539 35.64 -13.38 -12.11
CA ILE B 539 36.19 -14.00 -10.87
C ILE B 539 35.00 -14.48 -10.04
N SER B 540 35.04 -15.75 -9.61
CA SER B 540 33.99 -16.34 -8.74
C SER B 540 34.01 -15.66 -7.37
N ALA B 541 32.86 -15.64 -6.68
CA ALA B 541 32.72 -15.08 -5.32
C ALA B 541 33.58 -15.84 -4.32
N ASP B 542 33.93 -17.10 -4.66
CA ASP B 542 34.71 -18.01 -3.78
C ASP B 542 36.21 -17.77 -3.96
N ALA B 543 36.63 -17.05 -5.00
CA ALA B 543 38.07 -16.84 -5.30
C ALA B 543 38.75 -16.29 -4.04
N SER B 544 39.60 -17.09 -3.41
CA SER B 544 40.11 -16.78 -2.06
C SER B 544 41.48 -17.40 -1.82
N ILE B 545 42.23 -16.80 -0.90
CA ILE B 545 43.53 -17.32 -0.41
C ILE B 545 43.40 -17.35 1.10
N ASN B 546 43.58 -18.51 1.71
CA ASN B 546 43.48 -18.67 3.18
C ASN B 546 44.78 -19.29 3.66
N ILE B 547 45.56 -18.52 4.43
CA ILE B 547 46.80 -19.03 5.08
C ILE B 547 46.53 -19.14 6.58
N THR B 548 46.84 -20.28 7.18
CA THR B 548 46.63 -20.52 8.63
C THR B 548 47.92 -21.05 9.21
N PHE B 549 48.30 -20.60 10.40
CA PHE B 549 49.45 -21.11 11.16
C PHE B 549 48.87 -21.92 12.32
N LEU B 550 49.14 -23.24 12.35
CA LEU B 550 48.41 -24.17 13.23
C LEU B 550 49.32 -24.62 14.37
N PRO B 551 48.74 -24.88 15.55
CA PRO B 551 49.51 -25.23 16.74
C PRO B 551 50.27 -26.56 16.57
N SER B 552 51.38 -26.71 17.31
CA SER B 552 52.20 -27.95 17.33
C SER B 552 51.46 -29.04 18.11
N THR B 553 51.48 -30.28 17.60
CA THR B 553 50.96 -31.47 18.34
C THR B 553 52.09 -32.12 19.14
N LYS B 554 53.35 -31.79 18.81
CA LYS B 554 54.55 -32.43 19.42
C LYS B 554 54.99 -31.67 20.67
N CYS B 555 54.37 -30.53 20.94
CA CYS B 555 54.89 -29.56 21.94
C CYS B 555 53.71 -28.88 22.65
N SER B 556 52.69 -29.67 23.02
CA SER B 556 51.45 -29.16 23.64
C SER B 556 51.79 -28.45 24.96
N SER B 557 50.92 -27.54 25.42
CA SER B 557 51.11 -26.75 26.65
C SER B 557 51.04 -27.67 27.88
N SER B 563 42.43 -24.74 21.61
CA SER B 563 43.66 -25.59 21.61
C SER B 563 44.02 -26.02 20.18
N ASP B 564 43.03 -26.33 19.34
CA ASP B 564 43.24 -26.64 17.90
C ASP B 564 43.08 -25.36 17.06
N SER B 565 42.75 -24.23 17.70
CA SER B 565 42.62 -22.90 17.04
C SER B 565 43.91 -22.53 16.34
N PRO B 566 43.86 -22.00 15.10
CA PRO B 566 45.04 -21.37 14.48
C PRO B 566 45.62 -20.24 15.35
N ALA B 567 46.93 -20.05 15.31
CA ALA B 567 47.61 -18.97 16.06
C ALA B 567 47.50 -17.67 15.27
N ALA B 568 47.43 -17.78 13.95
CA ALA B 568 47.35 -16.64 13.04
C ALA B 568 46.64 -17.07 11.77
N THR B 569 45.84 -16.19 11.18
CA THR B 569 45.14 -16.50 9.93
C THR B 569 45.30 -15.31 8.98
N LEU B 570 45.34 -15.60 7.68
CA LEU B 570 45.25 -14.56 6.65
C LEU B 570 44.19 -15.01 5.65
N THR B 571 43.17 -14.20 5.42
CA THR B 571 42.09 -14.46 4.45
C THR B 571 42.02 -13.29 3.47
N TYR B 572 42.07 -13.57 2.17
CA TYR B 572 41.86 -12.59 1.08
C TYR B 572 40.74 -13.09 0.15
N PHE B 573 39.88 -12.17 -0.27
CA PHE B 573 38.82 -12.41 -1.28
C PHE B 573 39.08 -11.54 -2.51
N TYR B 574 39.16 -12.15 -3.69
CA TYR B 574 39.33 -11.46 -5.00
C TYR B 574 38.03 -10.74 -5.35
N ALA B 575 36.89 -11.27 -4.94
CA ALA B 575 35.55 -10.77 -5.34
C ALA B 575 34.54 -11.05 -4.21
N GLY B 576 33.27 -11.28 -4.55
CA GLY B 576 32.19 -11.51 -3.57
C GLY B 576 31.79 -10.21 -2.89
N LEU B 577 31.19 -10.32 -1.70
CA LEU B 577 30.60 -9.16 -0.99
C LEU B 577 31.69 -8.32 -0.31
N THR B 578 32.84 -8.91 0.04
CA THR B 578 34.03 -8.20 0.59
C THR B 578 35.21 -8.29 -0.40
N ASN B 579 34.99 -7.85 -1.63
CA ASN B 579 35.99 -7.89 -2.73
C ASN B 579 37.21 -7.05 -2.32
N GLY B 580 38.41 -7.65 -2.41
CA GLY B 580 39.69 -6.97 -2.14
C GLY B 580 40.04 -6.97 -0.66
N ALA B 581 39.16 -7.50 0.19
CA ALA B 581 39.32 -7.46 1.66
C ALA B 581 40.35 -8.51 2.08
N LEU B 582 41.42 -8.07 2.73
CA LEU B 582 42.45 -8.94 3.35
C LEU B 582 42.27 -8.88 4.86
N ALA B 583 42.00 -10.01 5.51
CA ALA B 583 41.85 -10.11 6.98
C ALA B 583 43.09 -10.81 7.54
N LEU B 584 43.70 -10.21 8.55
CA LEU B 584 44.81 -10.81 9.30
C LEU B 584 44.31 -11.01 10.72
N THR B 585 44.37 -12.24 11.26
CA THR B 585 43.80 -12.50 12.59
C THR B 585 44.77 -13.24 13.51
N ARG B 586 44.62 -13.00 14.82
CA ARG B 586 45.29 -13.77 15.88
C ARG B 586 44.17 -14.23 16.81
N PRO B 587 43.54 -15.41 16.56
CA PRO B 587 42.31 -15.78 17.25
C PRO B 587 42.50 -15.79 18.78
N ALA B 588 41.54 -15.19 19.48
CA ALA B 588 41.47 -15.16 20.96
C ALA B 588 41.59 -16.58 21.54
N ALA B 589 40.92 -17.54 20.92
CA ALA B 589 40.80 -18.95 21.38
C ALA B 589 42.20 -19.61 21.49
N SER B 590 43.19 -19.14 20.74
CA SER B 590 44.56 -19.71 20.67
C SER B 590 45.45 -19.23 21.82
N SER B 591 45.04 -18.15 22.52
CA SER B 591 45.88 -17.46 23.53
C SER B 591 45.01 -17.04 24.71
N SER B 592 45.22 -17.68 25.86
CA SER B 592 44.57 -17.34 27.16
C SER B 592 44.94 -15.89 27.54
N TRP B 593 46.22 -15.53 27.43
CA TRP B 593 46.71 -14.16 27.76
C TRP B 593 46.05 -13.14 26.82
N GLY B 594 46.09 -13.41 25.52
CA GLY B 594 45.57 -12.50 24.47
C GLY B 594 44.08 -12.29 24.62
N ALA B 595 43.34 -13.35 24.93
CA ALA B 595 41.88 -13.33 25.14
C ALA B 595 41.56 -12.35 26.27
N GLU B 596 42.29 -12.43 27.38
CA GLU B 596 41.98 -11.70 28.63
C GLU B 596 42.42 -10.23 28.51
N ASN B 597 43.48 -9.91 27.77
CA ASN B 597 44.00 -8.52 27.68
C ASN B 597 43.00 -7.69 26.86
N PRO B 598 42.41 -6.64 27.46
CA PRO B 598 41.31 -5.92 26.81
C PRO B 598 41.71 -5.06 25.61
N PHE B 599 43.01 -4.86 25.37
CA PHE B 599 43.55 -4.05 24.23
C PHE B 599 44.20 -4.91 23.13
N PHE B 600 44.35 -6.23 23.35
CA PHE B 600 45.00 -7.17 22.40
C PHE B 600 44.00 -7.58 21.32
N THR B 601 43.79 -6.69 20.36
CA THR B 601 42.82 -6.82 19.25
C THR B 601 43.12 -8.11 18.46
N ASP B 602 42.07 -8.86 18.09
CA ASP B 602 42.19 -10.19 17.43
C ASP B 602 42.32 -10.04 15.91
N LYS B 603 41.69 -9.02 15.30
CA LYS B 603 41.44 -9.00 13.82
C LYS B 603 41.78 -7.63 13.23
N PHE B 604 42.52 -7.65 12.12
CA PHE B 604 42.94 -6.47 11.33
C PHE B 604 42.61 -6.72 9.87
N SER B 605 42.39 -5.68 9.10
CA SER B 605 42.07 -5.80 7.66
C SER B 605 42.59 -4.59 6.88
N TYR B 606 42.88 -4.81 5.61
CA TYR B 606 43.18 -3.81 4.58
C TYR B 606 42.41 -4.26 3.32
N THR B 607 41.82 -3.33 2.59
CA THR B 607 41.11 -3.58 1.32
C THR B 607 41.96 -3.08 0.16
N LEU B 608 42.33 -3.97 -0.76
CA LEU B 608 43.05 -3.62 -2.01
C LEU B 608 42.02 -3.15 -3.03
N VAL B 609 42.47 -2.31 -3.97
CA VAL B 609 41.73 -1.99 -5.23
C VAL B 609 42.20 -3.00 -6.28
N ASP B 610 43.50 -3.06 -6.51
CA ASP B 610 44.13 -4.06 -7.42
C ASP B 610 43.97 -5.45 -6.80
N PRO B 611 43.84 -6.52 -7.61
CA PRO B 611 43.90 -7.87 -7.05
C PRO B 611 45.24 -8.14 -6.36
N LEU B 612 45.26 -9.04 -5.37
CA LEU B 612 46.50 -9.55 -4.73
C LEU B 612 47.29 -10.36 -5.75
N THR B 613 48.50 -9.92 -6.09
CA THR B 613 49.43 -10.61 -7.03
C THR B 613 50.63 -11.21 -6.29
N SER B 614 51.07 -10.60 -5.18
CA SER B 614 52.22 -11.10 -4.37
C SER B 614 51.93 -10.94 -2.87
N LEU B 615 52.42 -11.91 -2.10
CA LEU B 615 52.27 -11.99 -0.63
C LEU B 615 53.55 -12.59 -0.05
N VAL B 616 54.34 -11.78 0.66
CA VAL B 616 55.54 -12.24 1.40
C VAL B 616 55.20 -12.17 2.90
N GLY B 617 55.67 -13.17 3.64
CA GLY B 617 55.44 -13.30 5.09
C GLY B 617 56.66 -13.82 5.79
N VAL B 618 56.91 -13.35 7.00
CA VAL B 618 57.89 -13.94 7.95
C VAL B 618 57.14 -14.22 9.24
N PHE B 619 57.17 -15.48 9.69
CA PHE B 619 56.74 -15.92 11.03
C PHE B 619 58.00 -16.18 11.85
N ASP B 620 58.07 -15.63 13.07
CA ASP B 620 59.24 -15.78 13.95
C ASP B 620 58.79 -15.96 15.41
N ARG B 621 58.22 -17.13 15.72
CA ARG B 621 57.86 -17.62 17.09
C ARG B 621 56.66 -16.87 17.65
N SER B 622 56.79 -15.54 17.86
CA SER B 622 55.77 -14.70 18.50
C SER B 622 55.38 -13.50 17.61
N MET B 623 55.76 -13.51 16.33
CA MET B 623 55.61 -12.35 15.41
C MET B 623 55.27 -12.85 14.02
N LEU B 624 54.29 -12.21 13.36
CA LEU B 624 54.01 -12.38 11.93
C LEU B 624 54.09 -11.02 11.24
N GLU B 625 54.90 -10.90 10.18
CA GLU B 625 54.96 -9.72 9.29
C GLU B 625 54.52 -10.16 7.88
N VAL B 626 53.56 -9.45 7.28
CA VAL B 626 53.10 -9.72 5.91
C VAL B 626 53.31 -8.48 5.04
N PHE B 627 53.68 -8.69 3.78
CA PHE B 627 53.92 -7.65 2.77
C PHE B 627 53.10 -8.02 1.54
N VAL B 628 52.25 -7.10 1.08
CA VAL B 628 51.24 -7.37 0.00
C VAL B 628 51.58 -6.51 -1.21
N ASN B 629 51.62 -7.13 -2.40
CA ASN B 629 51.82 -6.47 -3.72
C ASN B 629 53.12 -5.67 -3.69
N GLU B 630 54.24 -6.37 -3.50
CA GLU B 630 55.61 -5.78 -3.48
C GLU B 630 55.71 -4.71 -2.38
N GLY B 631 55.15 -5.00 -1.21
CA GLY B 631 55.32 -4.19 0.01
C GLY B 631 54.45 -2.94 0.00
N ALA B 632 53.49 -2.85 -0.92
CA ALA B 632 52.55 -1.71 -1.01
C ALA B 632 51.80 -1.59 0.33
N HIS B 633 51.40 -2.72 0.90
CA HIS B 633 50.67 -2.83 2.18
C HIS B 633 51.41 -3.81 3.08
N SER B 634 51.42 -3.55 4.36
CA SER B 634 52.37 -4.12 5.34
C SER B 634 51.66 -4.20 6.69
N ALA B 635 51.85 -5.28 7.42
CA ALA B 635 51.29 -5.47 8.77
C ALA B 635 52.29 -6.26 9.63
N THR B 636 52.51 -5.79 10.84
CA THR B 636 53.30 -6.44 11.92
C THR B 636 52.29 -6.83 13.00
N MET B 637 52.27 -8.09 13.40
CA MET B 637 51.31 -8.61 14.40
C MET B 637 52.03 -9.56 15.37
N LEU B 638 52.04 -9.23 16.65
CA LEU B 638 52.50 -10.13 17.73
C LEU B 638 51.47 -11.25 17.93
N VAL B 639 51.94 -12.48 18.17
CA VAL B 639 51.07 -13.64 18.54
C VAL B 639 51.73 -14.35 19.74
N PHE B 640 50.95 -14.66 20.77
CA PHE B 640 51.40 -15.38 21.98
C PHE B 640 50.48 -16.58 22.17
N PRO B 641 50.51 -17.56 21.26
CA PRO B 641 49.70 -18.77 21.39
C PRO B 641 50.16 -19.61 22.59
N ASP B 642 49.22 -20.26 23.26
CA ASP B 642 49.47 -21.15 24.41
C ASP B 642 50.45 -22.26 23.98
N SER B 643 50.27 -22.77 22.77
CA SER B 643 51.11 -23.80 22.13
C SER B 643 51.88 -23.19 20.97
N PRO B 644 53.18 -23.48 20.81
CA PRO B 644 53.94 -22.95 19.69
C PRO B 644 53.37 -23.42 18.36
N VAL B 645 53.54 -22.61 17.31
CA VAL B 645 53.16 -22.95 15.91
C VAL B 645 54.12 -24.02 15.41
N GLY B 646 53.60 -25.06 14.74
CA GLY B 646 54.44 -26.12 14.12
C GLY B 646 54.15 -26.34 12.65
N SER B 647 53.17 -25.65 12.07
CA SER B 647 52.59 -25.98 10.75
C SER B 647 51.91 -24.74 10.16
N MET B 648 51.85 -24.64 8.83
CA MET B 648 51.00 -23.65 8.12
C MET B 648 50.30 -24.30 6.93
N LYS B 649 49.02 -23.99 6.74
CA LYS B 649 48.22 -24.40 5.55
C LYS B 649 48.09 -23.19 4.62
N VAL B 650 48.32 -23.38 3.33
CA VAL B 650 48.06 -22.36 2.27
C VAL B 650 47.01 -22.94 1.31
N ALA B 651 45.78 -22.46 1.41
CA ALA B 651 44.65 -22.87 0.56
C ALA B 651 44.36 -21.75 -0.44
N THR B 652 44.25 -22.10 -1.72
CA THR B 652 43.65 -21.25 -2.79
C THR B 652 42.39 -21.96 -3.28
N GLY B 653 41.38 -21.20 -3.70
CA GLY B 653 40.05 -21.73 -4.07
C GLY B 653 39.35 -20.81 -5.03
N GLY B 654 38.52 -21.36 -5.92
CA GLY B 654 37.63 -20.64 -6.84
C GLY B 654 38.36 -19.72 -7.80
N LEU B 655 39.65 -19.94 -8.05
CA LEU B 655 40.46 -19.05 -8.94
C LEU B 655 40.05 -19.26 -10.38
N PRO B 656 40.03 -18.20 -11.23
CA PRO B 656 39.69 -18.36 -12.64
C PRO B 656 40.58 -19.36 -13.38
N GLU B 657 40.06 -19.99 -14.44
CA GLU B 657 40.79 -20.94 -15.31
C GLU B 657 42.05 -20.24 -15.85
N GLY B 658 43.22 -20.87 -15.67
CA GLY B 658 44.50 -20.36 -16.19
C GLY B 658 45.23 -19.45 -15.20
N THR B 659 44.73 -19.33 -13.97
CA THR B 659 45.42 -18.63 -12.87
C THR B 659 46.72 -19.38 -12.54
N GLN B 660 47.85 -18.68 -12.53
CA GLN B 660 49.18 -19.22 -12.14
C GLN B 660 49.43 -18.89 -10.66
N VAL B 661 49.67 -19.91 -9.85
CA VAL B 661 49.97 -19.81 -8.39
C VAL B 661 51.36 -20.39 -8.16
N ASN B 662 52.25 -19.63 -7.51
CA ASN B 662 53.60 -20.13 -7.12
C ASN B 662 53.82 -19.87 -5.63
N LEU B 663 53.95 -20.95 -4.85
CA LEU B 663 54.17 -20.92 -3.39
C LEU B 663 55.59 -21.40 -3.10
N GLN B 664 56.38 -20.57 -2.41
CA GLN B 664 57.73 -20.91 -1.91
C GLN B 664 57.72 -20.71 -0.39
N VAL B 665 58.16 -21.71 0.37
CA VAL B 665 58.27 -21.66 1.86
C VAL B 665 59.67 -22.13 2.23
N ASN B 666 60.40 -21.34 3.02
CA ASN B 666 61.77 -21.65 3.51
C ASN B 666 61.80 -21.49 5.01
N GLY B 667 62.49 -22.40 5.70
CA GLY B 667 62.87 -22.23 7.12
C GLY B 667 63.92 -21.14 7.22
N LEU B 668 63.94 -20.42 8.34
CA LEU B 668 64.96 -19.37 8.60
C LEU B 668 65.95 -19.91 9.64
N GLU B 669 67.22 -19.57 9.47
CA GLU B 669 68.31 -19.97 10.40
C GLU B 669 68.38 -18.93 11.54
N SER B 670 68.38 -19.39 12.78
CA SER B 670 68.51 -18.54 13.99
C SER B 670 69.81 -17.73 13.91
N THR B 671 69.75 -16.45 14.27
CA THR B 671 70.87 -15.49 14.27
C THR B 671 71.55 -15.50 15.64
N TRP B 672 70.94 -16.12 16.64
CA TRP B 672 71.51 -16.30 18.01
C TRP B 672 72.04 -17.73 18.19
N SER C 142 -18.83 -14.75 18.56
CA SER C 142 -19.82 -13.75 19.08
C SER C 142 -20.83 -13.42 17.97
N CYS C 143 -21.18 -12.14 17.83
CA CYS C 143 -22.09 -11.61 16.79
C CYS C 143 -21.35 -10.52 16.02
N ALA C 144 -21.60 -10.39 14.72
CA ALA C 144 -21.03 -9.29 13.91
C ALA C 144 -21.42 -7.95 14.54
N PRO C 145 -20.46 -6.99 14.66
CA PRO C 145 -20.80 -5.68 15.18
C PRO C 145 -21.79 -4.93 14.28
N THR C 146 -22.76 -4.24 14.88
CA THR C 146 -23.79 -3.41 14.20
C THR C 146 -23.25 -1.98 14.06
N SER C 147 -22.32 -1.62 14.94
CA SER C 147 -21.61 -0.32 14.97
C SER C 147 -20.10 -0.60 15.06
N LEU C 148 -19.28 0.21 14.39
CA LEU C 148 -17.81 0.00 14.38
C LEU C 148 -17.15 1.16 15.11
N PRO C 149 -15.87 1.01 15.55
CA PRO C 149 -15.10 2.12 16.08
C PRO C 149 -15.00 3.31 15.11
N ALA C 150 -14.84 4.53 15.65
CA ALA C 150 -14.77 5.78 14.85
C ALA C 150 -13.58 5.71 13.89
N SER C 151 -12.49 5.05 14.30
CA SER C 151 -11.27 4.79 13.48
C SER C 151 -11.68 4.21 12.11
N ALA C 152 -12.67 3.31 12.10
CA ALA C 152 -13.10 2.53 10.92
C ALA C 152 -14.07 3.34 10.05
N THR C 153 -14.89 4.24 10.63
CA THR C 153 -15.97 4.96 9.92
C THR C 153 -15.54 6.37 9.54
N GLU C 154 -14.65 7.01 10.33
CA GLU C 154 -14.20 8.41 10.08
C GLU C 154 -13.55 8.47 8.70
N LEU C 155 -14.02 9.39 7.85
CA LEU C 155 -13.48 9.60 6.49
C LEU C 155 -12.47 10.74 6.55
N PRO C 156 -11.36 10.69 5.77
CA PRO C 156 -10.40 11.79 5.73
C PRO C 156 -11.01 13.02 5.04
N THR C 157 -10.44 14.20 5.29
CA THR C 157 -10.90 15.51 4.74
C THR C 157 -10.24 15.77 3.38
N THR C 158 -9.11 15.11 3.12
CA THR C 158 -8.37 15.15 1.82
C THR C 158 -8.27 13.72 1.27
N VAL C 159 -8.30 13.57 -0.05
CA VAL C 159 -8.29 12.26 -0.74
C VAL C 159 -6.88 11.66 -0.61
N PRO C 160 -6.75 10.40 -0.10
CA PRO C 160 -5.45 9.74 -0.07
C PRO C 160 -4.96 9.31 -1.47
N THR C 161 -3.70 9.63 -1.77
CA THR C 161 -3.02 9.36 -3.07
C THR C 161 -1.91 8.31 -2.84
N GLY C 162 -1.81 7.32 -3.73
CA GLY C 162 -0.73 6.31 -3.74
C GLY C 162 -0.75 5.38 -2.55
N THR C 163 -1.83 5.35 -1.77
CA THR C 163 -1.95 4.53 -0.53
C THR C 163 -3.28 3.75 -0.55
N VAL C 164 -3.26 2.49 -0.13
CA VAL C 164 -4.47 1.63 0.03
C VAL C 164 -5.24 2.12 1.27
N ILE C 165 -6.51 2.49 1.11
CA ILE C 165 -7.42 2.88 2.22
C ILE C 165 -7.79 1.61 2.98
N THR C 166 -7.45 1.52 4.26
CA THR C 166 -7.73 0.34 5.11
C THR C 166 -9.23 0.29 5.43
N GLY C 167 -9.81 -0.91 5.50
CA GLY C 167 -11.25 -1.11 5.70
C GLY C 167 -11.53 -2.17 6.76
N ASP C 168 -12.54 -1.93 7.61
CA ASP C 168 -13.11 -2.93 8.54
C ASP C 168 -14.32 -3.58 7.86
N TYR C 169 -14.22 -4.87 7.53
CA TYR C 169 -15.21 -5.65 6.75
C TYR C 169 -16.05 -6.57 7.66
N THR C 170 -16.23 -6.22 8.94
CA THR C 170 -16.83 -7.11 9.97
C THR C 170 -18.29 -6.74 10.26
N GLY C 171 -18.79 -5.62 9.75
CA GLY C 171 -20.17 -5.16 9.94
C GLY C 171 -21.22 -6.23 9.65
N SER C 172 -22.33 -6.20 10.40
CA SER C 172 -23.46 -7.15 10.30
C SER C 172 -24.13 -7.09 8.91
N TYR C 173 -24.01 -5.96 8.21
CA TYR C 173 -24.57 -5.74 6.86
C TYR C 173 -23.49 -5.86 5.77
N ARG C 174 -22.21 -5.98 6.16
CA ARG C 174 -21.08 -6.00 5.19
C ARG C 174 -21.07 -7.35 4.47
N PRO C 175 -21.30 -7.39 3.14
CA PRO C 175 -21.20 -8.66 2.39
C PRO C 175 -19.78 -9.22 2.40
N GLN C 176 -19.67 -10.54 2.43
CA GLN C 176 -18.39 -11.26 2.66
C GLN C 176 -17.89 -11.91 1.38
N VAL C 177 -18.72 -12.00 0.34
CA VAL C 177 -18.30 -12.57 -0.98
C VAL C 177 -18.57 -11.55 -2.09
N HIS C 178 -19.24 -10.44 -1.77
CA HIS C 178 -19.46 -9.33 -2.72
C HIS C 178 -18.44 -8.23 -2.46
N TYR C 179 -18.06 -7.49 -3.49
CA TYR C 179 -17.14 -6.35 -3.29
C TYR C 179 -17.89 -5.13 -2.75
N SER C 180 -17.26 -4.47 -1.78
CA SER C 180 -17.68 -3.13 -1.26
C SER C 180 -16.41 -2.36 -0.92
N PRO C 181 -16.43 -1.01 -0.95
CA PRO C 181 -15.22 -0.23 -0.75
C PRO C 181 -14.78 -0.26 0.72
N PRO C 182 -13.47 -0.14 1.01
CA PRO C 182 -12.97 -0.22 2.38
C PRO C 182 -13.71 0.78 3.29
N LYS C 183 -13.84 2.03 2.84
CA LYS C 183 -14.86 2.96 3.39
C LYS C 183 -15.27 4.01 2.36
N GLY C 184 -16.39 4.68 2.59
CA GLY C 184 -16.93 5.70 1.68
C GLY C 184 -18.09 5.17 0.85
N PHE C 185 -18.45 5.89 -0.21
CA PHE C 185 -19.62 5.62 -1.06
C PHE C 185 -19.13 5.16 -2.44
N MET C 186 -19.65 4.03 -2.89
CA MET C 186 -19.37 3.45 -4.23
C MET C 186 -20.65 3.44 -5.06
N ASN C 187 -20.56 3.69 -6.35
CA ASN C 187 -21.68 3.42 -7.30
C ASN C 187 -21.12 2.59 -8.48
N ALA C 188 -21.34 3.01 -9.72
CA ALA C 188 -21.18 2.17 -10.95
C ALA C 188 -19.79 1.53 -11.04
N PRO C 189 -19.69 0.29 -11.54
CA PRO C 189 -18.39 -0.29 -11.88
C PRO C 189 -17.83 0.38 -13.14
N ASN C 190 -16.49 0.52 -13.20
CA ASN C 190 -15.81 1.17 -14.35
C ASN C 190 -14.54 0.40 -14.74
N GLY C 191 -14.06 0.58 -15.97
CA GLY C 191 -12.74 0.10 -16.44
C GLY C 191 -12.52 -1.38 -16.26
N CYS C 192 -13.61 -2.14 -16.10
CA CYS C 192 -13.57 -3.60 -15.92
C CYS C 192 -12.81 -4.26 -17.08
N HIS C 193 -11.72 -4.96 -16.75
CA HIS C 193 -10.90 -5.72 -17.72
C HIS C 193 -10.08 -6.77 -16.99
N ARG C 194 -9.67 -7.79 -17.74
CA ARG C 194 -8.72 -8.85 -17.31
C ARG C 194 -7.38 -8.54 -17.99
N ASP C 195 -6.29 -8.43 -17.23
CA ASP C 195 -4.92 -8.31 -17.80
C ASP C 195 -4.50 -9.71 -18.29
N ARG C 196 -3.40 -9.79 -19.04
CA ARG C 196 -2.93 -11.04 -19.72
C ARG C 196 -2.56 -12.11 -18.67
N ASN C 197 -2.09 -11.72 -17.49
CA ASN C 197 -1.68 -12.64 -16.40
C ASN C 197 -2.90 -13.14 -15.60
N GLY C 198 -4.11 -12.75 -16.00
CA GLY C 198 -5.38 -13.30 -15.50
C GLY C 198 -5.94 -12.52 -14.31
N THR C 199 -5.35 -11.36 -13.98
CA THR C 199 -5.84 -10.46 -12.90
C THR C 199 -7.02 -9.64 -13.45
N TYR C 200 -8.15 -9.72 -12.78
CA TYR C 200 -9.35 -8.93 -13.12
C TYR C 200 -9.23 -7.60 -12.39
N HIS C 201 -9.33 -6.50 -13.13
CA HIS C 201 -9.26 -5.15 -12.55
C HIS C 201 -10.68 -4.60 -12.47
N LEU C 202 -11.09 -4.23 -11.27
CA LEU C 202 -12.40 -3.57 -11.06
C LEU C 202 -12.16 -2.13 -10.62
N TYR C 203 -12.60 -1.17 -11.44
CA TYR C 203 -12.64 0.24 -11.01
C TYR C 203 -14.09 0.54 -10.69
N TYR C 204 -14.32 1.64 -10.00
CA TYR C 204 -15.69 1.96 -9.54
C TYR C 204 -15.79 3.45 -9.19
N GLN C 205 -16.96 4.02 -9.43
CA GLN C 205 -17.30 5.39 -9.00
C GLN C 205 -17.18 5.46 -7.48
N TYR C 206 -16.34 6.36 -6.99
CA TYR C 206 -15.96 6.39 -5.55
C TYR C 206 -15.97 7.82 -5.02
N ASN C 207 -16.71 8.03 -3.93
CA ASN C 207 -16.58 9.21 -3.05
C ASN C 207 -15.76 8.82 -1.83
N PRO C 208 -14.47 9.20 -1.74
CA PRO C 208 -13.66 8.87 -0.57
C PRO C 208 -13.95 9.75 0.65
N LEU C 209 -14.65 10.87 0.46
CA LEU C 209 -14.81 11.93 1.50
C LEU C 209 -16.17 11.84 2.21
N GLU C 210 -17.13 11.09 1.69
CA GLU C 210 -18.53 11.07 2.22
C GLU C 210 -19.14 9.67 2.03
N TYR C 211 -20.30 9.47 2.62
CA TYR C 211 -21.16 8.26 2.50
C TYR C 211 -22.33 8.54 1.55
N VAL C 212 -22.19 9.56 0.70
CA VAL C 212 -23.19 9.91 -0.34
C VAL C 212 -22.42 10.13 -1.64
N ALA C 213 -23.13 10.28 -2.76
CA ALA C 213 -22.54 10.54 -4.10
C ALA C 213 -21.82 11.89 -4.09
N GLY C 214 -20.71 12.01 -4.83
CA GLY C 214 -19.94 13.25 -5.03
C GLY C 214 -18.46 12.98 -5.19
N ASN C 215 -17.69 14.01 -5.51
CA ASN C 215 -16.20 13.98 -5.55
C ASN C 215 -15.75 12.70 -6.24
N GLN C 216 -16.35 12.38 -7.39
CA GLN C 216 -16.15 11.06 -8.04
C GLN C 216 -14.69 10.86 -8.45
N HIS C 217 -14.13 9.74 -8.00
CA HIS C 217 -12.82 9.22 -8.44
C HIS C 217 -13.02 7.78 -8.93
N TRP C 218 -12.01 7.20 -9.57
CA TRP C 218 -12.02 5.74 -9.85
C TRP C 218 -11.30 5.03 -8.71
N GLY C 219 -12.06 4.39 -7.81
CA GLY C 219 -11.54 3.35 -6.91
C GLY C 219 -11.05 2.17 -7.72
N HIS C 220 -10.26 1.30 -7.12
CA HIS C 220 -9.59 0.17 -7.80
C HIS C 220 -9.43 -0.99 -6.83
N ALA C 221 -9.86 -2.18 -7.26
CA ALA C 221 -9.63 -3.48 -6.56
C ALA C 221 -9.29 -4.54 -7.60
N THR C 222 -8.44 -5.49 -7.24
CA THR C 222 -7.98 -6.58 -8.14
C THR C 222 -8.38 -7.94 -7.55
N SER C 223 -8.45 -8.93 -8.43
CA SER C 223 -8.86 -10.32 -8.09
C SER C 223 -8.45 -11.25 -9.22
N ASP C 224 -8.08 -12.48 -8.89
CA ASP C 224 -7.80 -13.57 -9.86
C ASP C 224 -9.08 -14.35 -10.15
N ASP C 225 -10.07 -14.30 -9.26
CA ASP C 225 -11.26 -15.20 -9.30
C ASP C 225 -12.58 -14.40 -9.18
N LEU C 226 -12.52 -13.08 -9.07
CA LEU C 226 -13.69 -12.14 -8.97
C LEU C 226 -14.42 -12.29 -7.63
N TYR C 227 -13.79 -12.91 -6.64
CA TYR C 227 -14.39 -13.04 -5.28
C TYR C 227 -13.36 -12.60 -4.22
N HIS C 228 -12.09 -12.96 -4.38
CA HIS C 228 -11.00 -12.57 -3.42
C HIS C 228 -10.38 -11.25 -3.86
N TRP C 229 -10.89 -10.14 -3.34
CA TRP C 229 -10.53 -8.78 -3.86
C TRP C 229 -9.39 -8.20 -3.03
N THR C 230 -8.45 -7.54 -3.71
CA THR C 230 -7.38 -6.77 -3.04
C THR C 230 -7.61 -5.30 -3.35
N ASN C 231 -7.83 -4.49 -2.32
CA ASN C 231 -8.02 -3.03 -2.45
C ASN C 231 -6.71 -2.38 -2.93
N GLN C 232 -6.82 -1.46 -3.87
CA GLN C 232 -5.66 -0.80 -4.49
C GLN C 232 -5.79 0.71 -4.25
N PRO C 233 -4.73 1.51 -4.47
CA PRO C 233 -4.85 2.95 -4.38
C PRO C 233 -5.85 3.46 -5.41
N ILE C 234 -6.41 4.65 -5.20
CA ILE C 234 -7.29 5.32 -6.17
C ILE C 234 -6.54 5.43 -7.50
N ALA C 235 -7.20 5.12 -8.62
CA ALA C 235 -6.56 4.89 -9.94
C ALA C 235 -6.62 6.17 -10.77
N ILE C 236 -7.76 6.85 -10.78
CA ILE C 236 -7.98 8.07 -11.59
C ILE C 236 -8.56 9.16 -10.70
N PHE C 237 -7.88 10.32 -10.71
CA PHE C 237 -8.20 11.54 -9.93
C PHE C 237 -8.73 12.61 -10.88
N PRO C 238 -9.66 13.48 -10.44
CA PRO C 238 -10.02 14.66 -11.22
C PRO C 238 -8.83 15.62 -11.24
N PRO C 239 -8.69 16.46 -12.28
CA PRO C 239 -7.61 17.44 -12.33
C PRO C 239 -7.64 18.47 -11.19
N ASN C 240 -8.83 18.86 -10.73
CA ASN C 240 -9.03 19.85 -9.62
C ASN C 240 -10.25 19.43 -8.79
N SER C 241 -10.66 20.28 -7.85
CA SER C 241 -11.75 20.01 -6.86
C SER C 241 -13.12 20.40 -7.42
N THR C 242 -13.16 21.00 -8.61
CA THR C 242 -14.44 21.39 -9.28
C THR C 242 -14.69 20.47 -10.49
N SER C 243 -14.05 19.31 -10.52
CA SER C 243 -14.17 18.30 -11.61
C SER C 243 -14.41 16.94 -10.98
N GLN C 244 -15.11 16.05 -11.69
CA GLN C 244 -15.34 14.66 -11.20
C GLN C 244 -15.03 13.66 -12.30
N VAL C 245 -14.43 12.52 -11.94
CA VAL C 245 -14.19 11.39 -12.88
C VAL C 245 -15.44 10.52 -12.90
N PHE C 246 -16.31 10.70 -13.88
CA PHE C 246 -17.55 9.91 -14.09
C PHE C 246 -17.17 8.59 -14.77
N SER C 247 -18.17 7.81 -15.15
CA SER C 247 -17.98 6.41 -15.58
C SER C 247 -17.20 6.34 -16.90
N GLY C 248 -16.61 5.19 -17.13
CA GLY C 248 -15.87 4.89 -18.36
C GLY C 248 -15.41 3.45 -18.39
N SER C 249 -14.64 3.10 -19.40
CA SER C 249 -14.17 1.74 -19.67
C SER C 249 -12.65 1.76 -19.78
N ALA C 250 -12.04 0.59 -19.81
CA ALA C 250 -10.58 0.41 -19.96
C ALA C 250 -10.36 -0.74 -20.94
N VAL C 251 -9.34 -0.61 -21.78
CA VAL C 251 -8.97 -1.66 -22.77
C VAL C 251 -7.47 -1.87 -22.69
N LEU C 252 -7.03 -3.11 -22.89
CA LEU C 252 -5.63 -3.44 -23.25
C LEU C 252 -5.36 -2.89 -24.65
N ASP C 253 -4.20 -2.29 -24.86
CA ASP C 253 -3.73 -1.84 -26.18
C ASP C 253 -2.41 -2.56 -26.49
N PRO C 254 -2.44 -3.91 -26.68
CA PRO C 254 -1.21 -4.69 -26.83
C PRO C 254 -0.41 -4.40 -28.11
N ASN C 255 -1.08 -3.89 -29.15
CA ASN C 255 -0.47 -3.59 -30.48
C ASN C 255 -0.09 -2.10 -30.54
N ASN C 256 -0.31 -1.37 -29.46
CA ASN C 256 0.14 0.05 -29.31
C ASN C 256 -0.45 0.89 -30.43
N THR C 257 -1.76 0.80 -30.66
CA THR C 257 -2.51 1.66 -31.63
C THR C 257 -2.53 3.10 -31.13
N SER C 258 -2.48 3.31 -29.81
CA SER C 258 -2.59 4.62 -29.15
C SER C 258 -1.26 5.38 -29.25
N GLY C 259 -0.14 4.66 -29.34
CA GLY C 259 1.22 5.23 -29.34
C GLY C 259 1.73 5.56 -27.94
N PHE C 260 1.01 5.15 -26.89
CA PHE C 260 1.37 5.42 -25.48
C PHE C 260 2.34 4.35 -24.96
N PHE C 261 2.46 3.22 -25.66
CA PHE C 261 3.08 1.97 -25.15
C PHE C 261 4.17 1.46 -26.09
N PRO C 262 5.24 2.25 -26.34
CA PRO C 262 6.34 1.82 -27.22
C PRO C 262 7.10 0.56 -26.73
N ASN C 263 7.13 0.31 -25.42
CA ASN C 263 8.00 -0.73 -24.81
C ASN C 263 7.19 -1.73 -23.96
N THR C 264 5.87 -1.77 -24.08
CA THR C 264 5.01 -2.75 -23.36
C THR C 264 3.84 -3.21 -24.25
N THR C 265 3.43 -4.46 -24.05
CA THR C 265 2.24 -5.08 -24.68
C THR C 265 1.13 -5.21 -23.64
N ASP C 266 1.33 -4.67 -22.42
CA ASP C 266 0.36 -4.75 -21.29
C ASP C 266 -0.22 -3.35 -21.00
N GLY C 267 -0.12 -2.42 -21.94
CA GLY C 267 -0.66 -1.05 -21.83
C GLY C 267 -2.17 -1.08 -21.58
N VAL C 268 -2.65 -0.27 -20.63
CA VAL C 268 -4.09 -0.08 -20.36
C VAL C 268 -4.47 1.35 -20.73
N VAL C 269 -5.55 1.53 -21.50
CA VAL C 269 -6.12 2.87 -21.80
C VAL C 269 -7.50 2.94 -21.16
N ALA C 270 -7.70 3.97 -20.34
CA ALA C 270 -9.00 4.34 -19.74
C ALA C 270 -9.62 5.45 -20.59
N VAL C 271 -10.89 5.30 -20.93
CA VAL C 271 -11.73 6.34 -21.59
C VAL C 271 -12.90 6.59 -20.66
N TYR C 272 -13.07 7.81 -20.20
CA TYR C 272 -14.02 8.17 -19.12
C TYR C 272 -14.58 9.56 -19.36
N THR C 273 -15.70 9.86 -18.71
CA THR C 273 -16.34 11.19 -18.71
C THR C 273 -15.70 12.02 -17.60
N LEU C 274 -15.22 13.21 -17.92
CA LEU C 274 -14.86 14.19 -16.88
C LEU C 274 -16.04 15.15 -16.74
N ASN C 275 -16.56 15.28 -15.53
CA ASN C 275 -17.75 16.13 -15.28
C ASN C 275 -17.25 17.48 -14.76
N THR C 276 -17.78 18.55 -15.33
CA THR C 276 -17.58 19.95 -14.87
C THR C 276 -18.98 20.48 -14.58
N PRO C 277 -19.13 21.65 -13.90
CA PRO C 277 -20.47 22.18 -13.67
C PRO C 277 -21.27 22.36 -14.98
N THR C 278 -20.60 22.68 -16.10
CA THR C 278 -21.25 23.09 -17.38
C THR C 278 -21.08 22.04 -18.49
N LEU C 279 -20.16 21.09 -18.36
CA LEU C 279 -19.81 20.17 -19.48
C LEU C 279 -19.56 18.74 -19.00
N GLN C 280 -19.90 17.77 -19.84
CA GLN C 280 -19.44 16.36 -19.75
C GLN C 280 -18.66 16.09 -21.03
N VAL C 281 -17.37 15.77 -20.90
CA VAL C 281 -16.46 15.51 -22.04
C VAL C 281 -15.81 14.13 -21.85
N GLN C 282 -15.38 13.50 -22.92
CA GLN C 282 -14.69 12.19 -22.85
C GLN C 282 -13.18 12.45 -22.83
N GLU C 283 -12.47 11.85 -21.86
CA GLU C 283 -11.00 12.00 -21.67
C GLU C 283 -10.34 10.63 -21.75
N VAL C 284 -9.03 10.63 -22.04
CA VAL C 284 -8.19 9.40 -22.10
C VAL C 284 -7.09 9.51 -21.04
N ALA C 285 -6.78 8.40 -20.39
CA ALA C 285 -5.62 8.23 -19.51
C ALA C 285 -5.04 6.85 -19.79
N TYR C 286 -3.74 6.67 -19.56
CA TYR C 286 -3.02 5.42 -19.89
C TYR C 286 -2.15 5.01 -18.70
N SER C 287 -1.93 3.71 -18.57
CA SER C 287 -1.14 3.07 -17.51
C SER C 287 -0.14 2.12 -18.17
N THR C 288 1.15 2.31 -17.86
CA THR C 288 2.27 1.43 -18.26
C THR C 288 2.56 0.40 -17.17
N ASP C 289 1.95 0.53 -15.99
CA ASP C 289 2.28 -0.30 -14.79
C ASP C 289 1.19 -1.34 -14.51
N GLY C 290 0.30 -1.62 -15.47
CA GLY C 290 -0.74 -2.67 -15.36
C GLY C 290 -2.08 -2.15 -14.84
N GLY C 291 -2.29 -0.83 -14.81
CA GLY C 291 -3.58 -0.21 -14.53
C GLY C 291 -3.74 0.21 -13.08
N TYR C 292 -2.63 0.50 -12.39
CA TYR C 292 -2.61 0.96 -10.99
C TYR C 292 -2.52 2.49 -10.98
N ASN C 293 -1.66 3.06 -11.82
CA ASN C 293 -1.42 4.53 -11.91
C ASN C 293 -1.64 4.97 -13.36
N PHE C 294 -2.34 6.08 -13.55
CA PHE C 294 -2.77 6.57 -14.89
C PHE C 294 -2.20 7.97 -15.12
N THR C 295 -1.69 8.19 -16.33
CA THR C 295 -1.26 9.50 -16.85
C THR C 295 -2.34 10.03 -17.78
N PRO C 296 -2.86 11.25 -17.58
CA PRO C 296 -3.80 11.84 -18.53
C PRO C 296 -3.13 12.05 -19.88
N TYR C 297 -3.87 11.79 -20.95
CA TYR C 297 -3.49 12.15 -22.34
C TYR C 297 -3.26 13.67 -22.40
N GLU C 298 -2.19 14.07 -23.08
CA GLU C 298 -1.69 15.48 -23.19
C GLU C 298 -2.77 16.39 -23.79
N ASN C 299 -3.55 15.90 -24.76
CA ASN C 299 -4.49 16.72 -25.57
C ASN C 299 -5.96 16.37 -25.23
N ASN C 300 -6.24 16.01 -23.97
CA ASN C 300 -7.62 15.87 -23.44
C ASN C 300 -8.33 17.21 -23.53
N PRO C 301 -9.67 17.27 -23.71
CA PRO C 301 -10.50 16.08 -23.94
C PRO C 301 -10.42 15.58 -25.39
N VAL C 302 -10.75 14.30 -25.61
CA VAL C 302 -10.70 13.64 -26.94
C VAL C 302 -12.06 13.74 -27.65
N LEU C 303 -13.13 13.99 -26.91
CA LEU C 303 -14.49 14.08 -27.50
C LEU C 303 -15.37 15.00 -26.67
N SER C 304 -15.94 16.01 -27.32
CA SER C 304 -16.95 16.91 -26.70
C SER C 304 -18.00 17.25 -27.74
N VAL C 305 -19.25 17.39 -27.31
CA VAL C 305 -20.39 17.74 -28.20
C VAL C 305 -21.06 18.97 -27.60
N GLY C 306 -20.40 19.65 -26.67
CA GLY C 306 -20.92 20.87 -26.01
C GLY C 306 -22.08 20.56 -25.09
N SER C 307 -22.06 19.42 -24.38
CA SER C 307 -23.22 19.01 -23.55
C SER C 307 -22.79 18.75 -22.11
N ASN C 308 -23.72 18.84 -21.17
CA ASN C 308 -23.51 18.36 -19.76
C ASN C 308 -24.33 17.08 -19.56
N GLN C 309 -24.75 16.40 -20.65
CA GLN C 309 -25.52 15.12 -20.62
C GLN C 309 -24.95 14.21 -21.72
N PHE C 310 -23.70 13.79 -21.55
CA PHE C 310 -22.89 13.09 -22.59
C PHE C 310 -21.81 12.29 -21.87
N ARG C 311 -22.07 11.01 -21.58
CA ARG C 311 -21.21 10.27 -20.61
C ARG C 311 -21.28 8.75 -20.77
N ASP C 312 -20.38 8.07 -20.05
CA ASP C 312 -20.31 6.58 -19.88
C ASP C 312 -19.82 5.93 -21.18
N PRO C 313 -18.60 6.32 -21.65
CA PRO C 313 -18.01 5.76 -22.85
C PRO C 313 -17.59 4.29 -22.62
N LYS C 314 -18.12 3.39 -23.44
CA LYS C 314 -17.69 1.97 -23.45
C LYS C 314 -16.94 1.73 -24.75
N VAL C 315 -15.63 1.44 -24.67
CA VAL C 315 -14.80 1.26 -25.90
C VAL C 315 -14.39 -0.21 -26.00
N PHE C 316 -14.30 -0.71 -27.22
CA PHE C 316 -13.85 -2.08 -27.54
C PHE C 316 -13.27 -2.09 -28.95
N TRP C 317 -12.46 -3.09 -29.24
CA TRP C 317 -11.83 -3.28 -30.57
C TRP C 317 -12.83 -4.02 -31.46
N TYR C 318 -13.04 -3.54 -32.67
CA TYR C 318 -13.85 -4.28 -33.67
C TYR C 318 -13.04 -4.48 -34.96
N GLU C 319 -12.34 -5.62 -35.05
CA GLU C 319 -11.59 -6.07 -36.26
C GLU C 319 -10.40 -5.15 -36.58
N ASP C 320 -10.65 -3.91 -36.96
CA ASP C 320 -9.58 -3.00 -37.45
C ASP C 320 -9.71 -1.61 -36.86
N HIS C 321 -10.60 -1.40 -35.89
CA HIS C 321 -10.83 -0.05 -35.32
C HIS C 321 -11.40 -0.15 -33.92
N TRP C 322 -11.28 0.94 -33.16
CA TRP C 322 -11.92 1.08 -31.84
C TRP C 322 -13.34 1.60 -32.03
N VAL C 323 -14.29 1.06 -31.27
CA VAL C 323 -15.70 1.55 -31.20
C VAL C 323 -15.93 2.15 -29.82
N MET C 324 -16.60 3.30 -29.77
CA MET C 324 -17.10 3.91 -28.52
C MET C 324 -18.62 3.97 -28.55
N ALA C 325 -19.27 3.34 -27.58
CA ALA C 325 -20.70 3.56 -27.26
C ALA C 325 -20.74 4.57 -26.11
N VAL C 326 -21.44 5.68 -26.30
CA VAL C 326 -21.55 6.75 -25.26
C VAL C 326 -22.99 7.24 -25.24
N ALA C 327 -23.47 7.64 -24.06
CA ALA C 327 -24.87 8.04 -23.82
C ALA C 327 -25.02 9.56 -23.96
N ALA C 328 -25.79 10.01 -24.96
CA ALA C 328 -26.45 11.34 -24.96
C ALA C 328 -27.69 11.21 -24.05
N ALA C 329 -27.46 11.30 -22.75
CA ALA C 329 -28.28 10.67 -21.69
C ALA C 329 -29.74 11.12 -21.79
N ASN C 330 -29.98 12.44 -21.89
CA ASN C 330 -31.32 13.06 -21.77
C ASN C 330 -32.00 13.11 -23.13
N ASP C 331 -31.30 12.68 -24.20
CA ASP C 331 -31.87 12.56 -25.57
C ASP C 331 -32.25 11.11 -25.87
N PHE C 332 -32.06 10.21 -24.91
CA PHE C 332 -32.35 8.75 -25.04
C PHE C 332 -31.66 8.23 -26.29
N THR C 333 -30.38 8.57 -26.44
CA THR C 333 -29.58 8.20 -27.64
C THR C 333 -28.24 7.65 -27.16
N ILE C 334 -27.87 6.47 -27.67
CA ILE C 334 -26.49 5.95 -27.60
C ILE C 334 -25.81 6.33 -28.91
N GLU C 335 -24.79 7.16 -28.82
CA GLU C 335 -23.94 7.55 -29.99
C GLU C 335 -22.80 6.54 -30.10
N ILE C 336 -22.53 6.09 -31.32
CA ILE C 336 -21.39 5.18 -31.64
C ILE C 336 -20.36 6.01 -32.43
N TYR C 337 -19.13 6.02 -31.92
CA TYR C 337 -17.94 6.66 -32.55
C TYR C 337 -16.91 5.58 -32.87
N THR C 338 -16.05 5.85 -33.85
CA THR C 338 -14.92 4.97 -34.25
C THR C 338 -13.60 5.75 -34.15
N SER C 339 -12.49 5.04 -33.96
CA SER C 339 -11.13 5.59 -33.77
C SER C 339 -10.10 4.55 -34.17
N PRO C 340 -9.01 4.94 -34.86
CA PRO C 340 -7.86 4.06 -35.05
C PRO C 340 -6.91 4.01 -33.83
N ASN C 341 -6.92 5.03 -32.95
CA ASN C 341 -5.85 5.23 -31.93
C ASN C 341 -6.41 5.60 -30.54
N LEU C 342 -7.74 5.60 -30.35
CA LEU C 342 -8.44 5.89 -29.06
C LEU C 342 -8.40 7.37 -28.70
N THR C 343 -7.78 8.24 -29.51
CA THR C 343 -7.68 9.70 -29.23
C THR C 343 -8.44 10.52 -30.29
N SER C 344 -8.57 10.01 -31.52
CA SER C 344 -9.29 10.66 -32.64
C SER C 344 -10.60 9.93 -32.89
N TRP C 345 -11.74 10.56 -32.59
CA TRP C 345 -13.07 9.92 -32.65
C TRP C 345 -13.92 10.53 -33.76
N THR C 346 -14.53 9.66 -34.60
CA THR C 346 -15.41 10.03 -35.73
C THR C 346 -16.80 9.47 -35.46
N PHE C 347 -17.84 10.30 -35.58
CA PHE C 347 -19.24 9.86 -35.45
C PHE C 347 -19.52 8.76 -36.49
N ALA C 348 -20.21 7.69 -36.08
CA ALA C 348 -20.62 6.57 -36.93
C ALA C 348 -22.16 6.51 -37.01
N SER C 349 -22.86 6.40 -35.90
CA SER C 349 -24.33 6.15 -35.88
C SER C 349 -24.95 6.50 -34.53
N ASN C 350 -26.29 6.64 -34.55
CA ASN C 350 -27.15 6.90 -33.37
C ASN C 350 -28.10 5.72 -33.17
N PHE C 351 -28.30 5.33 -31.91
CA PHE C 351 -29.34 4.36 -31.47
C PHE C 351 -30.28 5.08 -30.50
N THR C 352 -31.46 5.49 -30.96
CA THR C 352 -32.30 6.44 -30.19
C THR C 352 -33.75 5.93 -29.97
N HIS C 353 -34.33 6.29 -28.82
CA HIS C 353 -35.75 6.04 -28.47
C HIS C 353 -36.08 4.56 -28.66
N HIS C 354 -35.33 3.69 -27.98
CA HIS C 354 -35.56 2.23 -27.95
C HIS C 354 -35.92 1.82 -26.52
N GLY C 355 -36.87 0.89 -26.38
CA GLY C 355 -37.22 0.29 -25.09
C GLY C 355 -37.77 1.34 -24.14
N LEU C 356 -37.58 1.13 -22.85
CA LEU C 356 -38.03 2.10 -21.82
C LEU C 356 -37.07 3.29 -21.85
N LEU C 357 -37.62 4.51 -21.81
CA LEU C 357 -36.82 5.75 -21.85
C LEU C 357 -36.32 6.04 -20.43
N GLY C 358 -37.13 5.78 -19.41
CA GLY C 358 -36.92 6.37 -18.08
C GLY C 358 -36.69 7.88 -18.19
N LEU C 359 -35.76 8.42 -17.42
CA LEU C 359 -35.42 9.86 -17.48
C LEU C 359 -34.08 10.06 -18.20
N ALA C 360 -33.32 8.98 -18.45
CA ALA C 360 -31.98 9.06 -19.06
C ALA C 360 -31.45 7.67 -19.43
N TYR C 361 -30.75 7.60 -20.57
CA TYR C 361 -29.86 6.50 -20.96
C TYR C 361 -28.51 6.71 -20.26
N GLU C 362 -27.94 5.66 -19.69
CA GLU C 362 -26.64 5.67 -19.01
C GLU C 362 -25.92 4.34 -19.24
N CYS C 363 -24.60 4.35 -19.05
CA CYS C 363 -23.74 3.15 -18.99
C CYS C 363 -24.08 2.17 -20.11
N PRO C 364 -24.04 2.60 -21.37
CA PRO C 364 -24.26 1.70 -22.49
C PRO C 364 -23.15 0.63 -22.57
N ASN C 365 -23.53 -0.60 -22.92
CA ASN C 365 -22.58 -1.70 -23.15
C ASN C 365 -22.97 -2.37 -24.45
N LEU C 366 -22.13 -2.32 -25.47
CA LEU C 366 -22.35 -3.06 -26.75
C LEU C 366 -21.39 -4.26 -26.74
N VAL C 367 -21.93 -5.47 -26.57
CA VAL C 367 -21.11 -6.67 -26.30
C VAL C 367 -21.66 -7.85 -27.10
N GLN C 368 -20.75 -8.77 -27.40
CA GLN C 368 -21.01 -10.05 -28.10
C GLN C 368 -21.23 -11.10 -27.02
N VAL C 369 -22.41 -11.71 -26.99
CA VAL C 369 -22.79 -12.64 -25.90
C VAL C 369 -23.06 -14.00 -26.55
N PRO C 370 -22.33 -15.07 -26.14
CA PRO C 370 -22.52 -16.38 -26.72
C PRO C 370 -23.87 -17.01 -26.32
N PHE C 371 -24.37 -17.94 -27.15
CA PHE C 371 -25.60 -18.72 -26.91
C PHE C 371 -25.31 -19.71 -25.79
N GLN C 372 -26.24 -19.87 -24.85
CA GLN C 372 -26.07 -20.77 -23.68
C GLN C 372 -25.87 -22.22 -24.14
N ASP C 373 -26.63 -22.66 -25.16
CA ASP C 373 -26.71 -24.08 -25.59
C ASP C 373 -25.72 -24.35 -26.74
N ASP C 374 -24.98 -23.33 -27.19
CA ASP C 374 -24.04 -23.46 -28.35
C ASP C 374 -22.99 -22.35 -28.27
N PRO C 375 -21.84 -22.61 -27.61
CA PRO C 375 -20.79 -21.59 -27.43
C PRO C 375 -20.21 -20.96 -28.71
N SER C 376 -20.32 -21.67 -29.85
CA SER C 376 -19.77 -21.26 -31.17
C SER C 376 -20.65 -20.16 -31.80
N LYS C 377 -21.90 -20.04 -31.36
CA LYS C 377 -22.85 -19.02 -31.85
C LYS C 377 -22.92 -17.86 -30.84
N SER C 378 -23.15 -16.65 -31.34
CA SER C 378 -23.23 -15.42 -30.51
C SER C 378 -24.12 -14.39 -31.21
N ALA C 379 -24.59 -13.40 -30.47
CA ALA C 379 -25.30 -12.22 -30.99
C ALA C 379 -24.80 -10.98 -30.24
N TRP C 380 -24.83 -9.83 -30.91
CA TRP C 380 -24.55 -8.53 -30.29
C TRP C 380 -25.71 -8.14 -29.39
N LEU C 381 -25.40 -7.47 -28.29
CA LEU C 381 -26.37 -6.99 -27.30
C LEU C 381 -26.03 -5.55 -26.94
N MET C 382 -26.98 -4.64 -27.09
CA MET C 382 -26.92 -3.29 -26.50
C MET C 382 -27.57 -3.37 -25.12
N TYR C 383 -26.78 -3.16 -24.07
CA TYR C 383 -27.26 -3.04 -22.68
C TYR C 383 -27.29 -1.56 -22.32
N ILE C 384 -28.44 -1.07 -21.88
CA ILE C 384 -28.62 0.35 -21.47
C ILE C 384 -29.22 0.38 -20.05
N SER C 385 -28.58 1.12 -19.16
CA SER C 385 -29.10 1.44 -17.81
C SER C 385 -29.95 2.72 -17.92
N ILE C 386 -31.10 2.76 -17.25
CA ILE C 386 -31.98 3.96 -17.21
C ILE C 386 -32.18 4.37 -15.76
N ASN C 387 -32.07 5.67 -15.49
CA ASN C 387 -32.24 6.26 -14.15
C ASN C 387 -32.44 7.76 -14.27
N PRO C 388 -33.41 8.34 -13.51
CA PRO C 388 -34.49 7.56 -12.93
C PRO C 388 -35.56 7.11 -13.93
N GLY C 389 -36.72 6.69 -13.44
CA GLY C 389 -37.91 6.43 -14.27
C GLY C 389 -38.08 4.97 -14.62
N ALA C 390 -37.35 4.06 -13.95
CA ALA C 390 -37.55 2.60 -14.09
C ALA C 390 -38.97 2.26 -13.61
N PRO C 391 -39.61 1.21 -14.17
CA PRO C 391 -40.96 0.81 -13.74
C PRO C 391 -41.09 0.61 -12.22
N LEU C 392 -40.18 -0.14 -11.60
CA LEU C 392 -40.15 -0.37 -10.12
C LEU C 392 -39.71 0.90 -9.36
N GLY C 393 -39.36 1.95 -10.10
CA GLY C 393 -38.87 3.21 -9.52
C GLY C 393 -37.36 3.25 -9.52
N GLY C 394 -36.81 4.43 -9.77
CA GLY C 394 -35.37 4.67 -9.82
C GLY C 394 -34.73 4.01 -11.02
N SER C 395 -33.81 3.09 -10.76
CA SER C 395 -32.76 2.64 -11.71
C SER C 395 -33.02 1.19 -12.11
N VAL C 396 -32.78 0.86 -13.38
CA VAL C 396 -32.89 -0.52 -13.91
C VAL C 396 -32.08 -0.64 -15.19
N GLY C 397 -31.65 -1.86 -15.53
CA GLY C 397 -31.00 -2.20 -16.80
C GLY C 397 -31.98 -2.81 -17.79
N GLN C 398 -31.76 -2.57 -19.08
CA GLN C 398 -32.51 -3.19 -20.18
C GLN C 398 -31.53 -3.52 -21.30
N TYR C 399 -31.93 -4.38 -22.23
CA TYR C 399 -31.03 -4.89 -23.30
C TYR C 399 -31.85 -5.11 -24.58
N PHE C 400 -31.12 -5.12 -25.68
CA PHE C 400 -31.62 -5.24 -27.07
C PHE C 400 -30.68 -6.18 -27.81
N PRO C 401 -31.14 -7.40 -28.17
CA PRO C 401 -30.34 -8.28 -29.02
C PRO C 401 -30.38 -7.72 -30.44
N GLY C 402 -29.29 -7.86 -31.19
CA GLY C 402 -29.25 -7.38 -32.57
C GLY C 402 -27.94 -7.64 -33.27
N ASP C 403 -27.70 -6.88 -34.33
CA ASP C 403 -26.52 -6.98 -35.22
C ASP C 403 -25.69 -5.70 -35.08
N PHE C 404 -24.37 -5.86 -35.01
CA PHE C 404 -23.39 -4.76 -35.06
C PHE C 404 -22.40 -5.08 -36.18
N ASN C 405 -22.12 -4.11 -37.04
CA ASN C 405 -21.27 -4.30 -38.25
C ASN C 405 -20.04 -3.37 -38.18
N GLY C 406 -19.73 -2.82 -37.01
CA GLY C 406 -18.58 -1.92 -36.77
C GLY C 406 -18.99 -0.47 -36.68
N THR C 407 -20.13 -0.09 -37.25
CA THR C 407 -20.58 1.33 -37.25
C THR C 407 -22.01 1.46 -36.74
N HIS C 408 -22.86 0.48 -37.02
CA HIS C 408 -24.31 0.59 -36.73
C HIS C 408 -24.79 -0.61 -35.93
N PHE C 409 -25.62 -0.35 -34.93
CA PHE C 409 -26.31 -1.43 -34.20
C PHE C 409 -27.79 -1.41 -34.61
N VAL C 410 -28.30 -2.54 -35.07
CA VAL C 410 -29.72 -2.72 -35.47
C VAL C 410 -30.32 -3.82 -34.59
N ALA C 411 -31.25 -3.45 -33.72
CA ALA C 411 -32.04 -4.37 -32.90
C ALA C 411 -32.82 -5.33 -33.81
N TYR C 412 -32.95 -6.59 -33.42
CA TYR C 412 -33.71 -7.62 -34.17
C TYR C 412 -35.20 -7.25 -34.23
N ASP C 413 -35.73 -6.64 -33.18
CA ASP C 413 -37.16 -6.24 -33.09
C ASP C 413 -37.25 -4.93 -32.32
N SER C 414 -38.47 -4.43 -32.08
CA SER C 414 -38.77 -3.18 -31.33
C SER C 414 -39.18 -3.45 -29.88
N ALA C 415 -38.83 -4.61 -29.32
CA ALA C 415 -39.28 -5.02 -27.97
C ALA C 415 -38.34 -4.44 -26.91
N ALA C 416 -38.88 -4.20 -25.72
CA ALA C 416 -38.16 -3.79 -24.51
C ALA C 416 -38.04 -5.02 -23.61
N ARG C 417 -36.83 -5.26 -23.06
CA ARG C 417 -36.52 -6.44 -22.22
C ARG C 417 -35.70 -5.96 -21.01
N ILE C 418 -36.23 -6.18 -19.81
CA ILE C 418 -35.64 -5.80 -18.51
C ILE C 418 -34.80 -6.98 -18.01
N ALA C 419 -33.59 -6.68 -17.52
CA ALA C 419 -32.55 -7.67 -17.16
C ALA C 419 -32.88 -8.42 -15.85
N ASP C 420 -33.34 -7.70 -14.83
CA ASP C 420 -33.46 -8.15 -13.41
C ASP C 420 -34.88 -7.79 -12.98
N PHE C 421 -35.61 -8.70 -12.31
CA PHE C 421 -37.04 -8.50 -11.97
C PHE C 421 -37.19 -7.88 -10.56
N ALA C 422 -36.08 -7.53 -9.92
CA ALA C 422 -36.09 -6.78 -8.64
C ALA C 422 -35.54 -5.36 -8.92
N LYS C 423 -35.04 -4.67 -7.91
CA LYS C 423 -34.86 -3.19 -7.93
C LYS C 423 -33.37 -2.84 -7.77
N ASP C 424 -32.53 -3.76 -7.34
CA ASP C 424 -31.14 -3.46 -6.90
C ASP C 424 -30.08 -4.01 -7.86
N ASN C 425 -30.23 -3.77 -9.15
CA ASN C 425 -29.19 -4.16 -10.15
C ASN C 425 -29.08 -3.03 -11.16
N TYR C 426 -27.96 -2.35 -11.18
CA TYR C 426 -27.80 -1.17 -12.08
C TYR C 426 -26.37 -1.04 -12.57
N ALA C 427 -26.22 -0.42 -13.74
CA ALA C 427 -24.94 -0.01 -14.32
C ALA C 427 -24.02 -1.22 -14.50
N SER C 428 -24.58 -2.34 -14.95
CA SER C 428 -23.80 -3.53 -15.35
C SER C 428 -22.71 -3.09 -16.34
N GLN C 429 -21.48 -3.49 -16.11
CA GLN C 429 -20.40 -3.30 -17.11
C GLN C 429 -19.77 -4.67 -17.37
N TRP C 430 -19.45 -4.94 -18.62
CA TRP C 430 -18.79 -6.20 -19.05
C TRP C 430 -17.27 -6.02 -19.00
N PHE C 431 -16.56 -7.06 -18.60
CA PHE C 431 -15.08 -7.09 -18.52
C PHE C 431 -14.55 -7.15 -19.94
N ALA C 432 -13.65 -6.23 -20.31
CA ALA C 432 -12.87 -6.27 -21.57
C ALA C 432 -11.82 -7.38 -21.47
N ASP C 433 -11.43 -7.96 -22.62
CA ASP C 433 -10.18 -8.78 -22.76
C ASP C 433 -10.27 -10.04 -21.91
N THR C 434 -11.45 -10.63 -21.85
CA THR C 434 -11.69 -11.93 -21.18
C THR C 434 -11.22 -13.05 -22.12
N GLU C 435 -10.97 -14.25 -21.59
CA GLU C 435 -10.52 -15.40 -22.42
C GLU C 435 -11.74 -16.23 -22.83
N ASN C 436 -11.63 -16.94 -23.95
CA ASN C 436 -12.45 -18.14 -24.30
C ASN C 436 -13.91 -17.76 -24.63
N GLY C 437 -14.14 -16.56 -25.18
CA GLY C 437 -15.48 -16.03 -25.50
C GLY C 437 -16.41 -15.94 -24.29
N GLU C 438 -15.87 -15.69 -23.10
CA GLU C 438 -16.68 -15.59 -21.86
C GLU C 438 -17.28 -14.18 -21.75
N SER C 439 -18.58 -14.08 -21.51
CA SER C 439 -19.26 -12.79 -21.24
C SER C 439 -19.31 -12.63 -19.72
N ILE C 440 -18.45 -11.77 -19.18
CA ILE C 440 -18.37 -11.56 -17.70
C ILE C 440 -18.80 -10.14 -17.39
N SER C 441 -19.81 -10.01 -16.55
CA SER C 441 -20.38 -8.69 -16.16
C SER C 441 -20.38 -8.59 -14.63
N ILE C 442 -20.44 -7.35 -14.14
CA ILE C 442 -20.69 -7.02 -12.72
C ILE C 442 -21.54 -5.76 -12.69
N ALA C 443 -22.45 -5.66 -11.74
CA ALA C 443 -23.40 -4.55 -11.60
C ALA C 443 -23.23 -3.95 -10.19
N TRP C 444 -23.77 -2.75 -10.02
CA TRP C 444 -23.93 -2.09 -8.72
C TRP C 444 -25.25 -2.59 -8.12
N ALA C 445 -25.16 -3.19 -6.94
CA ALA C 445 -26.28 -3.87 -6.26
C ALA C 445 -27.00 -2.87 -5.35
N SER C 446 -27.56 -1.83 -5.95
CA SER C 446 -28.37 -0.83 -5.24
C SER C 446 -29.36 -0.16 -6.20
N ASN C 447 -30.09 0.82 -5.68
CA ASN C 447 -31.08 1.62 -6.43
C ASN C 447 -30.86 3.08 -6.03
N TRP C 448 -30.86 3.99 -7.00
CA TRP C 448 -30.61 5.43 -6.77
C TRP C 448 -31.67 6.07 -5.84
N GLN C 449 -32.84 5.46 -5.68
CA GLN C 449 -33.93 6.04 -4.84
C GLN C 449 -33.58 5.94 -3.34
N TYR C 450 -32.76 4.99 -2.91
CA TYR C 450 -32.46 4.83 -1.46
C TYR C 450 -31.00 4.48 -1.18
N THR C 451 -30.13 4.44 -2.19
CA THR C 451 -28.69 4.05 -2.00
C THR C 451 -27.98 4.97 -0.99
N GLN C 452 -28.30 6.26 -0.96
CA GLN C 452 -27.57 7.23 -0.08
C GLN C 452 -28.19 7.28 1.30
N GLN C 453 -29.18 6.43 1.58
CA GLN C 453 -29.90 6.44 2.89
C GLN C 453 -29.86 5.07 3.54
N VAL C 454 -29.28 4.07 2.87
CA VAL C 454 -29.24 2.67 3.42
C VAL C 454 -28.43 2.71 4.71
N PRO C 455 -28.78 1.88 5.72
CA PRO C 455 -28.23 2.01 7.06
C PRO C 455 -26.93 1.20 7.25
N THR C 456 -25.92 1.48 6.45
CA THR C 456 -24.63 0.75 6.45
C THR C 456 -23.46 1.70 6.71
N SER C 457 -23.69 3.02 6.78
CA SER C 457 -22.63 4.04 6.98
C SER C 457 -21.96 3.89 8.36
N ALA C 458 -22.70 3.46 9.39
CA ALA C 458 -22.15 3.11 10.72
C ALA C 458 -21.25 1.87 10.64
N GLN C 459 -21.31 1.13 9.52
CA GLN C 459 -20.43 -0.04 9.28
C GLN C 459 -19.40 0.29 8.20
N ALA C 460 -19.19 1.58 7.93
CA ALA C 460 -18.02 2.16 7.23
C ALA C 460 -18.11 1.94 5.71
N PHE C 461 -19.32 1.80 5.15
CA PHE C 461 -19.49 1.65 3.67
C PHE C 461 -20.94 1.93 3.27
N ARG C 462 -21.11 2.39 2.04
CA ARG C 462 -22.42 2.41 1.37
C ARG C 462 -22.21 1.82 -0.04
N SER C 463 -22.92 0.73 -0.34
CA SER C 463 -23.07 0.14 -1.70
C SER C 463 -22.10 -1.04 -1.87
N ALA C 464 -22.61 -2.12 -2.47
CA ALA C 464 -21.78 -3.27 -2.86
C ALA C 464 -22.03 -3.59 -4.34
N MET C 465 -21.09 -4.28 -4.96
CA MET C 465 -21.28 -4.83 -6.33
C MET C 465 -22.15 -6.09 -6.22
N SER C 466 -22.87 -6.42 -7.29
CA SER C 466 -23.53 -7.74 -7.47
C SER C 466 -22.46 -8.84 -7.44
N LEU C 467 -22.88 -10.09 -7.35
CA LEU C 467 -21.98 -11.23 -7.73
C LEU C 467 -21.49 -10.98 -9.15
N PRO C 468 -20.22 -11.31 -9.48
CA PRO C 468 -19.79 -11.37 -10.87
C PRO C 468 -20.71 -12.37 -11.58
N ARG C 469 -20.99 -12.15 -12.86
CA ARG C 469 -21.95 -12.94 -13.65
C ARG C 469 -21.30 -13.46 -14.93
N ARG C 470 -21.58 -14.71 -15.27
CA ARG C 470 -21.45 -15.25 -16.64
C ARG C 470 -22.73 -14.95 -17.41
N ASN C 471 -22.61 -14.37 -18.60
CA ASN C 471 -23.75 -13.99 -19.45
C ASN C 471 -23.81 -14.93 -20.66
N TYR C 472 -25.02 -15.33 -21.04
CA TYR C 472 -25.34 -16.04 -22.31
C TYR C 472 -26.62 -15.44 -22.87
N LEU C 473 -26.91 -15.73 -24.13
CA LEU C 473 -28.24 -15.50 -24.75
C LEU C 473 -28.91 -16.86 -24.94
N THR C 474 -30.21 -16.91 -24.71
CA THR C 474 -31.04 -18.12 -24.97
C THR C 474 -32.40 -17.68 -25.49
N ASN C 475 -33.12 -18.60 -26.11
CA ASN C 475 -34.57 -18.49 -26.42
C ASN C 475 -35.33 -19.22 -25.31
N ILE C 476 -36.20 -18.52 -24.61
CA ILE C 476 -37.14 -19.12 -23.61
C ILE C 476 -38.49 -19.27 -24.29
N THR C 477 -39.30 -20.20 -23.81
CA THR C 477 -40.63 -20.55 -24.37
C THR C 477 -41.46 -19.27 -24.51
N ARG C 478 -42.02 -19.03 -25.70
CA ARG C 478 -42.96 -17.93 -26.06
C ARG C 478 -42.23 -16.59 -26.16
N LEU C 479 -41.58 -16.14 -25.08
CA LEU C 479 -40.96 -14.80 -24.96
C LEU C 479 -39.81 -14.63 -25.97
N GLY C 480 -39.10 -15.71 -26.32
CA GLY C 480 -37.92 -15.67 -27.20
C GLY C 480 -36.67 -15.14 -26.50
N TRP C 481 -36.06 -14.10 -27.06
CA TRP C 481 -34.70 -13.62 -26.65
C TRP C 481 -34.66 -13.39 -25.15
N ASP C 482 -33.58 -13.85 -24.50
CA ASP C 482 -33.40 -13.73 -23.04
C ASP C 482 -31.92 -13.61 -22.73
N LEU C 483 -31.56 -12.59 -21.94
CA LEU C 483 -30.18 -12.45 -21.40
C LEU C 483 -30.06 -13.35 -20.17
N VAL C 484 -29.24 -14.39 -20.25
CA VAL C 484 -28.98 -15.31 -19.12
C VAL C 484 -27.91 -14.68 -18.23
N SER C 485 -28.08 -14.79 -16.92
CA SER C 485 -27.12 -14.35 -15.89
C SER C 485 -26.95 -15.47 -14.88
N LEU C 486 -25.74 -15.99 -14.70
CA LEU C 486 -25.39 -16.95 -13.61
C LEU C 486 -24.23 -16.40 -12.81
N PRO C 487 -24.08 -16.77 -11.53
CA PRO C 487 -22.92 -16.36 -10.76
C PRO C 487 -21.67 -16.95 -11.42
N TYR C 488 -20.63 -16.13 -11.63
CA TYR C 488 -19.29 -16.60 -12.05
C TYR C 488 -18.79 -17.61 -11.01
N ASP C 489 -18.17 -18.68 -11.48
CA ASP C 489 -17.64 -19.82 -10.67
C ASP C 489 -17.50 -19.43 -9.19
N LEU C 490 -18.38 -19.95 -8.34
CA LEU C 490 -18.45 -19.67 -6.90
C LEU C 490 -17.55 -20.61 -6.10
N SER C 491 -16.94 -21.60 -6.76
CA SER C 491 -16.17 -22.70 -6.12
C SER C 491 -15.11 -22.14 -5.15
N PRO C 492 -14.40 -21.04 -5.45
CA PRO C 492 -13.38 -20.51 -4.53
C PRO C 492 -13.90 -20.03 -3.17
N VAL C 493 -15.21 -19.85 -3.00
CA VAL C 493 -15.80 -19.31 -1.75
C VAL C 493 -16.76 -20.33 -1.12
N VAL C 494 -17.01 -21.46 -1.77
CA VAL C 494 -17.96 -22.50 -1.26
C VAL C 494 -17.28 -23.26 -0.14
N GLY C 495 -17.83 -23.17 1.07
CA GLY C 495 -17.32 -23.88 2.26
C GLY C 495 -18.04 -25.20 2.47
N PRO C 496 -18.08 -25.70 3.73
CA PRO C 496 -18.68 -27.01 4.00
C PRO C 496 -20.21 -27.02 3.79
N SER C 497 -20.72 -28.15 3.28
CA SER C 497 -22.17 -28.42 3.07
C SER C 497 -22.93 -28.33 4.40
N LEU C 498 -24.06 -27.62 4.41
CA LEU C 498 -24.97 -27.52 5.57
C LEU C 498 -26.14 -28.51 5.41
N LEU C 499 -26.47 -28.88 4.18
CA LEU C 499 -27.60 -29.79 3.87
C LEU C 499 -27.50 -30.30 2.45
N SER C 500 -27.69 -31.61 2.26
CA SER C 500 -28.01 -32.26 0.96
C SER C 500 -29.22 -33.16 1.19
N SER C 501 -30.33 -32.86 0.52
CA SER C 501 -31.64 -33.57 0.70
C SER C 501 -32.19 -33.94 -0.68
N SER C 502 -32.94 -35.05 -0.75
CA SER C 502 -33.62 -35.56 -1.98
C SER C 502 -35.10 -35.77 -1.71
N GLU C 503 -35.60 -35.24 -0.59
CA GLU C 503 -37.05 -35.36 -0.22
C GLU C 503 -37.85 -34.32 -1.01
N ALA C 504 -38.90 -34.77 -1.69
CA ALA C 504 -40.03 -33.96 -2.20
C ALA C 504 -41.06 -33.80 -1.07
N ASN C 505 -41.93 -32.78 -1.15
CA ASN C 505 -43.06 -32.59 -0.19
C ASN C 505 -42.55 -32.47 1.25
N SER C 506 -41.33 -31.97 1.44
CA SER C 506 -40.67 -31.83 2.77
C SER C 506 -40.33 -30.37 3.03
N THR C 507 -40.19 -30.04 4.31
CA THR C 507 -39.64 -28.77 4.82
C THR C 507 -38.26 -29.07 5.40
N ALA C 508 -37.21 -28.52 4.79
CA ALA C 508 -35.82 -28.54 5.30
C ALA C 508 -35.59 -27.27 6.10
N ASP C 509 -35.23 -27.40 7.38
CA ASP C 509 -34.73 -26.27 8.23
C ASP C 509 -33.21 -26.34 8.27
N VAL C 510 -32.54 -25.27 7.84
CA VAL C 510 -31.05 -25.19 7.78
C VAL C 510 -30.63 -24.01 8.65
N ASP C 511 -30.01 -24.30 9.80
CA ASP C 511 -29.40 -23.30 10.69
C ASP C 511 -27.99 -22.99 10.18
N PHE C 512 -27.62 -21.72 10.07
CA PHE C 512 -26.23 -21.31 9.70
C PHE C 512 -25.76 -20.19 10.64
N THR C 513 -26.16 -20.27 11.90
CA THR C 513 -25.64 -19.40 13.00
C THR C 513 -24.15 -19.66 13.19
N ASN C 514 -23.68 -20.89 12.92
CA ASN C 514 -22.27 -21.34 13.08
C ASN C 514 -21.42 -20.98 11.85
N VAL C 515 -22.02 -20.46 10.76
CA VAL C 515 -21.29 -19.96 9.56
C VAL C 515 -20.97 -18.49 9.80
N THR C 516 -19.70 -18.17 10.07
CA THR C 516 -19.26 -16.83 10.54
C THR C 516 -19.48 -15.79 9.44
N SER C 517 -19.32 -16.18 8.16
CA SER C 517 -19.58 -15.30 6.99
C SER C 517 -21.03 -14.79 7.03
N ASN C 518 -21.96 -15.59 7.56
CA ASN C 518 -23.41 -15.29 7.55
C ASN C 518 -23.84 -15.23 6.08
N ALA C 519 -23.24 -16.08 5.24
CA ALA C 519 -23.42 -16.12 3.79
C ALA C 519 -23.57 -17.58 3.35
N VAL C 520 -24.64 -17.87 2.59
CA VAL C 520 -24.95 -19.25 2.14
C VAL C 520 -25.23 -19.22 0.63
N TRP C 521 -24.80 -20.29 -0.03
CA TRP C 521 -25.22 -20.66 -1.41
C TRP C 521 -26.25 -21.79 -1.26
N PHE C 522 -27.28 -21.78 -2.09
CA PHE C 522 -28.27 -22.88 -2.16
C PHE C 522 -28.62 -23.14 -3.63
N SER C 523 -28.87 -24.40 -3.93
CA SER C 523 -29.28 -24.91 -5.25
C SER C 523 -30.48 -25.83 -5.02
N LEU C 524 -31.60 -25.55 -5.69
CA LEU C 524 -32.82 -26.39 -5.65
C LEU C 524 -33.15 -26.82 -7.08
N ASN C 525 -32.99 -28.11 -7.39
CA ASN C 525 -33.42 -28.71 -8.68
C ASN C 525 -34.72 -29.46 -8.45
N VAL C 526 -35.72 -29.22 -9.30
CA VAL C 526 -37.03 -29.93 -9.29
C VAL C 526 -37.26 -30.48 -10.71
N THR C 527 -37.22 -31.80 -10.86
CA THR C 527 -37.49 -32.50 -12.15
C THR C 527 -38.88 -33.13 -12.06
N LEU C 528 -39.84 -32.55 -12.78
CA LEU C 528 -41.19 -33.12 -12.88
C LEU C 528 -41.11 -34.41 -13.68
N PRO C 529 -42.00 -35.40 -13.41
CA PRO C 529 -42.06 -36.61 -14.23
C PRO C 529 -42.53 -36.26 -15.65
N ASP C 530 -42.15 -37.08 -16.63
CA ASP C 530 -42.58 -36.93 -18.04
C ASP C 530 -44.09 -36.73 -18.14
N ALA C 531 -44.87 -37.40 -17.27
CA ALA C 531 -46.34 -37.30 -17.22
C ALA C 531 -46.79 -35.84 -17.04
N ALA C 532 -46.18 -35.12 -16.11
CA ALA C 532 -46.54 -33.73 -15.72
C ALA C 532 -46.07 -32.75 -16.82
N ILE C 533 -45.04 -33.12 -17.57
CA ILE C 533 -44.52 -32.33 -18.73
C ILE C 533 -45.50 -32.45 -19.91
N GLN C 534 -46.09 -33.63 -20.13
CA GLN C 534 -46.97 -33.89 -21.30
C GLN C 534 -48.41 -33.43 -20.99
N ASN C 535 -48.81 -33.44 -19.72
CA ASN C 535 -50.11 -32.93 -19.26
C ASN C 535 -49.88 -32.08 -17.99
N ALA C 536 -49.78 -30.75 -18.15
CA ALA C 536 -49.55 -29.80 -17.03
C ALA C 536 -50.77 -29.75 -16.10
N SER C 537 -51.94 -30.15 -16.61
CA SER C 537 -53.24 -30.16 -15.87
C SER C 537 -53.15 -31.14 -14.70
N LEU C 538 -52.20 -32.08 -14.75
CA LEU C 538 -51.97 -33.11 -13.71
C LEU C 538 -51.39 -32.46 -12.44
N ILE C 539 -50.72 -31.31 -12.56
CA ILE C 539 -50.04 -30.64 -11.42
C ILE C 539 -51.12 -30.02 -10.51
N SER C 540 -51.07 -30.32 -9.22
CA SER C 540 -52.05 -29.83 -8.22
C SER C 540 -51.89 -28.31 -8.06
N ALA C 541 -52.97 -27.62 -7.74
CA ALA C 541 -53.03 -26.16 -7.49
C ALA C 541 -52.11 -25.77 -6.32
N ASP C 542 -51.79 -26.72 -5.44
CA ASP C 542 -50.99 -26.52 -4.20
C ASP C 542 -49.49 -26.70 -4.51
N ALA C 543 -49.13 -27.22 -5.69
CA ALA C 543 -47.73 -27.47 -6.10
C ALA C 543 -46.94 -26.16 -5.98
N SER C 544 -46.03 -26.08 -5.01
CA SER C 544 -45.38 -24.81 -4.62
C SER C 544 -44.02 -25.05 -3.98
N ILE C 545 -43.16 -24.04 -4.05
CA ILE C 545 -41.85 -23.94 -3.36
C ILE C 545 -41.91 -22.68 -2.49
N ASN C 546 -41.60 -22.80 -1.20
CA ASN C 546 -41.53 -21.67 -0.25
C ASN C 546 -40.16 -21.69 0.41
N ILE C 547 -39.35 -20.66 0.14
CA ILE C 547 -38.06 -20.44 0.83
C ILE C 547 -38.19 -19.20 1.71
N THR C 548 -37.80 -19.30 2.97
CA THR C 548 -37.83 -18.17 3.94
C THR C 548 -36.46 -18.09 4.62
N PHE C 549 -35.97 -16.88 4.83
CA PHE C 549 -34.75 -16.59 5.64
C PHE C 549 -35.21 -15.98 6.97
N LEU C 550 -34.91 -16.63 8.08
CA LEU C 550 -35.51 -16.31 9.41
C LEU C 550 -34.44 -15.67 10.29
N PRO C 551 -34.85 -14.78 11.21
CA PRO C 551 -33.90 -14.07 12.06
C PRO C 551 -33.19 -15.04 13.03
N SER C 552 -31.97 -14.67 13.43
CA SER C 552 -31.16 -15.39 14.45
C SER C 552 -31.79 -15.14 15.82
N THR C 553 -31.91 -16.18 16.65
CA THR C 553 -32.37 -16.07 18.05
C THR C 553 -31.19 -15.68 18.97
N LYS C 554 -29.96 -15.88 18.49
CA LYS C 554 -28.71 -15.69 19.29
C LYS C 554 -28.17 -14.27 19.13
N CYS C 555 -28.33 -13.66 17.95
CA CYS C 555 -27.73 -12.35 17.59
C CYS C 555 -28.80 -11.26 17.41
N SER C 556 -30.04 -11.49 17.85
CA SER C 556 -31.20 -10.58 17.59
C SER C 556 -30.93 -9.18 18.16
N SER C 557 -31.43 -8.13 17.48
CA SER C 557 -31.39 -6.70 17.90
C SER C 557 -32.06 -6.52 19.28
N SER C 558 -33.04 -7.40 19.61
CA SER C 558 -33.81 -7.45 20.87
C SER C 558 -34.94 -6.41 20.86
N SER C 559 -35.11 -5.68 19.75
CA SER C 559 -36.09 -4.58 19.58
C SER C 559 -37.53 -5.13 19.62
N SER C 563 -40.48 -9.16 15.03
CA SER C 563 -39.25 -9.84 15.50
C SER C 563 -39.09 -11.19 14.79
N ASP C 564 -40.17 -11.95 14.58
CA ASP C 564 -40.06 -13.34 14.02
C ASP C 564 -40.28 -13.30 12.51
N SER C 565 -40.65 -12.12 11.96
CA SER C 565 -40.83 -11.93 10.49
C SER C 565 -39.61 -12.43 9.74
N PRO C 566 -39.81 -13.19 8.63
CA PRO C 566 -38.70 -13.51 7.73
C PRO C 566 -38.02 -12.23 7.22
N ALA C 567 -36.72 -12.30 6.95
CA ALA C 567 -35.92 -11.21 6.36
C ALA C 567 -36.16 -11.19 4.85
N ALA C 568 -36.43 -12.35 4.27
CA ALA C 568 -36.64 -12.52 2.82
C ALA C 568 -37.48 -13.77 2.58
N THR C 569 -38.34 -13.72 1.56
CA THR C 569 -39.17 -14.89 1.19
C THR C 569 -39.12 -15.08 -0.32
N LEU C 570 -39.17 -16.34 -0.75
CA LEU C 570 -39.38 -16.68 -2.17
C LEU C 570 -40.53 -17.66 -2.25
N THR C 571 -41.55 -17.33 -3.04
CA THR C 571 -42.70 -18.23 -3.28
C THR C 571 -42.87 -18.47 -4.77
N TYR C 572 -42.94 -19.73 -5.18
CA TYR C 572 -43.28 -20.14 -6.58
C TYR C 572 -44.49 -21.07 -6.57
N PHE C 573 -45.40 -20.88 -7.53
CA PHE C 573 -46.57 -21.76 -7.81
C PHE C 573 -46.41 -22.38 -9.19
N TYR C 574 -46.46 -23.71 -9.28
CA TYR C 574 -46.42 -24.48 -10.55
C TYR C 574 -47.74 -24.29 -11.30
N ALA C 575 -48.84 -24.09 -10.58
CA ALA C 575 -50.21 -24.05 -11.14
C ALA C 575 -51.10 -23.16 -10.28
N GLY C 576 -52.39 -23.45 -10.20
CA GLY C 576 -53.36 -22.65 -9.41
C GLY C 576 -53.69 -21.36 -10.16
N LEU C 577 -54.17 -20.35 -9.43
CA LEU C 577 -54.70 -19.10 -10.00
C LEU C 577 -53.55 -18.18 -10.44
N THR C 578 -52.37 -18.29 -9.82
CA THR C 578 -51.13 -17.54 -10.22
C THR C 578 -50.07 -18.54 -10.71
N ASN C 579 -50.41 -19.34 -11.72
CA ASN C 579 -49.52 -20.38 -12.28
C ASN C 579 -48.25 -19.72 -12.84
N GLY C 580 -47.10 -20.22 -12.43
CA GLY C 580 -45.78 -19.78 -12.91
C GLY C 580 -45.28 -18.54 -12.17
N ALA C 581 -46.07 -17.99 -11.26
CA ALA C 581 -45.75 -16.74 -10.53
C ALA C 581 -44.69 -17.03 -9.46
N LEU C 582 -43.55 -16.38 -9.56
CA LEU C 582 -42.47 -16.39 -8.56
C LEU C 582 -42.49 -15.04 -7.83
N ALA C 583 -42.63 -15.06 -6.51
CA ALA C 583 -42.61 -13.84 -5.68
C ALA C 583 -41.32 -13.80 -4.86
N LEU C 584 -40.65 -12.66 -4.88
CA LEU C 584 -39.47 -12.40 -4.03
C LEU C 584 -39.85 -11.25 -3.09
N THR C 585 -39.70 -11.42 -1.78
CA THR C 585 -40.17 -10.37 -0.82
C THR C 585 -39.08 -10.02 0.21
N ARG C 586 -39.06 -8.77 0.63
CA ARG C 586 -38.22 -8.33 1.79
C ARG C 586 -39.22 -7.76 2.79
N PRO C 587 -39.83 -8.60 3.66
CA PRO C 587 -40.95 -8.19 4.50
C PRO C 587 -40.62 -6.94 5.32
N ALA C 588 -41.45 -5.91 5.19
CA ALA C 588 -41.28 -4.63 5.90
C ALA C 588 -41.21 -4.86 7.41
N ALA C 589 -42.06 -5.74 7.94
CA ALA C 589 -42.15 -6.04 9.39
C ALA C 589 -40.76 -6.42 9.95
N SER C 590 -39.85 -6.90 9.12
CA SER C 590 -38.49 -7.40 9.52
C SER C 590 -37.49 -6.24 9.63
N SER C 591 -37.80 -5.06 9.08
CA SER C 591 -36.86 -3.94 8.94
C SER C 591 -37.58 -2.62 9.22
N SER C 592 -37.26 -2.00 10.35
CA SER C 592 -37.74 -0.64 10.76
C SER C 592 -37.33 0.39 9.70
N TRP C 593 -36.08 0.34 9.26
CA TRP C 593 -35.54 1.27 8.24
C TRP C 593 -36.29 1.07 6.91
N GLY C 594 -36.39 -0.18 6.46
CA GLY C 594 -37.04 -0.54 5.19
C GLY C 594 -38.51 -0.15 5.17
N ALA C 595 -39.20 -0.37 6.27
CA ALA C 595 -40.64 -0.02 6.45
C ALA C 595 -40.82 1.47 6.23
N GLU C 596 -39.94 2.29 6.82
CA GLU C 596 -40.08 3.77 6.85
C GLU C 596 -39.68 4.38 5.51
N ASN C 597 -38.73 3.79 4.78
CA ASN C 597 -38.22 4.38 3.52
C ASN C 597 -39.30 4.23 2.44
N PRO C 598 -39.82 5.34 1.89
CA PRO C 598 -40.96 5.28 0.98
C PRO C 598 -40.70 4.66 -0.39
N PHE C 599 -39.43 4.42 -0.75
CA PHE C 599 -39.04 3.83 -2.07
C PHE C 599 -38.54 2.37 -1.92
N PHE C 600 -38.36 1.86 -0.69
CA PHE C 600 -37.83 0.51 -0.41
C PHE C 600 -38.96 -0.53 -0.56
N THR C 601 -39.26 -0.87 -1.81
CA THR C 601 -40.35 -1.79 -2.21
C THR C 601 -40.16 -3.15 -1.53
N ASP C 602 -41.24 -3.74 -1.02
CA ASP C 602 -41.20 -5.00 -0.24
C ASP C 602 -41.26 -6.23 -1.17
N LYS C 603 -41.95 -6.16 -2.31
CA LYS C 603 -42.36 -7.37 -3.08
C LYS C 603 -42.04 -7.22 -4.57
N PHE C 604 -41.45 -8.25 -5.15
CA PHE C 604 -41.11 -8.36 -6.60
C PHE C 604 -41.61 -9.70 -7.13
N SER C 605 -41.90 -9.79 -8.41
CA SER C 605 -42.38 -11.05 -9.03
C SER C 605 -41.95 -11.15 -10.49
N TYR C 606 -41.81 -12.38 -10.96
CA TYR C 606 -41.61 -12.77 -12.37
C TYR C 606 -42.51 -13.99 -12.60
N THR C 607 -43.16 -14.06 -13.77
CA THR C 607 -44.01 -15.21 -14.15
C THR C 607 -43.29 -16.03 -15.22
N LEU C 608 -43.02 -17.31 -14.92
CA LEU C 608 -42.45 -18.26 -15.90
C LEU C 608 -43.58 -18.79 -16.79
N VAL C 609 -43.25 -19.22 -18.00
CA VAL C 609 -44.12 -20.07 -18.85
C VAL C 609 -43.76 -21.53 -18.56
N ASP C 610 -42.49 -21.88 -18.72
CA ASP C 610 -41.96 -23.22 -18.35
C ASP C 610 -42.04 -23.37 -16.84
N PRO C 611 -42.26 -24.61 -16.32
CA PRO C 611 -42.13 -24.84 -14.88
C PRO C 611 -40.71 -24.52 -14.38
N LEU C 612 -40.60 -24.15 -13.11
CA LEU C 612 -39.30 -23.97 -12.42
C LEU C 612 -38.62 -25.33 -12.28
N THR C 613 -37.45 -25.50 -12.89
CA THR C 613 -36.63 -26.73 -12.83
C THR C 613 -35.35 -26.52 -11.99
N SER C 614 -34.80 -25.30 -11.97
CA SER C 614 -33.60 -24.97 -11.17
C SER C 614 -33.73 -23.59 -10.51
N LEU C 615 -33.18 -23.48 -9.31
CA LEU C 615 -33.15 -22.25 -8.49
C LEU C 615 -31.80 -22.22 -7.75
N VAL C 616 -30.95 -21.26 -8.10
CA VAL C 616 -29.68 -20.96 -7.37
C VAL C 616 -29.88 -19.63 -6.63
N GLY C 617 -29.35 -19.56 -5.42
CA GLY C 617 -29.43 -18.36 -4.56
C GLY C 617 -28.14 -18.17 -3.79
N VAL C 618 -27.75 -16.91 -3.61
CA VAL C 618 -26.68 -16.52 -2.65
C VAL C 618 -27.29 -15.48 -1.70
N PHE C 619 -27.25 -15.75 -0.41
CA PHE C 619 -27.53 -14.77 0.68
C PHE C 619 -26.19 -14.35 1.27
N ASP C 620 -25.97 -13.04 1.40
CA ASP C 620 -24.68 -12.50 1.93
C ASP C 620 -24.97 -11.32 2.86
N ARG C 621 -25.48 -11.60 4.07
CA ARG C 621 -25.69 -10.65 5.20
C ARG C 621 -26.82 -9.66 4.89
N SER C 622 -26.67 -8.84 3.85
CA SER C 622 -27.62 -7.74 3.51
C SER C 622 -28.10 -7.84 2.05
N MET C 623 -27.86 -8.96 1.38
CA MET C 623 -28.10 -9.15 -0.09
C MET C 623 -28.61 -10.55 -0.35
N LEU C 624 -29.63 -10.69 -1.19
CA LEU C 624 -30.08 -11.98 -1.76
C LEU C 624 -30.08 -11.86 -3.29
N GLU C 625 -29.38 -12.78 -3.97
CA GLU C 625 -29.43 -12.93 -5.44
C GLU C 625 -30.02 -14.30 -5.78
N VAL C 626 -31.02 -14.35 -6.65
CA VAL C 626 -31.65 -15.62 -7.10
C VAL C 626 -31.52 -15.73 -8.64
N PHE C 627 -31.30 -16.95 -9.11
CA PHE C 627 -31.15 -17.31 -10.53
C PHE C 627 -32.10 -18.47 -10.81
N VAL C 628 -32.98 -18.31 -11.79
CA VAL C 628 -34.10 -19.27 -12.06
C VAL C 628 -33.89 -19.89 -13.44
N ASN C 629 -33.99 -21.23 -13.53
CA ASN C 629 -33.92 -22.02 -14.77
C ASN C 629 -32.63 -21.73 -15.52
N GLU C 630 -31.50 -22.05 -14.91
CA GLU C 630 -30.13 -21.88 -15.46
C GLU C 630 -29.90 -20.40 -15.79
N GLY C 631 -30.34 -19.51 -14.91
CA GLY C 631 -30.04 -18.08 -14.98
C GLY C 631 -30.89 -17.35 -16.02
N ALA C 632 -31.95 -17.98 -16.53
CA ALA C 632 -32.88 -17.38 -17.51
C ALA C 632 -33.47 -16.10 -16.91
N HIS C 633 -33.81 -16.16 -15.62
CA HIS C 633 -34.40 -15.03 -14.84
C HIS C 633 -33.57 -14.85 -13.58
N SER C 634 -33.43 -13.60 -13.14
CA SER C 634 -32.40 -13.18 -12.18
C SER C 634 -32.95 -12.00 -11.38
N ALA C 635 -32.69 -11.97 -10.08
CA ALA C 635 -33.10 -10.84 -9.19
C ALA C 635 -32.03 -10.63 -8.13
N THR C 636 -31.64 -9.36 -7.93
CA THR C 636 -30.76 -8.87 -6.86
C THR C 636 -31.65 -8.05 -5.90
N MET C 637 -31.63 -8.37 -4.61
CA MET C 637 -32.45 -7.68 -3.59
C MET C 637 -31.62 -7.41 -2.32
N LEU C 638 -31.48 -6.15 -1.94
CA LEU C 638 -30.91 -5.73 -0.64
C LEU C 638 -31.92 -6.03 0.47
N VAL C 639 -31.44 -6.52 1.60
CA VAL C 639 -32.25 -6.70 2.85
C VAL C 639 -31.46 -6.12 4.04
N PHE C 640 -32.12 -5.33 4.88
CA PHE C 640 -31.54 -4.72 6.11
C PHE C 640 -32.44 -5.10 7.28
N PRO C 641 -32.53 -6.40 7.63
CA PRO C 641 -33.33 -6.83 8.76
C PRO C 641 -32.74 -6.30 10.08
N ASP C 642 -33.60 -5.95 11.04
CA ASP C 642 -33.21 -5.44 12.38
C ASP C 642 -32.30 -6.48 13.04
N SER C 643 -32.64 -7.76 12.88
CA SER C 643 -31.88 -8.92 13.40
C SER C 643 -31.22 -9.67 12.25
N PRO C 644 -29.94 -10.08 12.37
CA PRO C 644 -29.30 -10.84 11.30
C PRO C 644 -30.02 -12.16 11.05
N VAL C 645 -29.96 -12.66 9.81
CA VAL C 645 -30.52 -13.97 9.41
C VAL C 645 -29.62 -15.06 10.00
N GLY C 646 -30.21 -16.11 10.59
CA GLY C 646 -29.49 -17.26 11.17
C GLY C 646 -29.95 -18.60 10.63
N SER C 647 -30.99 -18.61 9.79
CA SER C 647 -31.73 -19.83 9.40
C SER C 647 -32.45 -19.63 8.06
N MET C 648 -32.64 -20.70 7.29
CA MET C 648 -33.56 -20.70 6.12
C MET C 648 -34.40 -21.99 6.11
N LYS C 649 -35.70 -21.86 5.81
CA LYS C 649 -36.61 -23.00 5.57
C LYS C 649 -36.82 -23.15 4.06
N VAL C 650 -36.72 -24.39 3.57
CA VAL C 650 -37.04 -24.75 2.15
C VAL C 650 -38.18 -25.77 2.19
N ALA C 651 -39.40 -25.35 1.87
CA ALA C 651 -40.59 -26.21 1.78
C ALA C 651 -40.94 -26.43 0.29
N THR C 652 -41.17 -27.69 -0.09
CA THR C 652 -41.88 -28.06 -1.34
C THR C 652 -43.18 -28.76 -0.93
N GLY C 653 -44.24 -28.63 -1.74
CA GLY C 653 -45.56 -29.20 -1.43
C GLY C 653 -46.33 -29.48 -2.71
N GLY C 654 -47.23 -30.48 -2.68
CA GLY C 654 -48.22 -30.77 -3.72
C GLY C 654 -47.59 -31.14 -5.05
N LEU C 655 -46.34 -31.58 -5.06
CA LEU C 655 -45.63 -31.94 -6.31
C LEU C 655 -46.18 -33.26 -6.86
N PRO C 656 -46.27 -33.45 -8.19
CA PRO C 656 -46.75 -34.70 -8.77
C PRO C 656 -45.94 -35.93 -8.30
N GLU C 657 -46.59 -37.09 -8.30
CA GLU C 657 -45.95 -38.42 -8.01
C GLU C 657 -44.76 -38.59 -8.94
N GLY C 658 -43.59 -38.91 -8.39
CA GLY C 658 -42.35 -39.18 -9.14
C GLY C 658 -41.50 -37.94 -9.38
N THR C 659 -41.89 -36.79 -8.82
CA THR C 659 -41.08 -35.54 -8.87
C THR C 659 -39.79 -35.76 -8.09
N GLN C 660 -38.65 -35.48 -8.72
CA GLN C 660 -37.30 -35.54 -8.10
C GLN C 660 -36.93 -34.13 -7.64
N VAL C 661 -36.63 -33.99 -6.34
CA VAL C 661 -36.17 -32.72 -5.70
C VAL C 661 -34.77 -32.95 -5.15
N ASN C 662 -33.82 -32.08 -5.50
CA ASN C 662 -32.45 -32.09 -4.96
C ASN C 662 -32.12 -30.71 -4.38
N LEU C 663 -31.92 -30.65 -3.07
CA LEU C 663 -31.57 -29.41 -2.33
C LEU C 663 -30.13 -29.53 -1.83
N GLN C 664 -29.28 -28.59 -2.25
CA GLN C 664 -27.89 -28.45 -1.77
C GLN C 664 -27.76 -27.05 -1.14
N VAL C 665 -27.28 -26.97 0.09
CA VAL C 665 -27.03 -25.70 0.82
C VAL C 665 -25.61 -25.75 1.38
N ASN C 666 -24.79 -24.76 1.04
CA ASN C 666 -23.39 -24.72 1.51
C ASN C 666 -23.17 -23.34 2.13
N GLY C 667 -22.45 -23.30 3.26
CA GLY C 667 -21.96 -22.05 3.84
C GLY C 667 -20.86 -21.50 2.98
N LEU C 668 -20.74 -20.17 2.89
CA LEU C 668 -19.70 -19.53 2.04
C LEU C 668 -18.60 -18.98 2.94
N GLU C 669 -17.37 -19.01 2.47
CA GLU C 669 -16.21 -18.56 3.26
C GLU C 669 -15.95 -17.10 2.94
N SER C 670 -15.77 -16.28 3.99
CA SER C 670 -15.48 -14.84 3.85
C SER C 670 -14.19 -14.63 3.04
N THR C 671 -14.21 -13.66 2.13
CA THR C 671 -13.09 -13.28 1.24
C THR C 671 -12.24 -12.21 1.93
N TRP C 672 -12.73 -11.62 3.01
CA TRP C 672 -12.02 -10.58 3.82
C TRP C 672 -11.48 -11.22 5.11
N CYS D 143 -71.29 2.52 11.31
CA CYS D 143 -70.09 2.00 10.57
C CYS D 143 -70.55 1.03 9.47
N ALA D 144 -69.98 1.16 8.28
CA ALA D 144 -70.29 0.30 7.11
C ALA D 144 -70.06 -1.15 7.49
N PRO D 145 -70.96 -2.07 7.08
CA PRO D 145 -70.79 -3.50 7.36
C PRO D 145 -69.50 -4.07 6.74
N THR D 146 -68.77 -4.91 7.48
CA THR D 146 -67.53 -5.57 7.00
C THR D 146 -67.91 -6.94 6.43
N SER D 147 -69.00 -7.50 6.95
CA SER D 147 -69.62 -8.75 6.44
C SER D 147 -71.10 -8.47 6.17
N LEU D 148 -71.66 -9.11 5.14
CA LEU D 148 -73.07 -8.92 4.73
C LEU D 148 -73.84 -10.20 5.02
N PRO D 149 -75.20 -10.13 5.07
CA PRO D 149 -76.04 -11.33 5.17
C PRO D 149 -75.80 -12.31 4.01
N ALA D 150 -76.04 -13.59 4.23
CA ALA D 150 -75.88 -14.69 3.23
C ALA D 150 -76.74 -14.40 2.00
N SER D 151 -77.92 -13.81 2.18
CA SER D 151 -78.84 -13.36 1.10
C SER D 151 -78.07 -12.53 0.06
N ALA D 152 -77.16 -11.67 0.51
CA ALA D 152 -76.43 -10.68 -0.32
C ALA D 152 -75.20 -11.33 -0.99
N THR D 153 -74.58 -12.34 -0.37
CA THR D 153 -73.30 -12.94 -0.85
C THR D 153 -73.56 -14.24 -1.61
N GLU D 154 -74.61 -14.99 -1.27
CA GLU D 154 -74.89 -16.32 -1.89
C GLU D 154 -75.17 -16.09 -3.38
N LEU D 155 -74.46 -16.82 -4.23
CA LEU D 155 -74.59 -16.76 -5.71
C LEU D 155 -75.54 -17.86 -6.15
N PRO D 156 -76.36 -17.65 -7.20
CA PRO D 156 -77.22 -18.71 -7.72
C PRO D 156 -76.38 -19.81 -8.42
N THR D 157 -76.95 -21.01 -8.58
CA THR D 157 -76.28 -22.18 -9.23
C THR D 157 -76.52 -22.14 -10.74
N THR D 158 -77.57 -21.44 -11.19
CA THR D 158 -77.89 -21.23 -12.62
C THR D 158 -77.89 -19.72 -12.91
N VAL D 159 -77.46 -19.32 -14.11
CA VAL D 159 -77.32 -17.89 -14.50
C VAL D 159 -78.72 -17.32 -14.70
N PRO D 160 -79.07 -16.20 -14.05
CA PRO D 160 -80.35 -15.53 -14.30
C PRO D 160 -80.40 -14.85 -15.68
N THR D 161 -81.50 -15.05 -16.40
CA THR D 161 -81.77 -14.45 -17.75
C THR D 161 -82.90 -13.43 -17.66
N GLY D 162 -82.75 -12.28 -18.31
CA GLY D 162 -83.79 -11.24 -18.47
C GLY D 162 -84.17 -10.55 -17.17
N THR D 163 -83.37 -10.73 -16.10
CA THR D 163 -83.64 -10.18 -14.74
C THR D 163 -82.38 -9.47 -14.22
N VAL D 164 -82.55 -8.30 -13.62
CA VAL D 164 -81.45 -7.53 -12.97
C VAL D 164 -81.06 -8.25 -11.68
N ILE D 165 -79.79 -8.62 -11.53
CA ILE D 165 -79.23 -9.23 -10.28
C ILE D 165 -79.13 -8.12 -9.23
N THR D 166 -79.85 -8.26 -8.12
CA THR D 166 -79.87 -7.24 -7.02
C THR D 166 -78.54 -7.30 -6.26
N GLY D 167 -78.05 -6.16 -5.81
CA GLY D 167 -76.76 -6.04 -5.13
C GLY D 167 -76.85 -5.19 -3.88
N ASP D 168 -76.13 -5.61 -2.84
CA ASP D 168 -75.89 -4.81 -1.61
C ASP D 168 -74.54 -4.07 -1.76
N TYR D 169 -74.59 -2.75 -1.86
CA TYR D 169 -73.43 -1.86 -2.15
C TYR D 169 -72.97 -1.11 -0.88
N THR D 170 -73.18 -1.69 0.30
CA THR D 170 -72.95 -1.02 1.62
C THR D 170 -71.63 -1.47 2.26
N GLY D 171 -70.97 -2.51 1.72
CA GLY D 171 -69.69 -3.03 2.24
C GLY D 171 -68.65 -1.94 2.50
N SER D 172 -67.81 -2.15 3.51
CA SER D 172 -66.73 -1.20 3.94
C SER D 172 -65.67 -1.04 2.84
N TYR D 173 -65.54 -2.04 1.95
CA TYR D 173 -64.57 -2.02 0.81
C TYR D 173 -65.28 -1.68 -0.51
N ARG D 174 -66.62 -1.59 -0.51
CA ARG D 174 -67.40 -1.37 -1.75
C ARG D 174 -67.24 0.09 -2.17
N PRO D 175 -66.62 0.36 -3.35
CA PRO D 175 -66.53 1.74 -3.85
C PRO D 175 -67.91 2.32 -4.15
N GLN D 176 -68.06 3.63 -3.95
CA GLN D 176 -69.37 4.34 -3.98
C GLN D 176 -69.46 5.21 -5.22
N VAL D 177 -68.34 5.47 -5.92
CA VAL D 177 -68.34 6.32 -7.16
C VAL D 177 -67.70 5.54 -8.32
N HIS D 178 -67.24 4.32 -8.07
CA HIS D 178 -66.69 3.42 -9.10
C HIS D 178 -67.72 2.32 -9.39
N TYR D 179 -67.75 1.77 -10.60
CA TYR D 179 -68.65 0.63 -10.88
C TYR D 179 -68.05 -0.68 -10.37
N SER D 180 -68.90 -1.50 -9.75
CA SER D 180 -68.60 -2.90 -9.38
C SER D 180 -69.89 -3.70 -9.56
N PRO D 181 -69.82 -5.02 -9.81
CA PRO D 181 -71.01 -5.80 -10.13
C PRO D 181 -71.87 -6.00 -8.89
N PRO D 182 -73.20 -6.18 -9.05
CA PRO D 182 -74.11 -6.34 -7.90
C PRO D 182 -73.65 -7.50 -7.01
N LYS D 183 -73.34 -8.65 -7.61
CA LYS D 183 -72.52 -9.69 -6.95
C LYS D 183 -71.78 -10.54 -8.00
N GLY D 184 -70.78 -11.27 -7.56
CA GLY D 184 -69.94 -12.12 -8.43
C GLY D 184 -68.60 -11.47 -8.75
N PHE D 185 -67.92 -12.00 -9.75
CA PHE D 185 -66.54 -11.61 -10.16
C PHE D 185 -66.61 -10.89 -11.50
N MET D 186 -66.02 -9.72 -11.57
CA MET D 186 -65.93 -8.90 -12.79
C MET D 186 -64.46 -8.72 -13.18
N ASN D 187 -64.15 -8.73 -14.48
CA ASN D 187 -62.80 -8.33 -14.95
C ASN D 187 -62.99 -7.29 -16.08
N ALA D 188 -62.40 -7.50 -17.26
CA ALA D 188 -62.23 -6.44 -18.29
C ALA D 188 -63.54 -5.76 -18.65
N PRO D 189 -63.54 -4.43 -18.93
CA PRO D 189 -64.69 -3.78 -19.54
C PRO D 189 -64.84 -4.22 -20.99
N ASN D 190 -66.07 -4.30 -21.49
CA ASN D 190 -66.38 -4.75 -22.89
C ASN D 190 -67.47 -3.88 -23.52
N GLY D 191 -67.52 -3.83 -24.85
CA GLY D 191 -68.64 -3.23 -25.61
C GLY D 191 -68.96 -1.80 -25.26
N CYS D 192 -68.03 -1.11 -24.62
CA CYS D 192 -68.17 0.31 -24.21
C CYS D 192 -68.55 1.18 -25.40
N HIS D 193 -69.72 1.83 -25.31
CA HIS D 193 -70.21 2.78 -26.33
C HIS D 193 -71.26 3.71 -25.71
N ARG D 194 -71.47 4.85 -26.37
CA ARG D 194 -72.54 5.82 -26.07
C ARG D 194 -73.61 5.66 -27.16
N ASP D 195 -74.87 5.42 -26.77
CA ASP D 195 -76.01 5.41 -27.73
C ASP D 195 -76.33 6.86 -28.09
N ARG D 196 -77.16 7.06 -29.12
CA ARG D 196 -77.47 8.40 -29.70
C ARG D 196 -78.20 9.30 -28.67
N ASN D 197 -78.97 8.72 -27.75
CA ASN D 197 -79.72 9.44 -26.68
C ASN D 197 -78.79 9.80 -25.49
N GLY D 198 -77.50 9.48 -25.57
CA GLY D 198 -76.46 9.92 -24.62
C GLY D 198 -76.23 8.95 -23.47
N THR D 199 -76.83 7.76 -23.52
CA THR D 199 -76.65 6.69 -22.51
C THR D 199 -75.34 5.95 -22.81
N TYR D 200 -74.47 5.89 -21.82
CA TYR D 200 -73.20 5.13 -21.91
C TYR D 200 -73.50 3.69 -21.51
N HIS D 201 -73.13 2.74 -22.37
CA HIS D 201 -73.31 1.32 -22.10
C HIS D 201 -71.98 0.74 -21.68
N LEU D 202 -71.92 0.15 -20.49
CA LEU D 202 -70.72 -0.55 -20.02
C LEU D 202 -71.03 -2.05 -19.94
N TYR D 203 -70.35 -2.86 -20.75
CA TYR D 203 -70.41 -4.33 -20.59
C TYR D 203 -69.10 -4.71 -19.88
N TYR D 204 -69.07 -5.92 -19.34
CA TYR D 204 -67.89 -6.36 -18.58
C TYR D 204 -67.87 -7.87 -18.52
N GLN D 205 -66.65 -8.44 -18.49
CA GLN D 205 -66.44 -9.87 -18.24
C GLN D 205 -67.01 -10.19 -16.86
N TYR D 206 -67.94 -11.15 -16.79
CA TYR D 206 -68.74 -11.42 -15.59
C TYR D 206 -68.80 -12.93 -15.35
N ASN D 207 -68.41 -13.36 -14.15
CA ASN D 207 -68.75 -14.70 -13.60
C ASN D 207 -69.91 -14.50 -12.63
N PRO D 208 -71.16 -14.87 -13.01
CA PRO D 208 -72.31 -14.73 -12.13
C PRO D 208 -72.36 -15.82 -11.04
N LEU D 209 -71.61 -16.91 -11.20
CA LEU D 209 -71.75 -18.14 -10.38
C LEU D 209 -70.66 -18.23 -9.29
N GLU D 210 -69.59 -17.41 -9.37
CA GLU D 210 -68.41 -17.52 -8.45
C GLU D 210 -67.82 -16.15 -8.17
N TYR D 211 -66.89 -16.11 -7.21
CA TYR D 211 -66.08 -14.91 -6.86
C TYR D 211 -64.66 -15.07 -7.41
N VAL D 212 -64.49 -15.90 -8.43
CA VAL D 212 -63.22 -16.08 -9.19
C VAL D 212 -63.55 -16.02 -10.67
N ALA D 213 -62.54 -15.97 -11.53
CA ALA D 213 -62.68 -15.96 -13.00
C ALA D 213 -63.32 -17.28 -13.47
N GLY D 214 -64.16 -17.21 -14.51
CA GLY D 214 -64.81 -18.37 -15.15
C GLY D 214 -66.18 -18.02 -15.70
N ASN D 215 -66.81 -18.97 -16.39
CA ASN D 215 -68.21 -18.87 -16.88
C ASN D 215 -68.45 -17.47 -17.41
N GLN D 216 -67.54 -16.98 -18.27
CA GLN D 216 -67.56 -15.57 -18.70
C GLN D 216 -68.86 -15.28 -19.49
N HIS D 217 -69.56 -14.25 -19.06
CA HIS D 217 -70.75 -13.69 -19.73
C HIS D 217 -70.46 -12.20 -19.92
N TRP D 218 -71.30 -11.50 -20.67
CA TRP D 218 -71.20 -10.01 -20.69
C TRP D 218 -72.22 -9.44 -19.72
N GLY D 219 -71.78 -9.00 -18.54
CA GLY D 219 -72.58 -8.12 -17.66
C GLY D 219 -72.85 -6.80 -18.35
N HIS D 220 -73.81 -6.03 -17.88
CA HIS D 220 -74.28 -4.78 -18.50
C HIS D 220 -74.74 -3.79 -17.43
N ALA D 221 -74.25 -2.56 -17.49
CA ALA D 221 -74.70 -1.41 -16.68
C ALA D 221 -74.75 -0.17 -17.57
N THR D 222 -75.70 0.73 -17.31
CA THR D 222 -75.92 1.98 -18.08
C THR D 222 -75.74 3.20 -17.18
N SER D 223 -75.48 4.35 -17.79
CA SER D 223 -75.22 5.64 -17.12
C SER D 223 -75.29 6.77 -18.15
N ASP D 224 -75.77 7.94 -17.74
CA ASP D 224 -75.76 9.19 -18.55
C ASP D 224 -74.48 9.97 -18.27
N ASP D 225 -73.82 9.74 -17.13
CA ASP D 225 -72.71 10.60 -16.64
C ASP D 225 -71.45 9.77 -16.27
N LEU D 226 -71.50 8.44 -16.41
CA LEU D 226 -70.39 7.50 -16.15
C LEU D 226 -70.08 7.40 -14.66
N TYR D 227 -71.01 7.82 -13.80
CA TYR D 227 -70.85 7.67 -12.33
C TYR D 227 -72.12 7.06 -11.73
N HIS D 228 -73.29 7.49 -12.20
CA HIS D 228 -74.59 6.96 -11.68
C HIS D 228 -75.01 5.77 -12.55
N TRP D 229 -74.67 4.57 -12.10
CA TRP D 229 -74.81 3.34 -12.92
C TRP D 229 -76.13 2.65 -12.60
N THR D 230 -76.76 2.09 -13.61
CA THR D 230 -77.95 1.23 -13.42
C THR D 230 -77.58 -0.16 -13.90
N ASN D 231 -77.66 -1.16 -13.02
CA ASN D 231 -77.43 -2.57 -13.38
C ASN D 231 -78.52 -3.07 -14.35
N GLN D 232 -78.11 -3.83 -15.36
CA GLN D 232 -79.02 -4.35 -16.41
C GLN D 232 -78.92 -5.86 -16.39
N PRO D 233 -79.85 -6.59 -17.05
CA PRO D 233 -79.72 -8.03 -17.20
C PRO D 233 -78.45 -8.37 -17.99
N ILE D 234 -77.94 -9.58 -17.83
CA ILE D 234 -76.76 -10.09 -18.60
C ILE D 234 -77.09 -9.95 -20.10
N ALA D 235 -76.14 -9.45 -20.88
CA ALA D 235 -76.35 -8.98 -22.28
C ALA D 235 -75.99 -10.09 -23.27
N ILE D 236 -74.89 -10.81 -23.04
CA ILE D 236 -74.40 -11.86 -23.97
C ILE D 236 -74.11 -13.12 -23.15
N PHE D 237 -74.71 -14.22 -23.57
CA PHE D 237 -74.59 -15.57 -22.95
C PHE D 237 -73.77 -16.46 -23.88
N PRO D 238 -72.99 -17.42 -23.33
CA PRO D 238 -72.37 -18.44 -24.14
C PRO D 238 -73.45 -19.37 -24.71
N PRO D 239 -73.21 -20.04 -25.85
CA PRO D 239 -74.19 -20.98 -26.41
C PRO D 239 -74.49 -22.19 -25.49
N ASN D 240 -73.49 -22.68 -24.75
CA ASN D 240 -73.62 -23.81 -23.79
C ASN D 240 -72.75 -23.54 -22.57
N SER D 241 -72.66 -24.51 -21.65
CA SER D 241 -71.95 -24.38 -20.35
C SER D 241 -70.45 -24.72 -20.48
N THR D 242 -70.00 -25.20 -21.64
CA THR D 242 -68.57 -25.52 -21.91
C THR D 242 -67.94 -24.46 -22.83
N SER D 243 -68.54 -23.28 -22.92
CA SER D 243 -68.12 -22.14 -23.77
C SER D 243 -68.17 -20.87 -22.91
N GLN D 244 -67.38 -19.86 -23.22
CA GLN D 244 -67.34 -18.56 -22.49
C GLN D 244 -67.33 -17.39 -23.48
N VAL D 245 -68.03 -16.31 -23.14
CA VAL D 245 -68.00 -15.04 -23.90
C VAL D 245 -66.83 -14.20 -23.38
N PHE D 246 -65.70 -14.22 -24.08
CA PHE D 246 -64.49 -13.43 -23.75
C PHE D 246 -64.68 -12.01 -24.26
N SER D 247 -63.64 -11.19 -24.17
CA SER D 247 -63.74 -9.73 -24.36
C SER D 247 -64.10 -9.40 -25.81
N GLY D 248 -64.61 -8.19 -26.00
CA GLY D 248 -64.96 -7.68 -27.33
C GLY D 248 -65.43 -6.24 -27.23
N SER D 249 -65.89 -5.71 -28.36
CA SER D 249 -66.29 -4.29 -28.50
C SER D 249 -67.71 -4.27 -29.08
N ALA D 250 -68.31 -3.09 -29.06
CA ALA D 250 -69.65 -2.83 -29.63
C ALA D 250 -69.59 -1.52 -30.42
N VAL D 251 -70.33 -1.46 -31.52
CA VAL D 251 -70.42 -0.23 -32.36
C VAL D 251 -71.89 -0.01 -32.70
N LEU D 252 -72.27 1.26 -32.84
CA LEU D 252 -73.51 1.66 -33.53
C LEU D 252 -73.33 1.40 -35.02
N ASP D 253 -74.36 0.88 -35.67
CA ASP D 253 -74.39 0.70 -37.14
C ASP D 253 -75.60 1.47 -37.67
N PRO D 254 -75.60 2.81 -37.61
CA PRO D 254 -76.78 3.61 -37.96
C PRO D 254 -77.12 3.58 -39.45
N ASN D 255 -76.15 3.28 -40.32
CA ASN D 255 -76.32 3.24 -41.79
C ASN D 255 -76.58 1.81 -42.24
N ASN D 256 -76.70 0.87 -41.30
CA ASN D 256 -77.08 -0.54 -41.56
C ASN D 256 -76.12 -1.16 -42.59
N THR D 257 -74.81 -1.02 -42.39
CA THR D 257 -73.76 -1.68 -43.22
C THR D 257 -73.83 -3.20 -43.02
N SER D 258 -74.26 -3.65 -41.84
CA SER D 258 -74.31 -5.07 -41.43
C SER D 258 -75.48 -5.78 -42.10
N GLY D 259 -76.56 -5.06 -42.40
CA GLY D 259 -77.82 -5.62 -42.92
C GLY D 259 -78.71 -6.20 -41.82
N PHE D 260 -78.35 -6.02 -40.54
CA PHE D 260 -79.11 -6.55 -39.37
C PHE D 260 -80.25 -5.59 -39.01
N PHE D 261 -80.21 -4.34 -39.48
CA PHE D 261 -81.04 -3.22 -38.96
C PHE D 261 -81.81 -2.54 -40.10
N PRO D 262 -82.71 -3.27 -40.80
CA PRO D 262 -83.52 -2.66 -41.86
C PRO D 262 -84.49 -1.57 -41.37
N ASN D 263 -84.92 -1.61 -40.11
CA ASN D 263 -86.01 -0.78 -39.54
C ASN D 263 -85.55 -0.02 -38.28
N THR D 264 -84.24 0.12 -38.04
CA THR D 264 -83.70 0.98 -36.95
C THR D 264 -82.38 1.64 -37.38
N THR D 265 -82.11 2.83 -36.85
CA THR D 265 -80.82 3.56 -36.99
C THR D 265 -80.06 3.53 -35.64
N ASP D 266 -80.57 2.76 -34.67
CA ASP D 266 -79.97 2.63 -33.31
C ASP D 266 -79.39 1.22 -33.10
N GLY D 267 -79.16 0.48 -34.19
CA GLY D 267 -78.60 -0.89 -34.15
C GLY D 267 -77.25 -0.91 -33.45
N VAL D 268 -77.05 -1.88 -32.57
CA VAL D 268 -75.74 -2.14 -31.89
C VAL D 268 -75.21 -3.48 -32.38
N VAL D 269 -73.95 -3.53 -32.82
CA VAL D 269 -73.25 -4.80 -33.16
C VAL D 269 -72.14 -5.03 -32.13
N ALA D 270 -72.16 -6.21 -31.51
CA ALA D 270 -71.10 -6.72 -30.62
C ALA D 270 -70.21 -7.66 -31.44
N VAL D 271 -68.90 -7.48 -31.31
CA VAL D 271 -67.87 -8.40 -31.86
C VAL D 271 -67.03 -8.84 -30.66
N TYR D 272 -66.97 -10.14 -30.41
CA TYR D 272 -66.40 -10.71 -29.18
C TYR D 272 -65.73 -12.07 -29.50
N THR D 273 -64.86 -12.50 -28.60
CA THR D 273 -64.21 -13.83 -28.64
C THR D 273 -65.12 -14.83 -27.95
N LEU D 274 -65.43 -15.93 -28.63
CA LEU D 274 -66.06 -17.09 -27.96
C LEU D 274 -64.93 -18.05 -27.60
N ASN D 275 -64.83 -18.41 -26.32
CA ASN D 275 -63.77 -19.31 -25.85
C ASN D 275 -64.35 -20.72 -25.74
N THR D 276 -63.65 -21.68 -26.30
CA THR D 276 -63.94 -23.14 -26.16
C THR D 276 -62.66 -23.77 -25.62
N PRO D 277 -62.66 -25.01 -25.12
CA PRO D 277 -61.43 -25.61 -24.60
C PRO D 277 -60.27 -25.58 -25.63
N THR D 278 -60.57 -25.69 -26.92
CA THR D 278 -59.56 -25.88 -28.01
C THR D 278 -59.43 -24.65 -28.92
N LEU D 279 -60.39 -23.71 -28.91
CA LEU D 279 -60.41 -22.60 -29.90
C LEU D 279 -60.85 -21.27 -29.26
N GLN D 280 -60.27 -20.18 -29.74
CA GLN D 280 -60.77 -18.79 -29.57
C GLN D 280 -61.12 -18.29 -30.97
N VAL D 281 -62.39 -17.95 -31.20
CA VAL D 281 -62.90 -17.47 -32.51
C VAL D 281 -63.62 -16.14 -32.28
N GLN D 282 -63.72 -15.30 -33.31
CA GLN D 282 -64.43 -14.01 -33.24
C GLN D 282 -65.87 -14.23 -33.74
N GLU D 283 -66.84 -13.78 -32.96
CA GLU D 283 -68.29 -13.92 -33.25
C GLU D 283 -68.95 -12.54 -33.27
N VAL D 284 -70.10 -12.45 -33.93
CA VAL D 284 -70.92 -11.22 -34.04
C VAL D 284 -72.28 -11.50 -33.42
N ALA D 285 -72.82 -10.51 -32.71
CA ALA D 285 -74.21 -10.48 -32.19
C ALA D 285 -74.73 -9.06 -32.36
N TYR D 286 -76.04 -8.90 -32.49
CA TYR D 286 -76.68 -7.60 -32.78
C TYR D 286 -77.89 -7.40 -31.87
N SER D 287 -78.18 -6.14 -31.60
CA SER D 287 -79.27 -5.68 -30.70
C SER D 287 -80.07 -4.61 -31.45
N THR D 288 -81.38 -4.82 -31.55
CA THR D 288 -82.35 -3.85 -32.12
C THR D 288 -82.99 -3.02 -31.01
N ASP D 289 -82.77 -3.38 -29.74
CA ASP D 289 -83.49 -2.82 -28.56
C ASP D 289 -82.57 -1.87 -27.76
N GLY D 290 -81.46 -1.42 -28.33
CA GLY D 290 -80.54 -0.44 -27.70
C GLY D 290 -79.39 -1.08 -26.95
N GLY D 291 -79.16 -2.39 -27.12
CA GLY D 291 -77.98 -3.09 -26.57
C GLY D 291 -78.24 -3.77 -25.24
N TYR D 292 -79.50 -4.15 -24.98
CA TYR D 292 -79.91 -4.87 -23.75
C TYR D 292 -79.93 -6.36 -24.04
N ASN D 293 -80.47 -6.75 -25.19
CA ASN D 293 -80.61 -8.17 -25.63
C ASN D 293 -79.93 -8.32 -27.00
N PHE D 294 -79.19 -9.41 -27.18
CA PHE D 294 -78.36 -9.65 -28.38
C PHE D 294 -78.77 -10.98 -29.03
N THR D 295 -78.86 -10.97 -30.37
CA THR D 295 -79.10 -12.14 -31.22
C THR D 295 -77.77 -12.51 -31.87
N PRO D 296 -77.28 -13.77 -31.75
CA PRO D 296 -76.09 -14.18 -32.46
C PRO D 296 -76.32 -14.13 -33.98
N TYR D 297 -75.31 -13.68 -34.73
CA TYR D 297 -75.24 -13.75 -36.20
C TYR D 297 -75.38 -15.23 -36.60
N GLU D 298 -76.18 -15.47 -37.64
CA GLU D 298 -76.58 -16.81 -38.17
C GLU D 298 -75.32 -17.60 -38.60
N ASN D 299 -74.31 -16.93 -39.17
CA ASN D 299 -73.12 -17.59 -39.79
C ASN D 299 -71.85 -17.36 -38.97
N ASN D 300 -71.98 -17.27 -37.64
CA ASN D 300 -70.82 -17.28 -36.70
C ASN D 300 -70.10 -18.60 -36.84
N PRO D 301 -68.78 -18.69 -36.57
CA PRO D 301 -67.94 -17.52 -36.30
C PRO D 301 -67.54 -16.76 -37.59
N VAL D 302 -67.21 -15.48 -37.45
CA VAL D 302 -66.86 -14.58 -38.60
C VAL D 302 -65.35 -14.61 -38.85
N LEU D 303 -64.55 -15.03 -37.86
CA LEU D 303 -63.08 -14.99 -37.97
C LEU D 303 -62.43 -16.04 -37.06
N SER D 304 -61.57 -16.89 -37.62
CA SER D 304 -60.78 -17.89 -36.87
C SER D 304 -59.42 -18.08 -37.54
N VAL D 305 -58.39 -18.34 -36.76
CA VAL D 305 -57.04 -18.66 -37.28
C VAL D 305 -56.64 -20.06 -36.83
N GLY D 306 -57.61 -20.87 -36.39
CA GLY D 306 -57.39 -22.21 -35.84
C GLY D 306 -56.52 -22.20 -34.58
N SER D 307 -56.73 -21.22 -33.70
CA SER D 307 -55.89 -21.03 -32.48
C SER D 307 -56.78 -20.90 -31.24
N ASN D 308 -56.21 -21.15 -30.06
CA ASN D 308 -56.88 -20.83 -28.78
C ASN D 308 -56.15 -19.66 -28.08
N GLN D 309 -55.45 -18.83 -28.84
CA GLN D 309 -54.77 -17.60 -28.35
C GLN D 309 -55.00 -16.49 -29.39
N PHE D 310 -56.26 -16.13 -29.59
CA PHE D 310 -56.73 -15.16 -30.62
C PHE D 310 -57.99 -14.47 -30.10
N ARG D 311 -57.85 -13.27 -29.53
CA ARG D 311 -58.98 -12.69 -28.77
C ARG D 311 -58.94 -11.16 -28.62
N ASP D 312 -60.02 -10.60 -28.07
CA ASP D 312 -60.18 -9.18 -27.66
C ASP D 312 -60.33 -8.29 -28.89
N PRO D 313 -61.33 -8.57 -29.77
CA PRO D 313 -61.55 -7.80 -30.98
C PRO D 313 -62.06 -6.37 -30.66
N LYS D 314 -61.34 -5.36 -31.13
CA LYS D 314 -61.77 -3.96 -31.01
C LYS D 314 -62.10 -3.42 -32.39
N VAL D 315 -63.37 -3.11 -32.67
CA VAL D 315 -63.79 -2.68 -34.03
C VAL D 315 -64.18 -1.20 -33.97
N PHE D 316 -63.92 -0.48 -35.06
CA PHE D 316 -64.28 0.95 -35.23
C PHE D 316 -64.38 1.23 -36.70
N TRP D 317 -65.10 2.31 -37.03
CA TRP D 317 -65.28 2.81 -38.42
C TRP D 317 -64.06 3.68 -38.76
N TYR D 318 -63.48 3.45 -39.92
CA TYR D 318 -62.41 4.32 -40.48
C TYR D 318 -62.82 4.76 -41.87
N GLU D 319 -63.46 5.93 -41.98
CA GLU D 319 -63.78 6.62 -43.26
C GLU D 319 -64.78 5.83 -44.11
N ASP D 320 -64.40 4.68 -44.66
CA ASP D 320 -65.26 3.93 -45.62
C ASP D 320 -65.34 2.45 -45.25
N HIS D 321 -64.80 2.03 -44.11
CA HIS D 321 -64.75 0.59 -43.78
C HIS D 321 -64.62 0.38 -42.26
N TRP D 322 -64.92 -0.83 -41.82
CA TRP D 322 -64.73 -1.27 -40.42
C TRP D 322 -63.31 -1.81 -40.26
N VAL D 323 -62.67 -1.46 -39.15
CA VAL D 323 -61.34 -1.99 -38.75
C VAL D 323 -61.52 -2.85 -37.51
N MET D 324 -60.85 -4.01 -37.47
CA MET D 324 -60.75 -4.86 -36.26
C MET D 324 -59.29 -4.97 -35.84
N ALA D 325 -58.97 -4.54 -34.63
CA ALA D 325 -57.70 -4.86 -33.95
C ALA D 325 -57.99 -6.07 -33.04
N VAL D 326 -57.23 -7.15 -33.20
CA VAL D 326 -57.42 -8.39 -32.38
C VAL D 326 -56.03 -8.94 -32.01
N ALA D 327 -55.92 -9.56 -30.84
CA ALA D 327 -54.64 -10.03 -30.26
C ALA D 327 -54.39 -11.50 -30.60
N ALA D 328 -53.37 -11.79 -31.41
CA ALA D 328 -52.69 -13.13 -31.44
C ALA D 328 -51.79 -13.18 -30.19
N ALA D 329 -52.40 -13.49 -29.05
CA ALA D 329 -51.95 -13.07 -27.71
C ALA D 329 -50.52 -13.56 -27.44
N ASN D 330 -50.24 -14.84 -27.70
CA ASN D 330 -48.99 -15.51 -27.29
C ASN D 330 -47.92 -15.33 -28.37
N ASP D 331 -48.26 -14.70 -29.49
CA ASP D 331 -47.31 -14.35 -30.57
C ASP D 331 -46.91 -12.87 -30.46
N PHE D 332 -47.41 -12.15 -29.47
CA PHE D 332 -47.14 -10.70 -29.24
C PHE D 332 -47.42 -9.94 -30.53
N THR D 333 -48.58 -10.20 -31.13
CA THR D 333 -49.00 -9.63 -32.43
C THR D 333 -50.45 -9.14 -32.30
N ILE D 334 -50.69 -7.89 -32.68
CA ILE D 334 -52.03 -7.33 -32.93
C ILE D 334 -52.27 -7.43 -34.43
N GLU D 335 -53.27 -8.23 -34.82
CA GLU D 335 -53.69 -8.38 -36.22
C GLU D 335 -54.78 -7.34 -36.48
N ILE D 336 -54.67 -6.65 -37.62
CA ILE D 336 -55.68 -5.67 -38.11
C ILE D 336 -56.39 -6.29 -39.30
N TYR D 337 -57.72 -6.34 -39.23
CA TYR D 337 -58.62 -6.82 -40.30
C TYR D 337 -59.54 -5.66 -40.71
N THR D 338 -60.08 -5.72 -41.92
CA THR D 338 -61.04 -4.72 -42.47
C THR D 338 -62.29 -5.46 -42.95
N SER D 339 -63.42 -4.76 -42.99
CA SER D 339 -64.75 -5.30 -43.35
C SER D 339 -65.63 -4.15 -43.84
N PRO D 340 -66.44 -4.36 -44.90
CA PRO D 340 -67.52 -3.43 -45.25
C PRO D 340 -68.78 -3.59 -44.39
N ASN D 341 -69.01 -4.76 -43.77
CA ASN D 341 -70.34 -5.12 -43.17
C ASN D 341 -70.22 -5.77 -41.78
N LEU D 342 -69.02 -5.83 -41.19
CA LEU D 342 -68.75 -6.39 -39.82
C LEU D 342 -68.84 -7.93 -39.77
N THR D 343 -69.16 -8.59 -40.88
CA THR D 343 -69.29 -10.09 -40.94
C THR D 343 -68.22 -10.70 -41.85
N SER D 344 -67.75 -9.99 -42.87
CA SER D 344 -66.71 -10.43 -43.83
C SER D 344 -65.42 -9.68 -43.54
N TRP D 345 -64.41 -10.38 -43.04
CA TRP D 345 -63.13 -9.79 -42.55
C TRP D 345 -62.00 -10.21 -43.48
N THR D 346 -61.18 -9.25 -43.89
CA THR D 346 -59.97 -9.42 -44.72
C THR D 346 -58.76 -8.98 -43.90
N PHE D 347 -57.72 -9.81 -43.86
CA PHE D 347 -56.43 -9.47 -43.22
C PHE D 347 -55.89 -8.20 -43.88
N ALA D 348 -55.38 -7.26 -43.08
CA ALA D 348 -54.76 -6.02 -43.54
C ALA D 348 -53.27 -5.99 -43.14
N SER D 349 -52.95 -6.11 -41.85
CA SER D 349 -51.56 -5.92 -41.35
C SER D 349 -51.38 -6.55 -39.96
N ASN D 350 -50.10 -6.71 -39.59
CA ASN D 350 -49.62 -7.21 -38.28
C ASN D 350 -48.81 -6.12 -37.60
N PHE D 351 -48.99 -5.98 -36.28
CA PHE D 351 -48.16 -5.13 -35.39
C PHE D 351 -47.55 -6.05 -34.33
N THR D 352 -46.29 -6.44 -34.45
CA THR D 352 -45.68 -7.51 -33.64
C THR D 352 -44.40 -7.11 -32.88
N HIS D 353 -44.21 -7.67 -31.69
CA HIS D 353 -42.98 -7.54 -30.86
C HIS D 353 -42.64 -6.06 -30.65
N HIS D 354 -43.59 -5.29 -30.13
CA HIS D 354 -43.38 -3.88 -29.76
C HIS D 354 -43.48 -3.72 -28.25
N GLY D 355 -42.65 -2.85 -27.68
CA GLY D 355 -42.70 -2.49 -26.25
C GLY D 355 -42.44 -3.71 -25.38
N LEU D 356 -43.04 -3.74 -24.20
CA LEU D 356 -42.90 -4.91 -23.29
C LEU D 356 -43.76 -6.04 -23.85
N LEU D 357 -43.21 -7.26 -23.86
CA LEU D 357 -43.92 -8.46 -24.36
C LEU D 357 -44.84 -8.98 -23.25
N GLY D 358 -44.36 -8.94 -22.00
CA GLY D 358 -44.93 -9.76 -20.92
C GLY D 358 -45.09 -11.21 -21.39
N LEU D 359 -46.19 -11.85 -21.02
CA LEU D 359 -46.48 -13.25 -21.43
C LEU D 359 -47.54 -13.29 -22.54
N ALA D 360 -48.19 -12.15 -22.84
CA ALA D 360 -49.29 -12.10 -23.83
C ALA D 360 -49.72 -10.65 -24.10
N TYR D 361 -50.05 -10.36 -25.34
CA TYR D 361 -50.80 -9.17 -25.79
C TYR D 361 -52.29 -9.44 -25.59
N GLU D 362 -53.02 -8.48 -25.04
CA GLU D 362 -54.48 -8.58 -24.79
C GLU D 362 -55.13 -7.21 -24.99
N CYS D 363 -56.44 -7.22 -25.20
CA CYS D 363 -57.33 -6.03 -25.18
C CYS D 363 -56.69 -4.88 -25.95
N PRO D 364 -56.34 -5.07 -27.24
CA PRO D 364 -55.81 -3.99 -28.05
C PRO D 364 -56.86 -2.89 -28.26
N ASN D 365 -56.41 -1.65 -28.27
CA ASN D 365 -57.27 -0.48 -28.58
C ASN D 365 -56.50 0.40 -29.54
N LEU D 366 -57.00 0.59 -30.76
CA LEU D 366 -56.44 1.53 -31.74
C LEU D 366 -57.40 2.73 -31.79
N VAL D 367 -56.98 3.86 -31.24
CA VAL D 367 -57.86 5.04 -31.03
C VAL D 367 -57.13 6.31 -31.42
N GLN D 368 -57.93 7.29 -31.83
CA GLN D 368 -57.50 8.67 -32.17
C GLN D 368 -57.66 9.50 -30.90
N VAL D 369 -56.57 10.06 -30.38
CA VAL D 369 -56.57 10.78 -29.08
C VAL D 369 -56.16 12.22 -29.39
N PRO D 370 -57.01 13.23 -29.04
CA PRO D 370 -56.66 14.63 -29.27
C PRO D 370 -55.52 15.12 -28.37
N PHE D 371 -54.80 16.15 -28.83
CA PHE D 371 -53.72 16.84 -28.08
C PHE D 371 -54.36 17.65 -26.93
N GLN D 372 -53.77 17.60 -25.73
CA GLN D 372 -54.31 18.27 -24.52
C GLN D 372 -54.40 19.78 -24.75
N ASP D 373 -53.37 20.38 -25.39
CA ASP D 373 -53.21 21.85 -25.50
C ASP D 373 -53.78 22.34 -26.84
N ASP D 374 -54.32 21.46 -27.68
CA ASP D 374 -54.86 21.82 -29.03
C ASP D 374 -55.86 20.76 -29.48
N PRO D 375 -57.16 20.94 -29.16
CA PRO D 375 -58.20 19.95 -29.51
C PRO D 375 -58.34 19.60 -31.00
N SER D 376 -57.90 20.50 -31.89
CA SER D 376 -58.00 20.35 -33.38
C SER D 376 -56.96 19.35 -33.91
N LYS D 377 -55.91 19.10 -33.13
CA LYS D 377 -54.83 18.13 -33.49
C LYS D 377 -55.06 16.82 -32.74
N SER D 378 -54.68 15.70 -33.36
CA SER D 378 -54.83 14.34 -32.79
C SER D 378 -53.74 13.43 -33.35
N ALA D 379 -53.50 12.30 -32.67
CA ALA D 379 -52.63 11.22 -33.16
C ALA D 379 -53.30 9.88 -32.83
N TRP D 380 -52.99 8.86 -33.63
CA TRP D 380 -53.43 7.48 -33.37
C TRP D 380 -52.58 6.90 -32.24
N LEU D 381 -53.19 6.04 -31.45
CA LEU D 381 -52.55 5.37 -30.31
C LEU D 381 -52.97 3.90 -30.32
N MET D 382 -51.98 3.00 -30.34
CA MET D 382 -52.18 1.57 -30.06
C MET D 382 -51.99 1.36 -28.55
N TYR D 383 -53.05 0.98 -27.85
CA TYR D 383 -53.01 0.60 -26.43
C TYR D 383 -53.07 -0.92 -26.36
N ILE D 384 -52.09 -1.52 -25.69
CA ILE D 384 -52.01 -2.99 -25.50
C ILE D 384 -51.87 -3.27 -24.00
N SER D 385 -52.72 -4.15 -23.50
CA SER D 385 -52.62 -4.74 -22.16
C SER D 385 -51.75 -6.00 -22.23
N ILE D 386 -50.85 -6.18 -21.27
CA ILE D 386 -50.00 -7.40 -21.18
C ILE D 386 -50.23 -8.08 -19.82
N ASN D 387 -50.37 -9.38 -19.84
CA ASN D 387 -50.59 -10.21 -18.63
C ASN D 387 -50.31 -11.67 -18.95
N PRO D 388 -49.62 -12.41 -18.05
CA PRO D 388 -48.76 -11.81 -17.05
C PRO D 388 -47.48 -11.17 -17.60
N GLY D 389 -46.53 -10.88 -16.72
CA GLY D 389 -45.16 -10.48 -17.09
C GLY D 389 -44.93 -8.97 -17.10
N ALA D 390 -45.86 -8.19 -16.54
CA ALA D 390 -45.67 -6.74 -16.33
C ALA D 390 -44.49 -6.52 -15.38
N PRO D 391 -43.72 -5.41 -15.52
CA PRO D 391 -42.56 -5.15 -14.65
C PRO D 391 -42.88 -5.23 -13.14
N LEU D 392 -43.96 -4.57 -12.69
CA LEU D 392 -44.45 -4.62 -11.28
C LEU D 392 -45.04 -5.99 -10.94
N GLY D 393 -45.13 -6.89 -11.92
CA GLY D 393 -45.73 -8.22 -11.74
C GLY D 393 -47.17 -8.21 -12.21
N GLY D 394 -47.58 -9.32 -12.83
CA GLY D 394 -48.94 -9.53 -13.37
C GLY D 394 -49.22 -8.63 -14.55
N SER D 395 -50.21 -7.75 -14.42
CA SER D 395 -50.92 -7.10 -15.55
C SER D 395 -50.59 -5.62 -15.59
N VAL D 396 -50.46 -5.06 -16.79
CA VAL D 396 -50.22 -3.60 -16.99
C VAL D 396 -50.61 -3.25 -18.43
N GLY D 397 -50.96 -1.97 -18.64
CA GLY D 397 -51.22 -1.39 -19.96
C GLY D 397 -50.00 -0.63 -20.47
N GLN D 398 -49.85 -0.58 -21.79
CA GLN D 398 -48.79 0.18 -22.47
C GLN D 398 -49.39 0.74 -23.76
N TYR D 399 -48.75 1.75 -24.33
CA TYR D 399 -49.28 2.45 -25.52
C TYR D 399 -48.15 2.86 -26.42
N PHE D 400 -48.50 3.08 -27.68
CA PHE D 400 -47.61 3.45 -28.79
C PHE D 400 -48.29 4.54 -29.59
N PRO D 401 -47.81 5.79 -29.56
CA PRO D 401 -48.30 6.83 -30.45
C PRO D 401 -47.80 6.53 -31.86
N GLY D 402 -48.62 6.83 -32.88
CA GLY D 402 -48.20 6.60 -34.27
C GLY D 402 -49.25 7.02 -35.27
N ASP D 403 -49.14 6.48 -36.48
CA ASP D 403 -49.98 6.79 -37.64
C ASP D 403 -50.80 5.53 -37.99
N PHE D 404 -52.07 5.72 -38.31
CA PHE D 404 -52.97 4.68 -38.86
C PHE D 404 -53.57 5.23 -40.14
N ASN D 405 -53.55 4.44 -41.20
CA ASN D 405 -53.99 4.87 -42.56
C ASN D 405 -55.16 4.01 -43.04
N GLY D 406 -55.82 3.28 -42.14
CA GLY D 406 -56.96 2.39 -42.45
C GLY D 406 -56.59 0.93 -42.50
N THR D 407 -55.32 0.60 -42.75
CA THR D 407 -54.87 -0.81 -42.88
C THR D 407 -53.67 -1.09 -41.98
N HIS D 408 -52.79 -0.13 -41.79
CA HIS D 408 -51.50 -0.36 -41.08
C HIS D 408 -51.31 0.68 -39.98
N PHE D 409 -50.83 0.25 -38.82
CA PHE D 409 -50.39 1.19 -37.76
C PHE D 409 -48.87 1.15 -37.69
N VAL D 410 -48.26 2.33 -37.76
CA VAL D 410 -46.78 2.51 -37.67
C VAL D 410 -46.49 3.42 -36.48
N ALA D 411 -45.86 2.88 -35.44
CA ALA D 411 -45.39 3.62 -34.24
C ALA D 411 -44.38 4.68 -34.69
N TYR D 412 -44.42 5.85 -34.06
CA TYR D 412 -43.49 6.97 -34.38
C TYR D 412 -42.04 6.56 -34.04
N ASP D 413 -41.84 5.76 -33.00
CA ASP D 413 -40.49 5.32 -32.54
C ASP D 413 -40.59 3.89 -32.02
N SER D 414 -39.48 3.36 -31.49
CA SER D 414 -39.34 1.98 -30.94
C SER D 414 -39.43 1.98 -29.41
N ALA D 415 -39.97 3.03 -28.79
CA ALA D 415 -40.02 3.15 -27.31
C ALA D 415 -41.24 2.39 -26.74
N ALA D 416 -41.09 1.95 -25.51
CA ALA D 416 -42.13 1.36 -24.66
C ALA D 416 -42.56 2.42 -23.65
N ARG D 417 -43.88 2.61 -23.47
CA ARG D 417 -44.48 3.62 -22.58
C ARG D 417 -45.60 2.95 -21.77
N ILE D 418 -45.46 2.95 -20.44
CA ILE D 418 -46.41 2.35 -19.48
C ILE D 418 -47.41 3.43 -19.06
N ALA D 419 -48.70 3.08 -19.01
CA ALA D 419 -49.84 4.01 -18.81
C ALA D 419 -49.93 4.52 -17.36
N ASP D 420 -49.75 3.64 -16.39
CA ASP D 420 -50.07 3.80 -14.94
C ASP D 420 -48.82 3.37 -14.18
N PHE D 421 -48.37 4.12 -13.16
CA PHE D 421 -47.10 3.82 -12.43
C PHE D 421 -47.36 2.95 -11.20
N ALA D 422 -48.61 2.52 -11.00
CA ALA D 422 -48.95 1.53 -9.95
C ALA D 422 -49.35 0.21 -10.64
N LYS D 423 -50.06 -0.67 -9.96
CA LYS D 423 -50.20 -2.09 -10.33
C LYS D 423 -51.67 -2.43 -10.70
N ASP D 424 -52.63 -1.57 -10.38
CA ASP D 424 -54.08 -1.91 -10.44
C ASP D 424 -54.81 -1.14 -11.55
N ASN D 425 -54.32 -1.19 -12.79
CA ASN D 425 -55.04 -0.58 -13.93
C ASN D 425 -54.80 -1.47 -15.15
N TYR D 426 -55.83 -2.12 -15.66
CA TYR D 426 -55.66 -3.13 -16.73
C TYR D 426 -56.87 -3.15 -17.65
N ALA D 427 -56.65 -3.53 -18.90
CA ALA D 427 -57.69 -3.81 -19.90
C ALA D 427 -58.54 -2.55 -20.12
N SER D 428 -57.91 -1.38 -20.19
CA SER D 428 -58.60 -0.13 -20.57
C SER D 428 -59.31 -0.36 -21.90
N GLN D 429 -60.56 0.07 -22.01
CA GLN D 429 -61.27 0.07 -23.29
C GLN D 429 -61.81 1.48 -23.51
N TRP D 430 -61.77 1.96 -24.74
CA TRP D 430 -62.28 3.30 -25.12
C TRP D 430 -63.74 3.17 -25.56
N PHE D 431 -64.57 4.15 -25.22
CA PHE D 431 -66.00 4.18 -25.59
C PHE D 431 -66.09 4.50 -27.07
N ALA D 432 -66.83 3.69 -27.83
CA ALA D 432 -67.20 3.97 -29.23
C ALA D 432 -68.27 5.07 -29.27
N ASP D 433 -68.33 5.85 -30.36
CA ASP D 433 -69.48 6.70 -30.74
C ASP D 433 -69.70 7.81 -29.71
N THR D 434 -68.61 8.41 -29.23
CA THR D 434 -68.65 9.43 -28.15
C THR D 434 -68.94 10.82 -28.71
N GLU D 435 -69.22 11.79 -27.84
CA GLU D 435 -69.32 13.23 -28.18
C GLU D 435 -68.03 13.65 -28.88
N ASN D 436 -68.12 14.34 -30.01
CA ASN D 436 -66.98 14.59 -30.92
C ASN D 436 -65.73 15.01 -30.12
N GLY D 437 -64.57 14.42 -30.43
CA GLY D 437 -63.27 14.81 -29.86
C GLY D 437 -63.08 14.35 -28.43
N GLU D 438 -63.88 13.40 -27.93
CA GLU D 438 -63.74 12.98 -26.52
C GLU D 438 -63.17 11.56 -26.52
N SER D 439 -61.96 11.41 -25.99
CA SER D 439 -61.32 10.09 -25.79
C SER D 439 -61.72 9.67 -24.38
N ILE D 440 -62.76 8.84 -24.26
CA ILE D 440 -63.26 8.37 -22.94
C ILE D 440 -62.90 6.89 -22.79
N SER D 441 -62.18 6.59 -21.70
CA SER D 441 -61.71 5.22 -21.41
C SER D 441 -62.17 4.83 -20.01
N ILE D 442 -62.23 3.52 -19.78
CA ILE D 442 -62.41 2.94 -18.42
C ILE D 442 -61.57 1.66 -18.38
N ALA D 443 -61.01 1.35 -17.22
CA ALA D 443 -60.10 0.21 -17.01
C ALA D 443 -60.66 -0.62 -15.87
N TRP D 444 -60.17 -1.85 -15.77
CA TRP D 444 -60.38 -2.73 -14.61
C TRP D 444 -59.33 -2.36 -13.56
N ALA D 445 -59.77 -2.00 -12.36
CA ALA D 445 -58.92 -1.48 -11.27
C ALA D 445 -58.48 -2.65 -10.39
N SER D 446 -57.73 -3.59 -10.97
CA SER D 446 -57.16 -4.73 -10.24
C SER D 446 -55.90 -5.24 -10.96
N ASN D 447 -55.31 -6.30 -10.42
CA ASN D 447 -54.12 -6.97 -10.95
C ASN D 447 -54.40 -8.47 -10.90
N TRP D 448 -54.08 -9.20 -11.98
CA TRP D 448 -54.36 -10.65 -12.09
C TRP D 448 -53.59 -11.48 -11.06
N GLN D 449 -52.55 -10.95 -10.43
CA GLN D 449 -51.76 -11.70 -9.41
C GLN D 449 -52.55 -11.86 -8.09
N TYR D 450 -53.48 -10.97 -7.77
CA TYR D 450 -54.22 -11.09 -6.49
C TYR D 450 -55.71 -10.76 -6.60
N THR D 451 -56.24 -10.47 -7.78
CA THR D 451 -57.67 -10.07 -7.96
C THR D 451 -58.62 -11.16 -7.42
N GLN D 452 -58.27 -12.44 -7.54
CA GLN D 452 -59.19 -13.54 -7.14
C GLN D 452 -59.01 -13.90 -5.67
N GLN D 453 -58.19 -13.14 -4.95
CA GLN D 453 -57.86 -13.42 -3.53
C GLN D 453 -58.16 -12.20 -2.67
N VAL D 454 -58.55 -11.07 -3.26
CA VAL D 454 -58.80 -9.82 -2.51
C VAL D 454 -59.96 -10.06 -1.54
N PRO D 455 -59.94 -9.46 -0.34
CA PRO D 455 -60.91 -9.77 0.72
C PRO D 455 -62.21 -8.96 0.63
N THR D 456 -62.92 -9.06 -0.49
CA THR D 456 -64.18 -8.33 -0.75
C THR D 456 -65.35 -9.29 -1.03
N SER D 457 -65.12 -10.60 -1.10
CA SER D 457 -66.15 -11.60 -1.44
C SER D 457 -67.20 -11.69 -0.31
N ALA D 458 -66.80 -11.48 0.94
CA ALA D 458 -67.71 -11.35 2.11
C ALA D 458 -68.59 -10.10 1.97
N GLN D 459 -68.24 -9.18 1.06
CA GLN D 459 -69.06 -7.96 0.80
C GLN D 459 -69.71 -8.08 -0.59
N ALA D 460 -69.81 -9.30 -1.12
CA ALA D 460 -70.67 -9.70 -2.27
C ALA D 460 -70.13 -9.20 -3.62
N PHE D 461 -68.83 -8.99 -3.77
CA PHE D 461 -68.22 -8.57 -5.05
C PHE D 461 -66.72 -8.82 -5.04
N ARG D 462 -66.16 -9.02 -6.23
CA ARG D 462 -64.69 -8.96 -6.45
C ARG D 462 -64.47 -8.11 -7.69
N SER D 463 -63.71 -7.01 -7.53
CA SER D 463 -63.18 -6.18 -8.63
C SER D 463 -64.10 -4.98 -8.88
N ALA D 464 -63.50 -3.84 -9.20
CA ALA D 464 -64.23 -2.63 -9.63
C ALA D 464 -63.55 -2.03 -10.85
N MET D 465 -64.27 -1.19 -11.59
CA MET D 465 -63.68 -0.40 -12.69
C MET D 465 -62.94 0.79 -12.10
N SER D 466 -61.96 1.32 -12.82
CA SER D 466 -61.30 2.62 -12.53
C SER D 466 -62.35 3.72 -12.62
N LEU D 467 -62.01 4.94 -12.19
CA LEU D 467 -62.80 6.12 -12.60
C LEU D 467 -62.86 6.13 -14.12
N PRO D 468 -63.97 6.57 -14.76
CA PRO D 468 -63.95 6.90 -16.17
C PRO D 468 -62.88 7.98 -16.38
N ARG D 469 -62.24 8.01 -17.54
CA ARG D 469 -61.09 8.89 -17.84
C ARG D 469 -61.36 9.66 -19.12
N ARG D 470 -60.99 10.94 -19.13
CA ARG D 470 -60.73 11.72 -20.37
C ARG D 470 -59.26 11.53 -20.74
N ASN D 471 -58.99 11.17 -21.98
CA ASN D 471 -57.64 10.92 -22.51
C ASN D 471 -57.25 12.06 -23.46
N TYR D 472 -55.99 12.47 -23.38
CA TYR D 472 -55.32 13.40 -24.33
C TYR D 472 -53.90 12.87 -24.58
N LEU D 473 -53.26 13.37 -25.62
CA LEU D 473 -51.80 13.23 -25.84
C LEU D 473 -51.13 14.58 -25.57
N THR D 474 -49.96 14.56 -24.93
CA THR D 474 -49.15 15.79 -24.71
C THR D 474 -47.67 15.41 -24.84
N ASN D 475 -46.81 16.41 -25.02
CA ASN D 475 -45.34 16.31 -24.86
C ASN D 475 -45.00 16.80 -23.46
N ILE D 476 -44.36 15.96 -22.66
CA ILE D 476 -43.82 16.34 -21.32
C ILE D 476 -42.32 16.59 -21.50
N THR D 477 -41.71 17.39 -20.64
CA THR D 477 -40.29 17.80 -20.74
C THR D 477 -39.42 16.52 -20.80
N ARG D 478 -38.53 16.46 -21.80
CA ARG D 478 -37.48 15.43 -22.01
C ARG D 478 -38.09 14.16 -22.59
N LEU D 479 -39.04 13.54 -21.86
CA LEU D 479 -39.64 12.22 -22.19
C LEU D 479 -40.40 12.29 -23.52
N GLY D 480 -41.01 13.43 -23.84
CA GLY D 480 -41.84 13.58 -25.06
C GLY D 480 -43.23 12.97 -24.91
N TRP D 481 -43.61 12.09 -25.83
CA TRP D 481 -45.00 11.57 -25.95
C TRP D 481 -45.50 11.06 -24.60
N ASP D 482 -46.73 11.42 -24.24
CA ASP D 482 -47.35 11.04 -22.94
C ASP D 482 -48.86 10.91 -23.12
N LEU D 483 -49.43 9.80 -22.68
CA LEU D 483 -50.90 9.59 -22.63
C LEU D 483 -51.42 10.25 -21.36
N VAL D 484 -52.19 11.32 -21.49
CA VAL D 484 -52.80 12.05 -20.35
C VAL D 484 -54.08 11.31 -19.96
N SER D 485 -54.30 11.15 -18.67
CA SER D 485 -55.51 10.53 -18.08
C SER D 485 -56.01 11.46 -16.97
N LEU D 486 -57.24 11.97 -17.09
CA LEU D 486 -57.92 12.73 -16.01
C LEU D 486 -59.26 12.08 -15.73
N PRO D 487 -59.81 12.17 -14.50
CA PRO D 487 -61.15 11.66 -14.22
C PRO D 487 -62.17 12.41 -15.10
N TYR D 488 -63.05 11.68 -15.77
CA TYR D 488 -64.20 12.25 -16.53
C TYR D 488 -65.04 13.08 -15.54
N ASP D 489 -65.52 14.23 -15.98
CA ASP D 489 -66.29 15.22 -15.18
C ASP D 489 -66.88 14.60 -13.91
N LEU D 490 -66.29 14.94 -12.76
CA LEU D 490 -66.65 14.39 -11.43
C LEU D 490 -67.78 15.21 -10.78
N SER D 491 -68.18 16.32 -11.41
CA SER D 491 -69.17 17.29 -10.87
C SER D 491 -70.43 16.59 -10.34
N PRO D 492 -71.00 15.56 -11.02
CA PRO D 492 -72.23 14.92 -10.54
C PRO D 492 -72.12 14.19 -9.19
N VAL D 493 -70.90 13.97 -8.68
CA VAL D 493 -70.67 13.18 -7.42
C VAL D 493 -69.97 14.05 -6.38
N VAL D 494 -69.57 15.27 -6.72
CA VAL D 494 -68.83 16.18 -5.78
C VAL D 494 -69.85 16.76 -4.80
N GLY D 495 -69.71 16.43 -3.51
CA GLY D 495 -70.55 16.93 -2.42
C GLY D 495 -69.94 18.19 -1.77
N PRO D 496 -70.32 18.50 -0.51
CA PRO D 496 -69.84 19.73 0.13
C PRO D 496 -68.33 19.71 0.43
N SER D 497 -67.69 20.88 0.31
CA SER D 497 -66.27 21.14 0.68
C SER D 497 -66.00 20.76 2.14
N LEU D 498 -64.92 20.01 2.40
CA LEU D 498 -64.46 19.62 3.75
C LEU D 498 -63.32 20.56 4.18
N LEU D 499 -62.59 21.14 3.23
CA LEU D 499 -61.46 22.05 3.52
C LEU D 499 -61.05 22.82 2.27
N SER D 500 -60.78 24.11 2.43
CA SER D 500 -60.03 24.97 1.47
C SER D 500 -58.92 25.71 2.25
N SER D 501 -57.65 25.38 2.00
CA SER D 501 -56.47 25.94 2.73
C SER D 501 -55.48 26.55 1.73
N SER D 502 -54.76 27.58 2.16
CA SER D 502 -53.75 28.33 1.37
C SER D 502 -52.41 28.36 2.11
N GLU D 503 -52.28 27.59 3.19
CA GLU D 503 -51.08 27.60 4.06
C GLU D 503 -49.98 26.75 3.41
N ALA D 504 -48.79 27.33 3.26
CA ALA D 504 -47.51 26.62 2.99
C ALA D 504 -46.93 26.18 4.34
N ASN D 505 -46.07 25.16 4.33
CA ASN D 505 -45.32 24.68 5.53
C ASN D 505 -46.25 24.30 6.67
N SER D 506 -47.46 23.82 6.37
CA SER D 506 -48.50 23.42 7.35
C SER D 506 -48.84 21.94 7.17
N THR D 507 -49.44 21.34 8.20
CA THR D 507 -50.19 20.06 8.14
C THR D 507 -51.68 20.40 8.25
N ALA D 508 -52.45 20.15 7.19
CA ALA D 508 -53.93 20.24 7.17
C ALA D 508 -54.51 18.86 7.51
N ASP D 509 -55.28 18.77 8.59
CA ASP D 509 -55.95 17.52 9.04
C ASP D 509 -57.42 17.61 8.63
N VAL D 510 -57.89 16.67 7.82
CA VAL D 510 -59.29 16.64 7.30
C VAL D 510 -59.92 15.34 7.77
N ASP D 511 -60.88 15.42 8.70
CA ASP D 511 -61.71 14.28 9.15
C ASP D 511 -62.88 14.14 8.16
N PHE D 512 -63.16 12.92 7.70
CA PHE D 512 -64.34 12.64 6.84
C PHE D 512 -65.05 11.38 7.35
N THR D 513 -65.06 11.18 8.66
CA THR D 513 -65.84 10.11 9.33
C THR D 513 -67.34 10.35 9.09
N ASN D 514 -67.74 11.62 8.99
CA ASN D 514 -69.16 12.06 8.82
C ASN D 514 -69.57 12.07 7.34
N VAL D 515 -68.65 11.80 6.40
CA VAL D 515 -68.97 11.57 4.96
C VAL D 515 -69.28 10.08 4.79
N THR D 516 -70.57 9.76 4.58
CA THR D 516 -71.11 8.37 4.65
C THR D 516 -70.53 7.54 3.49
N SER D 517 -70.29 8.17 2.33
CA SER D 517 -69.66 7.52 1.16
C SER D 517 -68.28 6.96 1.55
N ASN D 518 -67.58 7.62 2.47
CA ASN D 518 -66.19 7.29 2.87
C ASN D 518 -65.33 7.50 1.62
N ALA D 519 -65.66 8.51 0.83
CA ALA D 519 -65.05 8.80 -0.48
C ALA D 519 -64.81 10.30 -0.58
N VAL D 520 -63.59 10.71 -0.93
CA VAL D 520 -63.19 12.14 -1.00
C VAL D 520 -62.45 12.40 -2.30
N TRP D 521 -62.66 13.58 -2.86
CA TRP D 521 -61.83 14.19 -3.93
C TRP D 521 -60.93 15.23 -3.27
N PHE D 522 -59.70 15.35 -3.73
CA PHE D 522 -58.76 16.40 -3.27
C PHE D 522 -57.99 16.93 -4.47
N SER D 523 -57.69 18.22 -4.44
CA SER D 523 -56.85 18.94 -5.42
C SER D 523 -55.79 19.73 -4.65
N LEU D 524 -54.52 19.57 -5.01
CA LEU D 524 -53.39 20.32 -4.42
C LEU D 524 -52.65 21.00 -5.56
N ASN D 525 -52.70 22.33 -5.63
CA ASN D 525 -51.89 23.15 -6.55
C ASN D 525 -50.73 23.76 -5.76
N VAL D 526 -49.51 23.67 -6.30
CA VAL D 526 -48.28 24.28 -5.73
C VAL D 526 -47.60 25.06 -6.84
N THR D 527 -47.54 26.39 -6.69
CA THR D 527 -46.81 27.31 -7.61
C THR D 527 -45.53 27.77 -6.90
N LEU D 528 -44.38 27.28 -7.36
CA LEU D 528 -43.06 27.76 -6.89
C LEU D 528 -42.88 29.19 -7.38
N PRO D 529 -42.11 30.05 -6.65
CA PRO D 529 -41.75 31.36 -7.17
C PRO D 529 -40.83 31.23 -8.38
N ASP D 530 -40.88 32.20 -9.31
CA ASP D 530 -40.15 32.14 -10.62
C ASP D 530 -38.66 31.85 -10.35
N ALA D 531 -38.11 32.39 -9.27
CA ALA D 531 -36.69 32.25 -8.87
C ALA D 531 -36.33 30.77 -8.72
N ALA D 532 -37.17 30.00 -8.01
CA ALA D 532 -36.94 28.58 -7.66
C ALA D 532 -37.11 27.70 -8.91
N ILE D 533 -37.92 28.14 -9.86
CA ILE D 533 -38.22 27.38 -11.11
C ILE D 533 -37.09 27.63 -12.10
N GLN D 534 -36.05 28.37 -11.70
CA GLN D 534 -34.97 28.80 -12.61
C GLN D 534 -33.62 28.47 -11.98
N ASN D 535 -33.57 28.38 -10.65
CA ASN D 535 -32.38 27.90 -9.92
C ASN D 535 -32.86 26.93 -8.85
N ALA D 536 -33.05 25.66 -9.21
CA ALA D 536 -33.60 24.64 -8.28
C ALA D 536 -32.61 24.39 -7.13
N SER D 537 -31.39 24.95 -7.18
CA SER D 537 -30.42 24.88 -6.06
C SER D 537 -30.96 25.71 -4.88
N LEU D 538 -31.90 26.62 -5.16
CA LEU D 538 -32.54 27.50 -4.14
C LEU D 538 -33.51 26.67 -3.28
N ILE D 539 -34.05 25.58 -3.83
CA ILE D 539 -35.07 24.75 -3.14
C ILE D 539 -34.35 23.94 -2.06
N SER D 540 -34.82 23.99 -0.83
CA SER D 540 -34.28 23.19 0.31
C SER D 540 -34.42 21.69 0.03
N ALA D 541 -33.50 20.89 0.54
CA ALA D 541 -33.49 19.42 0.39
C ALA D 541 -34.74 18.81 1.04
N ASP D 542 -35.35 19.51 2.00
CA ASP D 542 -36.53 19.03 2.78
C ASP D 542 -37.84 19.42 2.08
N ALA D 543 -37.78 20.22 1.01
CA ALA D 543 -38.97 20.64 0.23
C ALA D 543 -39.77 19.41 -0.19
N SER D 544 -40.96 19.22 0.39
CA SER D 544 -41.73 17.98 0.24
C SER D 544 -43.21 18.21 0.45
N ILE D 545 -44.01 17.29 -0.10
CA ILE D 545 -45.47 17.16 0.13
C ILE D 545 -45.69 15.76 0.71
N ASN D 546 -46.45 15.65 1.80
CA ASN D 546 -46.72 14.35 2.46
C ASN D 546 -48.22 14.22 2.69
N ILE D 547 -48.89 13.34 1.94
CA ILE D 547 -50.34 13.06 2.11
C ILE D 547 -50.46 11.67 2.72
N THR D 548 -51.22 11.54 3.80
CA THR D 548 -51.44 10.27 4.50
C THR D 548 -52.96 10.10 4.69
N PHE D 549 -53.45 8.88 4.51
CA PHE D 549 -54.85 8.49 4.83
C PHE D 549 -54.79 7.63 6.09
N LEU D 550 -55.44 8.08 7.17
CA LEU D 550 -55.26 7.49 8.52
C LEU D 550 -56.52 6.72 8.89
N PRO D 551 -56.38 5.64 9.70
CA PRO D 551 -57.53 4.82 10.07
C PRO D 551 -58.52 5.62 10.94
N SER D 552 -59.80 5.25 10.89
CA SER D 552 -60.88 5.88 11.69
C SER D 552 -60.73 5.39 13.14
N THR D 553 -60.87 6.31 14.10
CA THR D 553 -60.81 6.00 15.55
C THR D 553 -62.16 5.44 16.02
N LYS D 554 -63.22 5.62 15.22
CA LYS D 554 -64.61 5.30 15.60
C LYS D 554 -65.07 3.98 14.99
N CYS D 555 -64.51 3.56 13.86
CA CYS D 555 -65.02 2.41 13.07
C CYS D 555 -64.02 1.25 13.03
N SER D 556 -63.17 1.14 14.04
CA SER D 556 -62.09 0.11 14.06
C SER D 556 -62.49 -1.03 15.01
N SER D 563 -51.84 -0.76 13.68
CA SER D 563 -53.20 -0.22 13.96
C SER D 563 -53.26 1.29 13.65
N ASP D 564 -52.20 2.04 13.99
CA ASP D 564 -52.11 3.51 13.75
C ASP D 564 -51.48 3.78 12.38
N SER D 565 -51.00 2.74 11.69
CA SER D 565 -50.37 2.84 10.35
C SER D 565 -51.33 3.53 9.37
N PRO D 566 -50.84 4.48 8.54
CA PRO D 566 -51.62 4.98 7.42
C PRO D 566 -52.06 3.84 6.48
N ALA D 567 -53.22 3.99 5.85
CA ALA D 567 -53.77 3.05 4.86
C ALA D 567 -53.06 3.27 3.52
N ALA D 568 -52.71 4.53 3.24
CA ALA D 568 -52.06 4.95 1.99
C ALA D 568 -51.28 6.23 2.22
N THR D 569 -50.19 6.43 1.48
CA THR D 569 -49.32 7.61 1.64
C THR D 569 -48.91 8.11 0.26
N LEU D 570 -48.75 9.42 0.11
CA LEU D 570 -48.10 10.01 -1.07
C LEU D 570 -47.00 10.93 -0.58
N THR D 571 -45.78 10.70 -1.02
CA THR D 571 -44.59 11.52 -0.67
C THR D 571 -43.95 12.01 -1.96
N TYR D 572 -43.77 13.32 -2.09
CA TYR D 572 -43.06 13.97 -3.22
C TYR D 572 -41.93 14.85 -2.67
N PHE D 573 -40.77 14.80 -3.32
CA PHE D 573 -39.58 15.64 -3.03
C PHE D 573 -39.31 16.55 -4.23
N TYR D 574 -39.29 17.86 -4.00
CA TYR D 574 -38.98 18.88 -5.04
C TYR D 574 -37.48 18.83 -5.37
N ALA D 575 -36.66 18.48 -4.38
CA ALA D 575 -35.18 18.44 -4.54
C ALA D 575 -34.60 17.34 -3.65
N GLY D 576 -33.41 17.56 -3.09
CA GLY D 576 -32.76 16.57 -2.22
C GLY D 576 -32.10 15.47 -3.03
N LEU D 577 -31.86 14.34 -2.39
CA LEU D 577 -31.17 13.19 -3.03
C LEU D 577 -32.14 12.40 -3.92
N THR D 578 -33.45 12.53 -3.69
CA THR D 578 -34.53 11.91 -4.53
C THR D 578 -35.33 13.00 -5.24
N ASN D 579 -34.68 13.91 -5.95
CA ASN D 579 -35.36 15.09 -6.55
C ASN D 579 -36.38 14.61 -7.60
N GLY D 580 -37.63 15.07 -7.49
CA GLY D 580 -38.71 14.77 -8.44
C GLY D 580 -39.39 13.44 -8.15
N ALA D 581 -38.92 12.71 -7.14
CA ALA D 581 -39.40 11.35 -6.81
C ALA D 581 -40.75 11.46 -6.10
N LEU D 582 -41.79 10.87 -6.68
CA LEU D 582 -43.12 10.70 -6.05
C LEU D 582 -43.28 9.23 -5.62
N ALA D 583 -43.48 9.00 -4.33
CA ALA D 583 -43.74 7.67 -3.77
C ALA D 583 -45.22 7.56 -3.41
N LEU D 584 -45.87 6.49 -3.86
CA LEU D 584 -47.26 6.16 -3.49
C LEU D 584 -47.19 4.86 -2.72
N THR D 585 -47.71 4.80 -1.49
CA THR D 585 -47.54 3.58 -0.67
C THR D 585 -48.86 3.10 -0.05
N ARG D 586 -48.97 1.80 0.15
CA ARG D 586 -50.05 1.15 0.92
C ARG D 586 -49.35 0.31 1.97
N PRO D 587 -49.04 0.86 3.17
CA PRO D 587 -48.17 0.17 4.12
C PRO D 587 -48.71 -1.22 4.49
N ALA D 588 -47.82 -2.21 4.48
CA ALA D 588 -48.10 -3.60 4.88
C ALA D 588 -48.72 -3.63 6.29
N ALA D 589 -48.21 -2.81 7.20
CA ALA D 589 -48.60 -2.77 8.64
C ALA D 589 -50.10 -2.46 8.80
N SER D 590 -50.73 -1.81 7.82
CA SER D 590 -52.14 -1.36 7.87
C SER D 590 -53.12 -2.49 7.46
N SER D 591 -52.60 -3.55 6.82
CA SER D 591 -53.43 -4.61 6.19
C SER D 591 -52.80 -5.97 6.43
N SER D 592 -53.42 -6.78 7.27
CA SER D 592 -53.04 -8.19 7.55
C SER D 592 -53.08 -8.99 6.25
N TRP D 593 -54.15 -8.82 5.46
CA TRP D 593 -54.32 -9.53 4.16
C TRP D 593 -53.19 -9.12 3.20
N GLY D 594 -53.01 -7.82 3.03
CA GLY D 594 -52.03 -7.22 2.11
C GLY D 594 -50.60 -7.63 2.46
N ALA D 595 -50.28 -7.65 3.75
CA ALA D 595 -48.95 -8.05 4.28
C ALA D 595 -48.66 -9.49 3.84
N GLU D 596 -49.64 -10.39 4.00
CA GLU D 596 -49.46 -11.85 3.80
C GLU D 596 -49.43 -12.19 2.30
N ASN D 597 -50.15 -11.47 1.45
CA ASN D 597 -50.23 -11.78 0.00
C ASN D 597 -48.89 -11.46 -0.64
N PRO D 598 -48.19 -12.45 -1.21
CA PRO D 598 -46.83 -12.24 -1.71
C PRO D 598 -46.70 -11.37 -2.97
N PHE D 599 -47.81 -11.02 -3.62
CA PHE D 599 -47.83 -10.18 -4.87
C PHE D 599 -48.39 -8.78 -4.61
N PHE D 600 -48.94 -8.52 -3.41
CA PHE D 600 -49.57 -7.20 -3.06
C PHE D 600 -48.48 -6.19 -2.67
N THR D 601 -47.83 -5.62 -3.68
CA THR D 601 -46.69 -4.68 -3.55
C THR D 601 -47.13 -3.46 -2.71
N ASP D 602 -46.27 -3.02 -1.81
CA ASP D 602 -46.57 -1.93 -0.83
C ASP D 602 -46.27 -0.55 -1.44
N LYS D 603 -45.27 -0.43 -2.32
CA LYS D 603 -44.70 0.90 -2.70
C LYS D 603 -44.53 1.02 -4.22
N PHE D 604 -44.92 2.14 -4.77
CA PHE D 604 -44.83 2.52 -6.20
C PHE D 604 -44.24 3.93 -6.28
N SER D 605 -43.60 4.25 -7.40
CA SER D 605 -42.97 5.58 -7.57
C SER D 605 -42.96 5.97 -9.04
N TYR D 606 -42.96 7.29 -9.28
CA TYR D 606 -42.73 7.94 -10.58
C TYR D 606 -41.83 9.15 -10.29
N THR D 607 -40.86 9.43 -11.15
CA THR D 607 -39.96 10.60 -11.02
C THR D 607 -40.34 11.63 -12.09
N LEU D 608 -40.70 12.83 -11.66
CA LEU D 608 -40.97 13.98 -12.57
C LEU D 608 -39.63 14.62 -12.95
N VAL D 609 -39.58 15.27 -14.09
CA VAL D 609 -38.51 16.22 -14.48
C VAL D 609 -38.96 17.62 -14.03
N ASP D 610 -40.12 18.06 -14.47
CA ASP D 610 -40.76 19.33 -14.03
C ASP D 610 -41.16 19.18 -12.57
N PRO D 611 -41.13 20.26 -11.75
CA PRO D 611 -41.69 20.20 -10.40
C PRO D 611 -43.19 19.83 -10.44
N LEU D 612 -43.69 19.21 -9.37
CA LEU D 612 -45.13 18.95 -9.16
C LEU D 612 -45.83 20.29 -8.96
N THR D 613 -46.76 20.63 -9.87
CA THR D 613 -47.57 21.88 -9.82
C THR D 613 -49.03 21.55 -9.48
N SER D 614 -49.55 20.39 -9.89
CA SER D 614 -50.94 19.97 -9.58
C SER D 614 -51.00 18.48 -9.21
N LEU D 615 -51.89 18.16 -8.29
CA LEU D 615 -52.15 16.79 -7.79
C LEU D 615 -53.64 16.65 -7.51
N VAL D 616 -54.34 15.82 -8.28
CA VAL D 616 -55.77 15.47 -8.05
C VAL D 616 -55.81 14.02 -7.59
N GLY D 617 -56.68 13.72 -6.63
CA GLY D 617 -56.82 12.39 -6.04
C GLY D 617 -58.27 12.10 -5.72
N VAL D 618 -58.67 10.84 -5.87
CA VAL D 618 -59.97 10.31 -5.40
C VAL D 618 -59.65 9.10 -4.54
N PHE D 619 -60.10 9.12 -3.28
CA PHE D 619 -60.15 7.94 -2.38
C PHE D 619 -61.61 7.45 -2.34
N ASP D 620 -61.83 6.15 -2.51
CA ASP D 620 -63.18 5.55 -2.50
C ASP D 620 -63.14 4.21 -1.78
N ARG D 621 -63.03 4.24 -0.45
CA ARG D 621 -63.15 3.09 0.50
C ARG D 621 -61.97 2.14 0.38
N SER D 622 -61.76 1.52 -0.80
CA SER D 622 -60.73 0.49 -1.01
C SER D 622 -59.83 0.84 -2.21
N MET D 623 -59.87 2.07 -2.71
CA MET D 623 -59.21 2.50 -3.96
C MET D 623 -58.69 3.92 -3.78
N LEU D 624 -57.47 4.19 -4.23
CA LEU D 624 -56.91 5.55 -4.40
C LEU D 624 -56.45 5.72 -5.84
N GLU D 625 -56.91 6.77 -6.53
CA GLU D 625 -56.44 7.20 -7.86
C GLU D 625 -55.81 8.58 -7.73
N VAL D 626 -54.60 8.78 -8.24
CA VAL D 626 -53.91 10.09 -8.24
C VAL D 626 -53.56 10.49 -9.68
N PHE D 627 -53.67 11.77 -9.96
CA PHE D 627 -53.37 12.38 -11.28
C PHE D 627 -52.39 13.53 -11.00
N VAL D 628 -51.24 13.54 -11.68
CA VAL D 628 -50.12 14.49 -11.40
C VAL D 628 -49.91 15.37 -12.63
N ASN D 629 -49.82 16.69 -12.40
CA ASN D 629 -49.53 17.72 -13.44
C ASN D 629 -50.53 17.59 -14.59
N GLU D 630 -51.81 17.82 -14.29
CA GLU D 630 -52.93 17.81 -15.28
C GLU D 630 -53.01 16.43 -15.98
N GLY D 631 -52.85 15.36 -15.21
CA GLY D 631 -53.08 13.98 -15.65
C GLY D 631 -51.95 13.43 -16.49
N ALA D 632 -50.81 14.13 -16.51
CA ALA D 632 -49.60 13.70 -17.25
C ALA D 632 -49.18 12.32 -16.74
N HIS D 633 -49.27 12.10 -15.42
CA HIS D 633 -48.92 10.84 -14.73
C HIS D 633 -50.09 10.44 -13.85
N SER D 634 -50.31 9.15 -13.72
CA SER D 634 -51.57 8.57 -13.20
C SER D 634 -51.23 7.25 -12.48
N ALA D 635 -51.88 6.99 -11.36
CA ALA D 635 -51.73 5.72 -10.62
C ALA D 635 -53.08 5.35 -10.01
N THR D 636 -53.46 4.07 -10.15
CA THR D 636 -54.60 3.41 -9.50
C THR D 636 -54.03 2.42 -8.50
N MET D 637 -54.45 2.49 -7.24
CA MET D 637 -53.94 1.59 -6.16
C MET D 637 -55.11 1.12 -5.29
N LEU D 638 -55.33 -0.18 -5.21
CA LEU D 638 -56.27 -0.81 -4.25
C LEU D 638 -55.65 -0.77 -2.86
N VAL D 639 -56.47 -0.50 -1.84
CA VAL D 639 -56.08 -0.57 -0.40
C VAL D 639 -57.17 -1.34 0.35
N PHE D 640 -56.77 -2.29 1.19
CA PHE D 640 -57.65 -3.12 2.04
C PHE D 640 -57.17 -3.00 3.49
N PRO D 641 -57.25 -1.81 4.09
CA PRO D 641 -56.84 -1.63 5.49
C PRO D 641 -57.79 -2.41 6.43
N ASP D 642 -57.23 -2.97 7.51
CA ASP D 642 -57.99 -3.70 8.55
C ASP D 642 -59.08 -2.78 9.10
N SER D 643 -58.76 -1.50 9.28
CA SER D 643 -59.67 -0.44 9.78
C SER D 643 -59.96 0.53 8.65
N PRO D 644 -61.22 0.96 8.43
CA PRO D 644 -61.54 1.91 7.37
C PRO D 644 -60.82 3.24 7.61
N VAL D 645 -60.52 3.96 6.52
CA VAL D 645 -59.93 5.32 6.55
C VAL D 645 -61.01 6.30 7.04
N GLY D 646 -60.65 7.22 7.93
CA GLY D 646 -61.56 8.25 8.47
C GLY D 646 -61.01 9.67 8.34
N SER D 647 -59.77 9.80 7.89
CA SER D 647 -58.98 11.06 8.00
C SER D 647 -57.87 11.08 6.94
N MET D 648 -57.48 12.28 6.49
CA MET D 648 -56.26 12.47 5.68
C MET D 648 -55.49 13.70 6.17
N LYS D 649 -54.16 13.59 6.29
CA LYS D 649 -53.25 14.73 6.58
C LYS D 649 -52.58 15.14 5.27
N VAL D 650 -52.52 16.45 5.00
CA VAL D 650 -51.74 17.04 3.88
C VAL D 650 -50.69 17.98 4.49
N ALA D 651 -49.44 17.52 4.53
CA ALA D 651 -48.27 18.27 5.04
C ALA D 651 -47.44 18.77 3.86
N THR D 652 -47.09 20.05 3.86
CA THR D 652 -46.03 20.65 3.03
C THR D 652 -44.92 21.14 3.97
N GLY D 653 -43.68 21.13 3.51
CA GLY D 653 -42.50 21.47 4.32
C GLY D 653 -41.35 21.95 3.45
N GLY D 654 -40.50 22.85 3.99
CA GLY D 654 -39.26 23.32 3.37
C GLY D 654 -39.47 24.02 2.04
N LEU D 655 -40.67 24.53 1.76
CA LEU D 655 -40.97 25.16 0.44
C LEU D 655 -40.28 26.51 0.35
N PRO D 656 -39.79 26.93 -0.84
CA PRO D 656 -39.16 28.24 -0.99
C PRO D 656 -40.08 29.39 -0.59
N GLU D 657 -39.49 30.52 -0.16
CA GLU D 657 -40.23 31.75 0.24
C GLU D 657 -41.09 32.19 -0.95
N GLY D 658 -42.39 32.41 -0.73
CA GLY D 658 -43.34 32.90 -1.76
C GLY D 658 -43.99 31.78 -2.56
N THR D 659 -43.79 30.53 -2.14
CA THR D 659 -44.51 29.35 -2.70
C THR D 659 -46.00 29.49 -2.38
N GLN D 660 -46.85 29.40 -3.41
CA GLN D 660 -48.33 29.43 -3.28
C GLN D 660 -48.85 27.99 -3.27
N VAL D 661 -49.57 27.63 -2.21
CA VAL D 661 -50.17 26.28 -2.00
C VAL D 661 -51.69 26.48 -1.90
N ASN D 662 -52.47 25.74 -2.69
CA ASN D 662 -53.95 25.74 -2.60
C ASN D 662 -54.44 24.29 -2.50
N LEU D 663 -55.04 23.94 -1.37
CA LEU D 663 -55.60 22.60 -1.08
C LEU D 663 -57.13 22.71 -1.03
N GLN D 664 -57.82 21.93 -1.86
CA GLN D 664 -59.29 21.79 -1.87
C GLN D 664 -59.61 20.31 -1.63
N VAL D 665 -60.48 20.02 -0.65
CA VAL D 665 -60.93 18.63 -0.33
C VAL D 665 -62.46 18.64 -0.26
N ASN D 666 -63.11 17.74 -1.00
CA ASN D 666 -64.59 17.62 -1.05
C ASN D 666 -64.95 16.16 -0.77
N GLY D 667 -66.01 15.94 0.00
CA GLY D 667 -66.68 14.64 0.14
C GLY D 667 -67.37 14.30 -1.17
N LEU D 668 -67.45 13.01 -1.50
CA LEU D 668 -68.18 12.54 -2.70
C LEU D 668 -69.51 11.93 -2.25
N GLU D 669 -70.56 12.15 -3.04
CA GLU D 669 -71.90 11.55 -2.80
C GLU D 669 -71.93 10.15 -3.41
N SER D 670 -72.35 9.15 -2.65
CA SER D 670 -72.55 7.76 -3.11
C SER D 670 -73.52 7.73 -4.30
N THR D 671 -73.20 6.94 -5.32
CA THR D 671 -74.00 6.75 -6.55
C THR D 671 -74.98 5.59 -6.37
N TRP D 672 -74.81 4.79 -5.31
CA TRP D 672 -75.71 3.66 -4.96
C TRP D 672 -76.64 4.07 -3.81
C1 NAG E . 36.80 19.13 -8.96
C2 NAG E . 37.62 19.49 -10.22
C3 NAG E . 37.30 18.56 -11.37
C4 NAG E . 37.49 17.14 -10.92
C5 NAG E . 36.61 16.90 -9.71
C6 NAG E . 36.70 15.48 -9.20
C7 NAG E . 38.12 21.85 -10.53
C8 NAG E . 37.53 23.20 -10.82
N2 NAG E . 37.31 20.81 -10.68
O3 NAG E . 38.16 18.87 -12.46
O4 NAG E . 37.14 16.27 -11.99
O5 NAG E . 37.04 17.78 -8.68
O6 NAG E . 38.05 15.31 -8.74
O7 NAG E . 39.26 21.73 -10.11
C1 NAG E . 38.00 15.23 -12.21
C2 NAG E . 37.56 13.92 -12.87
C3 NAG E . 38.67 12.88 -13.07
C4 NAG E . 39.93 13.57 -13.62
C5 NAG E . 40.34 14.67 -12.63
C6 NAG E . 41.65 15.38 -12.98
C7 NAG E . 35.24 13.73 -12.20
C8 NAG E . 34.30 13.10 -11.21
N2 NAG E . 36.50 13.34 -12.09
O3 NAG E . 38.25 11.81 -13.94
O4 NAG E . 40.95 12.59 -13.91
O5 NAG E . 39.30 15.67 -12.65
O6 NAG E . 41.83 16.54 -12.14
O7 NAG E . 34.90 14.58 -13.01
C1 NAG F . 56.10 26.37 16.79
C2 NAG F . 55.69 27.76 17.29
C3 NAG F . 55.95 27.87 18.79
C4 NAG F . 55.16 26.78 19.48
C5 NAG F . 55.61 25.43 18.92
C6 NAG F . 54.86 24.26 19.53
C7 NAG F . 55.98 29.44 15.57
C8 NAG F . 56.87 30.53 14.99
N2 NAG F . 56.46 28.77 16.64
O3 NAG F . 55.47 29.12 19.30
O4 NAG F . 55.45 26.94 20.84
O5 NAG F . 55.37 25.39 17.51
O6 NAG F . 53.55 24.33 18.99
O7 NAG F . 54.89 29.18 15.08
C1 NAG F . 54.32 26.71 21.55
C2 NAG F . 54.43 26.18 23.00
C3 NAG F . 53.11 26.18 23.74
C4 NAG F . 52.16 27.30 23.34
C5 NAG F . 52.12 27.51 21.82
C6 NAG F . 51.20 28.64 21.42
C7 NAG F . 56.32 24.58 23.27
C8 NAG F . 57.12 25.72 23.89
N2 NAG F . 55.02 24.84 22.98
O3 NAG F . 53.44 26.34 25.11
O4 NAG F . 50.82 26.99 23.79
O5 NAG F . 53.45 27.84 21.43
O6 NAG F . 51.78 29.89 21.85
O7 NAG F . 56.85 23.49 23.02
C1 BMA F . 50.30 27.76 24.80
C2 BMA F . 48.82 27.52 25.09
C3 BMA F . 48.31 28.44 26.21
C4 BMA F . 49.23 28.37 27.43
C5 BMA F . 50.68 28.69 27.03
C6 BMA F . 51.67 28.65 28.19
O2 BMA F . 48.66 26.13 25.45
O3 BMA F . 46.97 28.10 26.61
O4 BMA F . 48.78 29.28 28.43
O5 BMA F . 51.07 27.75 26.04
O6 BMA F . 51.21 27.77 29.24
C1 NAG G . -27.24 11.80 -32.79
C2 NAG G . -27.53 13.00 -33.69
C3 NAG G . -27.32 14.31 -32.93
C4 NAG G . -28.02 14.29 -31.60
C5 NAG G . -27.53 13.09 -30.80
C6 NAG G . -28.17 12.99 -29.45
C7 NAG G . -27.03 12.50 -36.06
C8 NAG G . -26.03 12.64 -37.16
N2 NAG G . -26.67 12.98 -34.86
O3 NAG G . -27.88 15.38 -33.66
O4 NAG G . -27.68 15.48 -30.89
O5 NAG G . -27.84 11.90 -31.51
O6 NAG G . -29.57 12.78 -29.69
O7 NAG G . -28.10 11.94 -36.30
C1 NAG G . -28.71 16.21 -30.43
C2 NAG G . -28.47 17.19 -29.29
C3 NAG G . -29.76 17.81 -28.80
C4 NAG G . -30.65 18.26 -29.93
C5 NAG G . -30.87 17.15 -30.95
C6 NAG G . -31.76 17.54 -32.13
C7 NAG G . -26.44 16.26 -28.16
C8 NAG G . -25.92 15.61 -26.92
N2 NAG G . -27.76 16.50 -28.21
O3 NAG G . -29.42 18.93 -28.01
O4 NAG G . -31.91 18.66 -29.37
O5 NAG G . -29.58 16.75 -31.45
O6 NAG G . -31.07 18.38 -33.08
O7 NAG G . -25.67 16.56 -29.07
C1 BMA G . -32.22 19.96 -29.49
C2 BMA G . -33.70 20.19 -29.33
C3 BMA G . -34.02 21.67 -29.54
C4 BMA G . -33.18 22.51 -28.58
C5 BMA G . -31.69 22.08 -28.50
C6 BMA G . -30.95 22.67 -27.29
O2 BMA G . -34.13 19.74 -28.02
O3 BMA G . -35.42 21.97 -29.31
O4 BMA G . -33.27 23.85 -29.03
O5 BMA G . -31.55 20.64 -28.44
O6 BMA G . -31.87 22.99 -26.22
C1 MAN G . -36.16 21.93 -30.43
C2 MAN G . -37.63 22.24 -30.19
C3 MAN G . -38.34 21.05 -29.61
C4 MAN G . -38.23 19.90 -30.63
C5 MAN G . -36.73 19.64 -30.87
C6 MAN G . -36.51 18.49 -31.86
O2 MAN G . -38.27 22.55 -31.45
O3 MAN G . -39.70 21.40 -29.32
O4 MAN G . -38.91 18.74 -30.18
O5 MAN G . -36.07 20.83 -31.34
O6 MAN G . -35.14 18.47 -32.33
C1 MAN G . -38.65 23.82 -31.58
C2 MAN G . -39.99 23.87 -32.33
C3 MAN G . -39.82 23.58 -33.82
C4 MAN G . -38.64 24.41 -34.35
C5 MAN G . -37.37 24.07 -33.56
C6 MAN G . -36.10 24.69 -34.15
O2 MAN G . -40.64 25.14 -32.20
O3 MAN G . -41.04 23.88 -34.52
O4 MAN G . -38.46 24.20 -35.76
O5 MAN G . -37.56 24.53 -32.21
O6 MAN G . -35.63 23.93 -35.28
C1 MAN G . -32.27 21.99 -25.40
C2 MAN G . -33.73 21.96 -24.98
C3 MAN G . -34.04 23.33 -24.43
C4 MAN G . -33.11 23.59 -23.26
C5 MAN G . -31.65 23.33 -23.58
C6 MAN G . -30.80 23.34 -22.32
O2 MAN G . -34.01 21.00 -23.93
O3 MAN G . -35.40 23.33 -23.96
O4 MAN G . -33.30 24.98 -22.90
O5 MAN G . -31.50 22.04 -24.18
O6 MAN G . -29.45 22.89 -22.66
C1 NAG H . -33.84 -17.59 -31.13
C2 NAG H . -32.36 -17.86 -31.48
C3 NAG H . -31.93 -17.18 -32.76
C4 NAG H . -32.98 -17.44 -33.84
C5 NAG H . -34.37 -17.06 -33.33
C6 NAG H . -35.47 -17.19 -34.39
C7 NAG H . -30.92 -18.18 -29.56
C8 NAG H . -30.16 -17.56 -28.44
N2 NAG H . -31.57 -17.38 -30.37
O3 NAG H . -30.64 -17.69 -33.10
O4 NAG H . -32.71 -16.64 -35.01
O5 NAG H . -34.68 -17.91 -32.21
O6 NAG H . -36.00 -18.51 -34.32
O7 NAG H . -30.92 -19.37 -29.74
C1 NAG H . -32.03 -17.27 -36.00
C2 NAG H . -32.22 -16.68 -37.38
C3 NAG H . -31.45 -17.44 -38.45
C4 NAG H . -29.97 -17.53 -38.04
C5 NAG H . -29.79 -18.17 -36.64
C6 NAG H . -28.33 -18.04 -36.16
C7 NAG H . -34.43 -15.57 -37.38
C8 NAG H . -35.86 -15.69 -37.86
N2 NAG H . -33.63 -16.61 -37.72
O3 NAG H . -31.57 -16.69 -39.66
O4 NAG H . -29.21 -18.24 -39.06
O5 NAG H . -30.63 -17.53 -35.66
O6 NAG H . -28.04 -18.86 -35.00
O7 NAG H . -34.09 -14.60 -36.70
C1 NAG I . -46.38 -21.51 0.27
C2 NAG I . -47.35 -22.68 0.43
C3 NAG I . -48.58 -22.36 -0.37
C4 NAG I . -49.13 -20.98 -0.02
C5 NAG I . -48.06 -19.88 -0.04
C6 NAG I . -48.65 -18.58 0.51
C7 NAG I . -45.79 -24.54 0.66
C8 NAG I . -44.65 -25.20 -0.07
N2 NAG I . -46.65 -23.86 -0.09
O3 NAG I . -49.58 -23.35 -0.08
O4 NAG I . -50.18 -20.62 -0.95
O5 NAG I . -46.94 -20.29 0.75
O6 NAG I . -48.39 -17.50 -0.40
O7 NAG I . -45.83 -24.51 1.88
C1 NAG I . -51.47 -20.88 -0.60
C2 NAG I . -52.52 -20.24 -1.49
C3 NAG I . -53.94 -20.64 -1.09
C4 NAG I . -54.07 -22.17 -0.87
C5 NAG I . -52.89 -22.82 -0.13
C6 NAG I . -52.91 -24.33 -0.39
C7 NAG I . -51.88 -18.13 -2.59
C8 NAG I . -51.35 -16.75 -2.33
N2 NAG I . -52.32 -18.80 -1.50
O3 NAG I . -54.81 -20.24 -2.16
O4 NAG I . -55.26 -22.46 -0.11
O5 NAG I . -51.61 -22.33 -0.56
O6 NAG I . -52.65 -24.59 -1.78
O7 NAG I . -51.81 -18.62 -3.73
C1 BMA I . -56.27 -22.83 -0.92
C2 BMA I . -56.85 -24.23 -0.69
C3 BMA I . -57.98 -24.54 -1.67
C4 BMA I . -58.95 -23.39 -1.87
C5 BMA I . -58.26 -22.02 -2.02
C6 BMA I . -59.27 -20.84 -2.03
O2 BMA I . -57.28 -24.35 0.70
O3 BMA I . -58.73 -25.69 -1.21
O4 BMA I . -59.70 -23.67 -3.05
O5 BMA I . -57.30 -21.82 -0.98
O6 BMA I . -60.55 -21.14 -1.42
C1 NAG J . -49.54 -12.15 -38.69
C2 NAG J . -48.85 -13.09 -39.67
C3 NAG J . -49.33 -14.52 -39.50
C4 NAG J . -49.12 -14.95 -38.06
C5 NAG J . -49.74 -13.93 -37.12
C6 NAG J . -49.53 -14.21 -35.64
C7 NAG J . -48.23 -11.81 -41.66
C8 NAG J . -48.62 -11.34 -43.03
N2 NAG J . -49.08 -12.65 -41.04
O3 NAG J . -48.60 -15.37 -40.38
O4 NAG J . -49.72 -16.25 -37.95
O5 NAG J . -49.23 -12.64 -37.41
O6 NAG J . -48.14 -14.26 -35.36
O7 NAG J . -47.19 -11.40 -41.16
C1 NAG J . -48.99 -17.17 -37.27
C2 NAG J . -49.52 -18.18 -36.25
C3 NAG J . -48.44 -18.99 -35.54
C4 NAG J . -47.27 -19.33 -36.48
C5 NAG J . -46.84 -18.11 -37.32
C6 NAG J . -45.63 -18.45 -38.18
C7 NAG J . -51.64 -17.32 -35.38
C8 NAG J . -52.34 -16.94 -34.11
N2 NAG J . -50.33 -17.55 -35.22
O3 NAG J . -49.02 -20.20 -35.04
O4 NAG J . -46.14 -19.77 -35.73
O5 NAG J . -47.96 -17.71 -38.13
O6 NAG J . -44.60 -17.51 -37.87
O7 NAG J . -52.21 -17.43 -36.48
C1 BMA J . -45.91 -21.10 -35.77
C2 BMA J . -44.46 -21.46 -35.46
C3 BMA J . -44.21 -22.96 -35.51
C4 BMA J . -45.32 -23.78 -34.84
C5 BMA J . -46.73 -23.28 -35.20
C6 BMA J . -47.89 -23.99 -34.47
O2 BMA J . -44.11 -20.96 -34.14
O3 BMA J . -42.94 -23.24 -34.88
O4 BMA J . -45.20 -25.16 -35.24
O5 BMA J . -46.80 -21.87 -34.93
O6 BMA J . -47.46 -24.94 -33.46
C1 NAG K . -44.59 16.22 -29.66
C2 NAG K . -45.84 16.59 -30.46
C3 NAG K . -45.72 16.05 -31.88
C4 NAG K . -44.43 16.56 -32.51
C5 NAG K . -43.23 16.19 -31.64
C6 NAG K . -41.95 16.88 -32.14
C7 NAG K . -47.79 16.65 -28.92
C8 NAG K . -48.87 15.83 -28.31
N2 NAG K . -47.03 16.02 -29.82
O3 NAG K . -46.89 16.37 -32.63
O4 NAG K . -44.26 15.98 -33.81
O5 NAG K . -43.41 16.66 -30.32
O6 NAG K . -41.93 18.27 -31.71
O7 NAG K . -47.66 17.79 -28.56
C1 NAG K . -44.29 16.70 -34.96
C2 NAG K . -43.48 16.43 -36.23
C3 NAG K . -43.62 17.56 -37.25
C4 NAG K . -45.10 17.89 -37.50
C5 NAG K . -45.83 18.17 -36.19
C6 NAG K . -47.33 18.36 -36.45
C7 NAG K . -41.67 14.98 -35.39
C8 NAG K . -40.19 14.88 -35.12
N2 NAG K . -42.09 16.15 -35.89
O3 NAG K . -43.00 17.14 -38.47
O4 NAG K . -45.28 19.02 -38.38
O5 NAG K . -45.65 17.10 -35.24
O6 NAG K . -47.89 17.11 -36.88
O7 NAG K . -42.42 14.05 -35.16
C1 GLC L . 27.65 1.90 -0.54
C2 GLC L . 29.10 1.43 -0.39
C3 GLC L . 29.84 1.63 -1.68
C4 GLC L . 29.11 1.02 -2.85
C5 GLC L . 27.63 1.45 -2.84
C6 GLC L . 26.85 0.80 -3.96
O2 GLC L . 29.76 2.23 0.58
O3 GLC L . 31.13 1.04 -1.62
O4 GLC L . 29.79 1.49 -4.04
O5 GLC L . 27.01 1.17 -1.57
O6 GLC L . 27.06 -0.62 -3.88
C1 FRU L . 27.24 4.24 1.35
C2 FRU L . 26.72 4.05 -0.06
C3 FRU L . 26.49 5.37 -0.74
C4 FRU L . 25.38 5.02 -1.75
C5 FRU L . 24.59 3.94 -1.04
C6 FRU L . 24.13 2.83 -1.97
O1 FRU L . 26.13 4.59 2.17
O2 FRU L . 27.62 3.30 -0.85
O3 FRU L . 27.71 5.88 -1.31
O4 FRU L . 24.53 6.12 -2.08
O5 FRU L . 25.45 3.40 -0.05
O6 FRU L . 23.13 2.05 -1.31
C1 GLC M . 57.03 6.92 25.05
C2 GLC M . 55.48 7.00 25.03
C3 GLC M . 54.96 8.28 25.63
C4 GLC M . 55.64 8.54 26.97
C5 GLC M . 57.16 8.40 26.85
C6 GLC M . 57.82 8.72 28.19
O2 GLC M . 54.92 6.91 23.73
O3 GLC M . 53.53 8.21 25.78
O4 GLC M . 55.41 9.89 27.36
O5 GLC M . 57.50 7.08 26.39
O6 GLC M . 58.03 7.45 28.79
C1 FRU M . 57.87 6.73 22.17
C2 FRU M . 58.57 7.48 23.29
C3 FRU M . 59.37 8.71 22.81
C4 FRU M . 60.44 8.86 23.91
C5 FRU M . 60.70 7.41 24.33
C6 FRU M . 60.93 7.25 25.83
O1 FRU M . 58.66 5.58 21.82
O2 FRU M . 57.61 7.92 24.23
O3 FRU M . 58.57 9.88 22.70
O4 FRU M . 61.63 9.49 23.48
O5 FRU M . 59.52 6.70 23.94
O6 FRU M . 61.48 5.92 26.02
C1 GLC N . -25.49 8.54 -11.89
C2 GLC N . -27.01 8.76 -11.86
C3 GLC N . -27.34 9.97 -12.70
C4 GLC N . -26.49 11.16 -12.25
C5 GLC N . -25.00 10.78 -12.17
C6 GLC N . -24.16 11.97 -11.66
O2 GLC N . -27.69 7.62 -12.41
O3 GLC N . -28.73 10.26 -12.63
O4 GLC N . -26.61 12.23 -13.20
O5 GLC N . -24.84 9.63 -11.32
O6 GLC N . -24.44 12.22 -10.27
C1 FRU N . -25.03 6.01 -13.39
C2 FRU N . -24.18 7.30 -13.41
C3 FRU N . -23.40 7.48 -14.69
C4 FRU N . -22.26 8.42 -14.23
C5 FRU N . -22.00 7.95 -12.81
C6 FRU N . -21.62 9.10 -11.87
O1 FRU N . -24.39 4.93 -12.68
O2 FRU N . -25.05 8.41 -13.27
O3 FRU N . -24.20 8.00 -15.75
O4 FRU N . -21.06 8.39 -15.04
O5 FRU N . -23.19 7.27 -12.36
O6 FRU N . -20.99 8.53 -10.67
C1 GLC O . -57.62 -12.75 -19.05
C2 GLC O . -56.17 -12.88 -18.62
C3 GLC O . -55.47 -13.92 -19.49
C4 GLC O . -56.20 -15.26 -19.51
C5 GLC O . -57.69 -15.07 -19.78
C6 GLC O . -58.35 -16.42 -19.54
O2 GLC O . -55.60 -11.58 -18.69
O3 GLC O . -54.16 -14.31 -19.10
O4 GLC O . -55.63 -16.11 -20.55
O5 GLC O . -58.25 -14.04 -18.95
O6 GLC O . -59.35 -16.25 -18.53
C1 FRU O . -57.95 -9.79 -20.17
C2 FRU O . -58.54 -11.13 -20.60
C3 FRU O . -58.89 -11.02 -22.09
C4 FRU O . -59.99 -12.03 -22.24
C5 FRU O . -60.71 -11.88 -20.89
C6 FRU O . -61.31 -13.17 -20.41
O1 FRU O . -57.59 -9.86 -18.80
O2 FRU O . -57.66 -12.23 -20.40
O3 FRU O . -57.74 -11.22 -22.89
O4 FRU O . -60.85 -11.72 -23.32
O5 FRU O . -59.76 -11.43 -19.90
O6 FRU O . -62.12 -12.82 -19.26
C1 MAN P . 17.09 -20.07 17.20
C2 MAN P . 16.32 -21.29 16.63
C3 MAN P . 15.58 -21.96 17.78
C4 MAN P . 16.59 -22.37 18.84
C5 MAN P . 17.49 -21.21 19.26
C6 MAN P . 18.60 -21.67 20.21
O2 MAN P . 17.21 -22.24 15.98
O3 MAN P . 14.82 -23.07 17.29
O4 MAN P . 15.93 -22.80 20.01
O5 MAN P . 18.09 -20.57 18.11
O6 MAN P . 19.58 -20.65 20.35
C1 MAN Q . 13.69 -21.62 13.56
C2 MAN Q . 14.55 -22.09 12.37
C3 MAN Q . 13.78 -22.09 11.03
C4 MAN Q . 12.38 -22.70 11.18
C5 MAN Q . 11.69 -22.14 12.43
C6 MAN Q . 10.26 -22.67 12.65
O2 MAN Q . 15.04 -23.41 12.68
O3 MAN Q . 14.50 -22.77 9.98
O4 MAN Q . 11.65 -22.43 9.99
O5 MAN Q . 12.50 -22.43 13.59
O6 MAN Q . 9.46 -21.64 13.26
C1 MAN R . 12.76 -16.85 5.65
C2 MAN R . 12.46 -18.36 5.70
C3 MAN R . 13.08 -18.98 6.96
C4 MAN R . 14.57 -18.61 7.16
C5 MAN R . 14.83 -17.12 6.93
C6 MAN R . 16.35 -16.87 6.76
O2 MAN R . 12.94 -18.97 4.50
O3 MAN R . 12.93 -20.40 6.94
O4 MAN R . 14.99 -18.90 8.51
O5 MAN R . 14.13 -16.56 5.80
O6 MAN R . 16.58 -15.58 6.14
C1 MAN S . 4.18 -0.89 -7.55
C2 MAN S . 4.60 -2.23 -8.17
C3 MAN S . 6.11 -2.36 -7.98
C4 MAN S . 6.73 -1.27 -8.82
C5 MAN S . 6.12 0.11 -8.51
C6 MAN S . 6.60 1.18 -9.50
O2 MAN S . 4.24 -2.21 -9.58
O3 MAN S . 6.56 -3.69 -8.37
O4 MAN S . 8.11 -1.20 -8.55
O5 MAN S . 4.68 0.08 -8.47
O6 MAN S . 7.83 0.81 -10.13
C1 NAG T . 16.55 2.43 -16.87
C2 NAG T . 17.12 2.18 -18.25
C3 NAG T . 18.55 2.71 -18.30
C4 NAG T . 18.56 4.17 -17.89
C5 NAG T . 17.84 4.34 -16.55
C6 NAG T . 17.69 5.79 -16.14
C7 NAG T . 16.37 0.15 -19.38
C8 NAG T . 16.87 -1.22 -19.77
N2 NAG T . 17.17 0.76 -18.50
O3 NAG T . 19.16 2.52 -19.59
O4 NAG T . 19.93 4.59 -17.84
O5 NAG T . 16.51 3.82 -16.64
O6 NAG T . 16.29 6.11 -16.06
O7 NAG T . 15.36 0.67 -19.89
C1 NAG U . 16.39 27.70 -12.60
C2 NAG U . 15.53 27.60 -13.87
C3 NAG U . 16.45 27.71 -15.08
C4 NAG U . 17.33 28.96 -15.04
C5 NAG U . 17.92 29.21 -13.66
C6 NAG U . 18.47 30.62 -13.58
C7 NAG U . 13.45 26.29 -13.75
C8 NAG U . 12.79 24.99 -14.13
N2 NAG U . 14.77 26.36 -13.98
O3 NAG U . 15.67 27.70 -16.30
O4 NAG U . 18.48 28.77 -15.90
O5 NAG U . 16.90 29.03 -12.67
O6 NAG U . 17.51 31.43 -12.92
O7 NAG U . 12.80 27.23 -13.29
C1 NAG V . 34.44 32.17 -0.21
C2 NAG V . 34.31 33.30 -1.27
C3 NAG V . 35.21 32.97 -2.47
C4 NAG V . 36.65 32.75 -2.00
C5 NAG V . 36.66 31.65 -0.94
C6 NAG V . 38.04 31.33 -0.40
C7 NAG V . 32.03 34.22 -1.23
C8 NAG V . 30.61 33.89 -1.61
N2 NAG V . 32.94 33.41 -1.77
O3 NAG V . 35.15 34.05 -3.42
O4 NAG V . 37.40 32.38 -3.13
O5 NAG V . 35.81 32.03 0.17
O6 NAG V . 37.93 30.69 0.88
O7 NAG V . 32.31 35.10 -0.43
C1 NAG W . 38.21 25.89 20.37
C2 NAG W . 36.98 26.75 20.11
C3 NAG W . 37.16 27.73 18.94
C4 NAG W . 38.49 28.47 19.05
C5 NAG W . 39.63 27.50 19.39
C6 NAG W . 40.96 28.27 19.64
C7 NAG W . 34.95 25.61 20.73
C8 NAG W . 33.89 24.60 20.35
N2 NAG W . 35.89 25.83 19.83
O3 NAG W . 36.07 28.65 18.92
O4 NAG W . 38.82 29.14 17.82
O5 NAG W . 39.32 26.71 20.56
O6 NAG W . 40.77 29.12 20.79
O7 NAG W . 35.00 26.17 21.80
C1 NAG X . 38.27 2.90 47.60
C2 NAG X . 38.07 3.70 48.86
C3 NAG X . 39.24 4.57 49.24
C4 NAG X . 40.53 3.75 49.18
C5 NAG X . 40.60 2.99 47.86
C6 NAG X . 41.87 2.14 47.76
C7 NAG X . 35.74 4.12 49.27
C8 NAG X . 34.55 4.96 48.94
N2 NAG X . 36.88 4.49 48.65
O3 NAG X . 38.97 5.05 50.55
O4 NAG X . 41.63 4.63 49.26
O5 NAG X . 39.45 2.14 47.73
O6 NAG X . 41.47 0.75 47.73
O7 NAG X . 35.68 3.15 50.03
C1 NAG Y . 25.23 12.74 35.65
C2 NAG Y . 23.82 13.03 36.13
C3 NAG Y . 22.98 13.84 35.14
C4 NAG Y . 23.79 14.95 34.45
C5 NAG Y . 25.22 14.51 34.10
C6 NAG Y . 26.05 15.67 33.55
C7 NAG Y . 22.71 11.35 37.44
C8 NAG Y . 21.60 10.33 37.35
N2 NAG Y . 23.16 11.76 36.27
O3 NAG Y . 21.89 14.46 35.84
O4 NAG Y . 23.10 15.30 33.24
O5 NAG Y . 25.90 13.94 35.25
O6 NAG Y . 27.15 15.12 32.80
O7 NAG Y . 23.10 11.84 38.49
C1 NAG Z . 51.80 15.22 43.95
C2 NAG Z . 52.74 16.39 43.93
C3 NAG Z . 54.16 15.95 44.18
C4 NAG Z . 54.21 15.17 45.49
C5 NAG Z . 53.26 14.00 45.33
C6 NAG Z . 53.25 13.06 46.51
C7 NAG Z . 51.97 18.16 42.51
C8 NAG Z . 51.23 18.37 41.20
N2 NAG Z . 52.60 16.98 42.62
O3 NAG Z . 54.98 17.11 44.22
O4 NAG Z . 55.53 14.69 45.74
O5 NAG Z . 51.96 14.55 45.18
O6 NAG Z . 52.13 12.17 46.32
O7 NAG Z . 51.87 18.95 43.46
C1 MAN AA . 56.23 -22.75 30.46
C2 MAN AA . 56.43 -23.36 31.87
C3 MAN AA . 56.59 -24.87 31.69
C4 MAN AA . 55.53 -25.49 30.79
C5 MAN AA . 54.99 -24.59 29.66
C6 MAN AA . 53.59 -25.00 29.19
O2 MAN AA . 55.35 -23.05 32.79
O3 MAN AA . 56.53 -25.53 32.95
O4 MAN AA . 56.13 -26.63 30.20
O5 MAN AA . 54.94 -23.21 30.05
O6 MAN AA . 52.98 -24.02 28.33
C1 MAN BA . 61.26 -21.77 34.02
C2 MAN BA . 61.39 -23.24 34.53
C3 MAN BA . 60.16 -23.60 35.29
C4 MAN BA . 59.89 -22.63 36.40
C5 MAN BA . 59.73 -21.24 35.83
C6 MAN BA . 59.50 -20.23 36.98
O2 MAN BA . 62.57 -23.39 35.40
O3 MAN BA . 60.41 -24.87 36.01
O4 MAN BA . 58.53 -23.03 36.98
O5 MAN BA . 61.03 -20.97 35.26
O6 MAN BA . 58.12 -19.69 36.87
C1 MAN CA . 63.05 -13.95 36.28
C2 MAN CA . 63.15 -12.92 37.44
C3 MAN CA . 63.86 -13.53 38.62
C4 MAN CA . 63.09 -14.78 39.05
C5 MAN CA . 62.86 -15.70 37.85
C6 MAN CA . 62.01 -16.90 38.23
O2 MAN CA . 61.85 -12.48 37.91
O3 MAN CA . 63.96 -12.58 39.71
O4 MAN CA . 63.81 -15.45 40.09
O5 MAN CA . 62.21 -14.99 36.78
O6 MAN CA . 62.41 -18.04 37.45
C1 NAG DA . 70.69 16.00 37.73
C2 NAG DA . 69.93 16.55 36.51
C3 NAG DA . 69.85 18.09 36.55
C4 NAG DA . 69.32 18.53 37.91
C5 NAG DA . 70.17 17.92 39.04
C6 NAG DA . 69.70 18.38 40.43
C7 NAG DA . 71.21 16.77 34.52
C8 NAG DA . 72.66 17.00 34.92
N2 NAG DA . 70.50 15.94 35.29
O3 NAG DA . 69.00 18.58 35.52
O4 NAG DA . 69.37 19.98 37.99
O5 NAG DA . 70.16 16.49 38.97
O6 NAG DA . 68.43 19.09 40.43
O7 NAG DA . 70.67 17.56 33.75
C1 NAG EA . 94.63 15.43 18.33
C2 NAG EA . 94.20 15.44 19.82
C3 NAG EA . 95.21 16.11 20.77
C4 NAG EA . 96.68 15.93 20.36
C5 NAG EA . 96.83 16.17 18.85
C6 NAG EA . 98.27 16.07 18.37
C7 NAG EA . 92.75 17.35 20.25
C8 NAG EA . 93.29 18.33 19.19
N2 NAG EA . 92.84 16.03 20.01
O3 NAG EA . 94.98 15.74 22.14
O4 NAG EA . 97.43 16.91 21.10
O5 NAG EA . 96.03 15.19 18.15
O6 NAG EA . 98.26 15.94 16.94
O7 NAG EA . 92.52 17.80 21.37
C1 NAG FA . 78.15 27.14 16.12
C2 NAG FA . 79.15 27.90 16.97
C3 NAG FA . 78.53 29.10 17.67
C4 NAG FA . 77.65 29.93 16.74
C5 NAG FA . 76.88 29.07 15.73
C6 NAG FA . 76.09 29.86 14.67
C7 NAG FA . 80.97 26.45 17.68
C8 NAG FA . 81.66 26.84 16.38
N2 NAG FA . 79.77 27.00 17.93
O3 NAG FA . 79.59 29.90 18.19
O4 NAG FA . 76.75 30.62 17.63
O5 NAG FA . 77.74 28.10 15.11
O6 NAG FA . 74.68 29.50 14.74
O7 NAG FA . 81.48 25.66 18.48
C1 NAG GA . 61.30 27.05 1.85
C2 NAG GA . 61.89 28.42 1.60
C3 NAG GA . 61.17 29.50 2.39
C4 NAG GA . 59.66 29.35 2.27
C5 NAG GA . 59.24 27.88 2.53
C6 NAG GA . 57.76 27.58 2.45
C7 NAG GA . 64.22 28.29 1.02
C8 NAG GA . 65.61 28.00 1.54
N2 NAG GA . 63.28 28.37 1.95
O3 NAG GA . 61.57 30.73 1.86
O4 NAG GA . 59.11 30.16 3.29
O5 NAG GA . 59.91 27.08 1.57
O6 NAG GA . 57.50 27.49 1.08
O7 NAG GA . 63.94 28.38 -0.17
C1 NAG HA . 52.43 9.87 -8.10
C2 NAG HA . 53.92 10.10 -8.37
C3 NAG HA . 54.30 11.59 -8.31
C4 NAG HA . 53.36 12.35 -9.25
C5 NAG HA . 51.92 12.13 -8.78
C6 NAG HA . 50.89 12.89 -9.64
C7 NAG HA . 55.26 8.25 -7.53
C8 NAG HA . 55.97 7.67 -6.37
N2 NAG HA . 54.68 9.43 -7.35
O3 NAG HA . 55.68 11.79 -8.63
O4 NAG HA . 53.68 13.74 -9.24
O5 NAG HA . 51.57 10.73 -8.83
O6 NAG HA . 50.80 12.22 -10.92
O7 NAG HA . 55.18 7.68 -8.56
C1 NAG IA . 39.11 -23.57 -9.26
C2 NAG IA . 39.40 -23.58 -10.77
C3 NAG IA . 38.24 -23.02 -11.60
C4 NAG IA . 36.93 -23.68 -11.19
C5 NAG IA . 36.76 -23.44 -9.70
C6 NAG IA . 35.43 -23.93 -9.17
C7 NAG IA . 41.71 -23.39 -11.56
C8 NAG IA . 42.81 -22.44 -11.96
N2 NAG IA . 40.59 -22.82 -11.07
O3 NAG IA . 38.46 -23.26 -12.98
O4 NAG IA . 35.84 -23.14 -11.92
O5 NAG IA . 37.81 -24.12 -9.00
O6 NAG IA . 35.34 -23.49 -7.81
O7 NAG IA . 41.82 -24.61 -11.69
C1 NAG JA . 57.31 -13.67 -7.07
C2 NAG JA . 58.42 -14.72 -7.01
C3 NAG JA . 59.77 -14.11 -6.80
C4 NAG JA . 59.98 -13.11 -7.93
C5 NAG JA . 58.85 -12.06 -7.91
C6 NAG JA . 59.03 -11.01 -9.02
C7 NAG JA . 57.48 -16.75 -6.20
C8 NAG JA . 57.02 -17.59 -5.02
N2 NAG JA . 58.17 -15.65 -5.92
O3 NAG JA . 60.74 -15.17 -6.78
O4 NAG JA . 61.28 -12.52 -7.79
O5 NAG JA . 57.58 -12.69 -8.06
O6 NAG JA . 58.28 -11.37 -10.21
O7 NAG JA . 57.20 -17.02 -7.36
C1 MAN KA . -25.83 -1.71 16.47
C2 MAN KA . -25.29 -0.68 17.50
C3 MAN KA . -24.87 -1.46 18.76
C4 MAN KA . -25.99 -2.38 19.24
C5 MAN KA . -26.68 -3.13 18.08
C6 MAN KA . -27.92 -3.89 18.53
O2 MAN KA . -26.22 0.36 17.83
O3 MAN KA . -24.49 -0.57 19.80
O4 MAN KA . -25.44 -3.36 20.15
O5 MAN KA . -27.03 -2.22 17.03
O6 MAN KA . -27.50 -5.13 19.11
C1 MAN LA . -18.61 6.57 11.79
C2 MAN LA . -18.87 8.07 11.78
C3 MAN LA . -18.01 8.69 12.88
C4 MAN LA . -18.33 8.03 14.24
C5 MAN LA . -18.45 6.50 14.12
C6 MAN LA . -19.00 5.88 15.41
O2 MAN LA . -20.29 8.27 12.00
O3 MAN LA . -18.27 10.08 12.88
O4 MAN LA . -17.31 8.26 15.23
O5 MAN LA . -19.26 6.14 12.99
O6 MAN LA . -17.92 5.70 16.35
C1 MAN MA . -3.11 13.03 -3.44
C2 MAN MA . -4.18 14.01 -2.91
C3 MAN MA . -5.28 14.12 -3.90
C4 MAN MA . -4.71 14.61 -5.21
C5 MAN MA . -3.67 13.67 -5.68
C6 MAN MA . -2.97 14.11 -6.98
O2 MAN MA . -3.50 15.35 -2.71
O3 MAN MA . -6.25 15.19 -3.41
O4 MAN MA . -5.77 14.60 -6.25
O5 MAN MA . -2.62 13.68 -4.69
O6 MAN MA . -4.11 14.33 -7.95
C1 MAN NA . -0.76 3.91 2.33
C2 MAN NA . -1.06 2.97 3.51
C3 MAN NA . -1.49 3.79 4.73
C4 MAN NA . -0.45 4.89 5.03
C5 MAN NA . -0.23 5.74 3.77
C6 MAN NA . 0.82 6.83 3.96
O2 MAN NA . 0.13 2.20 3.76
O3 MAN NA . -1.73 2.96 5.89
O4 MAN NA . -0.90 5.79 6.05
O5 MAN NA . 0.23 4.88 2.72
O6 MAN NA . 0.98 7.48 2.69
C1 NAG OA . -10.78 22.02 -13.52
C2 NAG OA . -10.80 23.50 -13.94
C3 NAG OA . -11.75 23.74 -15.09
C4 NAG OA . -11.55 22.70 -16.19
C5 NAG OA . -11.46 21.28 -15.62
C6 NAG OA . -11.25 20.23 -16.72
C7 NAG OA . -10.29 24.94 -12.00
C8 NAG OA . -10.70 25.00 -10.54
N2 NAG OA . -11.19 24.32 -12.79
O3 NAG OA . -11.49 25.08 -15.53
O4 NAG OA . -12.66 22.75 -17.09
O5 NAG OA . -10.42 21.19 -14.62
O6 NAG OA . -9.87 20.12 -17.11
O7 NAG OA . -9.15 25.27 -12.36
C1 NAG PA . -3.39 -7.13 -32.51
C2 NAG PA . -4.90 -6.95 -32.65
C3 NAG PA . -5.59 -8.20 -33.21
C4 NAG PA . -4.88 -8.68 -34.45
C5 NAG PA . -3.40 -8.91 -34.12
C6 NAG PA . -2.63 -9.51 -35.30
C7 NAG PA . -5.96 -5.35 -31.16
C8 NAG PA . -6.85 -5.24 -29.95
N2 NAG PA . -5.56 -6.61 -31.40
O3 NAG PA . -6.95 -7.94 -33.54
O4 NAG PA . -5.51 -9.89 -34.85
O5 NAG PA . -2.77 -7.71 -33.67
O6 NAG PA . -2.00 -8.49 -36.06
O7 NAG PA . -5.67 -4.35 -31.85
C1 NAG QA . -23.67 -1.13 -41.25
C2 NAG QA . -23.00 -0.66 -42.58
C3 NAG QA . -23.60 0.64 -43.08
C4 NAG QA . -25.10 0.60 -43.09
C5 NAG QA . -25.61 0.12 -41.71
C6 NAG QA . -27.14 0.09 -41.62
C7 NAG QA . -20.67 -1.38 -42.73
C8 NAG QA . -19.26 -1.14 -42.22
N2 NAG QA . -21.57 -0.46 -42.40
O3 NAG QA . -23.14 0.80 -44.41
O4 NAG QA . -25.60 1.91 -43.43
O5 NAG QA . -25.08 -1.20 -41.45
O6 NAG QA . -27.63 -1.23 -41.37
O7 NAG QA . -20.97 -2.39 -43.35
C1 NAG RA . -46.54 -34.95 -2.84
C2 NAG RA . -46.42 -36.30 -3.55
C3 NAG RA . -47.64 -36.61 -4.44
C4 NAG RA . -48.94 -36.24 -3.75
C5 NAG RA . -48.87 -34.78 -3.35
C6 NAG RA . -50.20 -34.28 -2.78
C7 NAG RA . -44.14 -36.92 -4.08
C8 NAG RA . -43.13 -37.02 -5.19
N2 NAG RA . -45.25 -36.28 -4.41
O3 NAG RA . -47.61 -37.97 -4.88
O4 NAG RA . -50.09 -36.39 -4.58
O5 NAG RA . -47.85 -34.68 -2.35
O6 NAG RA . -50.11 -34.29 -1.36
O7 NAG RA . -43.98 -37.43 -2.98
C1 NAG SA . -29.01 -28.80 -10.81
C2 NAG SA . -27.63 -29.42 -10.63
C3 NAG SA . -26.56 -28.65 -11.39
C4 NAG SA . -27.03 -28.19 -12.79
C5 NAG SA . -28.46 -27.63 -12.77
C6 NAG SA . -29.02 -27.33 -14.15
C7 NAG SA . -27.47 -30.39 -8.38
C8 NAG SA . -27.51 -31.78 -8.98
N2 NAG SA . -27.37 -29.36 -9.21
O3 NAG SA . -25.44 -29.52 -11.47
O4 NAG SA . -26.17 -27.16 -13.32
O5 NAG SA . -29.28 -28.63 -12.19
O6 NAG SA . -28.15 -26.40 -14.80
O7 NAG SA . -27.63 -30.17 -7.18
C1 NAG TA . -54.82 -34.32 -18.39
C2 NAG TA . -55.71 -34.98 -19.42
C3 NAG TA . -57.16 -34.80 -19.03
C4 NAG TA . -57.39 -35.20 -17.60
C5 NAG TA . -56.48 -34.34 -16.72
C6 NAG TA . -56.68 -34.55 -15.23
C7 NAG TA . -54.70 -34.91 -21.57
C8 NAG TA . -53.55 -34.11 -22.15
N2 NAG TA . -55.42 -34.28 -20.66
O3 NAG TA . -57.94 -35.61 -19.88
O4 NAG TA . -58.76 -35.00 -17.29
O5 NAG TA . -55.15 -34.70 -17.07
O6 NAG TA . -55.56 -33.94 -14.59
O7 NAG TA . -54.82 -36.12 -21.78
C1 MAN UA . -66.17 -7.65 9.56
C2 MAN UA . -66.47 -8.03 11.00
C3 MAN UA . -65.85 -6.97 11.94
C4 MAN UA . -64.34 -6.84 11.69
C5 MAN UA . -64.06 -6.51 10.22
C6 MAN UA . -62.54 -6.44 9.87
O2 MAN UA . -65.98 -9.35 11.31
O3 MAN UA . -66.13 -7.31 13.30
O4 MAN UA . -63.82 -5.79 12.53
O5 MAN UA . -64.76 -7.44 9.35
O6 MAN UA . -62.27 -6.05 8.50
C1 MAN VA . -71.43 -15.16 1.34
C2 MAN VA . -71.93 -16.55 1.73
C3 MAN VA . -72.76 -16.50 3.01
C4 MAN VA . -72.00 -15.78 4.12
C5 MAN VA . -71.46 -14.42 3.64
C6 MAN VA . -70.65 -13.75 4.76
O2 MAN VA . -70.82 -17.43 1.98
O3 MAN VA . -73.16 -17.82 3.42
O4 MAN VA . -72.88 -15.55 5.23
O5 MAN VA . -70.68 -14.60 2.43
O6 MAN VA . -69.83 -12.68 4.28
C1 MAN WA . -81.66 -17.88 -19.19
C2 MAN WA . -82.49 -18.96 -18.47
C3 MAN WA . -81.68 -19.66 -17.34
C4 MAN WA . -80.32 -20.11 -17.86
C5 MAN WA . -79.63 -19.00 -18.70
C6 MAN WA . -78.30 -19.43 -19.32
O2 MAN WA . -82.95 -19.91 -19.45
O3 MAN WA . -82.38 -20.78 -16.75
O4 MAN WA . -79.56 -20.49 -16.71
O5 MAN WA . -80.52 -18.57 -19.75
O6 MAN WA . -78.15 -18.78 -20.59
C1 NAG XA . -70.58 -25.49 -27.05
C2 NAG XA . -70.41 -26.85 -27.76
C3 NAG XA . -69.12 -26.84 -28.57
C4 NAG XA . -69.08 -25.65 -29.49
C5 NAG XA . -69.30 -24.36 -28.67
C6 NAG XA . -69.28 -23.10 -29.52
C7 NAG XA . -71.44 -28.88 -26.79
C8 NAG XA . -71.13 -30.24 -26.20
N2 NAG XA . -70.39 -28.05 -26.91
O3 NAG XA . -69.07 -28.04 -29.33
O4 NAG XA . -67.84 -25.72 -30.15
O5 NAG XA . -70.58 -24.47 -28.03
O6 NAG XA . -70.59 -22.81 -30.07
O7 NAG XA . -72.58 -28.63 -27.20
C1 NAG YA . -88.40 -4.35 -36.88
C2 NAG YA . -89.18 -4.00 -35.60
C3 NAG YA . -89.66 -5.24 -34.82
C4 NAG YA . -90.31 -6.27 -35.73
C5 NAG YA . -89.35 -6.55 -36.88
C6 NAG YA . -89.73 -7.72 -37.80
C7 NAG YA . -87.41 -3.19 -33.90
C8 NAG YA . -86.67 -4.48 -33.83
N2 NAG YA . -88.50 -3.06 -34.71
O3 NAG YA . -90.54 -4.87 -33.75
O4 NAG YA . -90.57 -7.44 -34.93
O5 NAG YA . -89.24 -5.30 -37.59
O6 NAG YA . -90.15 -7.21 -39.05
O7 NAG YA . -87.04 -2.21 -33.22
C1 NAG ZA . -70.19 -8.67 -46.72
C2 NAG ZA . -71.32 -9.37 -47.48
C3 NAG ZA . -70.72 -10.48 -48.34
C4 NAG ZA . -69.64 -9.90 -49.26
C5 NAG ZA . -68.58 -9.22 -48.41
C6 NAG ZA . -67.41 -8.62 -49.20
C7 NAG ZA . -73.47 -9.35 -46.25
C8 NAG ZA . -74.40 -10.13 -45.36
N2 NAG ZA . -72.31 -9.93 -46.55
O3 NAG ZA . -71.76 -11.09 -49.11
O4 NAG ZA . -69.08 -10.95 -50.09
O5 NAG ZA . -69.27 -8.18 -47.71
O6 NAG ZA . -66.15 -8.94 -48.53
O7 NAG ZA . -73.78 -8.25 -46.67
C1 NAG AB . -50.70 2.19 -45.21
C2 NAG AB . -50.97 1.91 -46.69
C3 NAG AB . -50.19 0.71 -47.17
C4 NAG AB . -48.72 1.01 -46.92
C5 NAG AB . -48.58 1.12 -45.41
C6 NAG AB . -47.14 1.19 -44.90
C7 NAG AB . -53.14 2.58 -47.58
C8 NAG AB . -54.51 2.10 -47.99
N2 NAG AB . -52.36 1.64 -47.03
O3 NAG AB . -50.48 0.55 -48.56
O4 NAG AB . -47.88 -0.03 -47.48
O5 NAG AB . -49.30 2.30 -44.97
O6 NAG AB . -47.17 1.83 -43.62
O7 NAG AB . -52.75 3.75 -47.75
C1 NAG BB . -41.30 27.48 4.59
C2 NAG BB . -41.30 29.03 4.56
C3 NAG BB . -40.04 29.55 3.87
C4 NAG BB . -38.78 28.90 4.45
C5 NAG BB . -38.92 27.38 4.60
C6 NAG BB . -37.76 26.76 5.38
C7 NAG BB . -42.92 29.56 2.71
C8 NAG BB . -43.94 30.57 2.26
N2 NAG BB . -42.49 29.68 3.99
O3 NAG BB . -39.95 30.98 4.01
O4 NAG BB . -37.68 29.25 3.57
O5 NAG BB . -40.13 27.04 5.28
O6 NAG BB . -36.59 26.72 4.56
O7 NAG BB . -42.48 28.76 1.91
C1 NAG CB . -55.65 24.16 -9.69
C2 NAG CB . -57.00 24.39 -9.01
C3 NAG CB . -58.14 23.91 -9.90
C4 NAG CB . -58.01 24.54 -11.28
C5 NAG CB . -56.59 24.33 -11.85
C6 NAG CB . -56.44 24.95 -13.26
C7 NAG CB . -57.22 24.14 -6.56
C8 NAG CB . -57.03 23.22 -5.38
N2 NAG CB . -57.02 23.62 -7.77
O3 NAG CB . -59.40 24.21 -9.29
O4 NAG CB . -59.00 23.96 -12.14
O5 NAG CB . -55.60 24.85 -10.95
O6 NAG CB . -56.17 26.35 -13.22
O7 NAG CB . -57.49 25.32 -6.40
#